data_9IQQ
#
_entry.id   9IQQ
#
_cell.length_a   73.824
_cell.length_b   130.288
_cell.length_c   104.456
_cell.angle_alpha   90.000
_cell.angle_beta   93.969
_cell.angle_gamma   90.000
#
_symmetry.space_group_name_H-M   'P 1 21 1'
#
loop_
_entity.id
_entity.type
_entity.pdbx_description
1 polymer 'Pyruvate kinase PKM'
2 non-polymer GLUTATHIONE
3 non-polymer 1,6-di-O-phosphono-beta-D-fructofuranose
4 water water
#
_entity_poly.entity_id   1
_entity_poly.type   'polypeptide(L)'
_entity_poly.pdbx_seq_one_letter_code
;MGSSHHHHHHSSGLVPRGSHMSKPHSEAGTAFIQTQQLHAAMADTFLEHMCRLDIDSPPITARNTGIICTIGPASRSVET
LKEMIKSGMNVARLNFSHGTHEYHAETIKNVRTATESFASDPILYRPVAVALDTKGPEIRTGLIKGSGTAEVELKKGATL
KITLDNAYMEKCDENILWLDYKNICKVVEVGSKIYVDDGLISLQVKQKGADFLVTEVENGGSLGSKKGVNLPGAAVDLPA
VSEKDIQDLKFGVEQDVDMVFASFIRKASDVHEVRKVLGEKGKNIKIISKIENHEGVRRFDEILEASDGIMVARGDLGIE
IPAEKVFLAQKMMIGRCNRAGKPVICATQMLESMIKKPRPTRAEGSDVANAVLDGADCIMLSGETAKGDYPLEAVRMQHL
IAREAEAAIYHLQLFEELRRLAPITSDPTEATAVGAVEASFKCCSGAIIVLTKSGRSAHQVARYRPRAPIIAVTRNPQTA
RQAHLYRGIFPVLCKDPVQEAWAEDVDLRVNFAMNVGKARGFFKKGDVVIVLTGWRPGSGFTNTMRVVPVP
;
_entity_poly.pdbx_strand_id   A,B,C,D
#
# COMPACT_ATOMS: atom_id res chain seq x y z
N ILE A 33 19.82 -1.59 16.52
CA ILE A 33 18.81 -2.39 15.76
C ILE A 33 17.85 -2.98 16.79
N GLN A 34 18.23 -2.91 18.05
CA GLN A 34 17.36 -3.40 19.14
C GLN A 34 16.93 -2.17 19.96
N THR A 35 17.07 -0.97 19.40
CA THR A 35 16.78 0.27 20.14
C THR A 35 15.83 1.16 19.34
N GLN A 36 15.16 2.11 19.99
CA GLN A 36 14.24 3.09 19.33
C GLN A 36 13.16 2.38 18.53
N GLN A 37 12.70 1.22 19.00
CA GLN A 37 11.61 0.48 18.33
C GLN A 37 11.98 0.28 16.86
N LEU A 38 13.26 0.03 16.58
CA LEU A 38 13.77 -0.14 15.19
C LEU A 38 13.23 -1.42 14.52
N HIS A 39 13.07 -2.50 15.27
CA HIS A 39 12.47 -3.74 14.69
C HIS A 39 11.03 -3.48 14.26
N ALA A 40 10.24 -2.83 15.11
CA ALA A 40 8.81 -2.59 14.80
C ALA A 40 8.72 -1.61 13.64
N ALA A 41 9.73 -0.75 13.48
CA ALA A 41 9.78 0.19 12.35
C ALA A 41 9.89 -0.54 11.02
N MET A 42 10.63 -1.64 10.99
CA MET A 42 10.94 -2.39 9.74
C MET A 42 9.75 -3.20 9.22
N ALA A 43 8.69 -3.32 9.99
CA ALA A 43 7.51 -4.10 9.56
C ALA A 43 6.94 -3.51 8.28
N ASP A 44 6.40 -4.37 7.41
CA ASP A 44 5.75 -3.88 6.17
C ASP A 44 4.24 -3.84 6.40
N THR A 45 3.81 -4.05 7.64
CA THR A 45 2.38 -3.97 8.01
C THR A 45 2.27 -3.23 9.35
N PHE A 46 1.20 -2.48 9.57
CA PHE A 46 0.93 -1.80 10.86
C PHE A 46 0.67 -2.84 11.95
N LEU A 47 0.00 -3.94 11.60
CA LEU A 47 -0.27 -5.02 12.57
C LEU A 47 1.03 -5.68 12.98
N GLU A 48 1.94 -5.90 12.04
CA GLU A 48 3.26 -6.46 12.43
C GLU A 48 3.94 -5.44 13.32
N HIS A 49 3.86 -4.17 12.95
CA HIS A 49 4.50 -3.08 13.73
C HIS A 49 4.01 -3.10 15.16
N MET A 50 2.71 -3.25 15.34
CA MET A 50 2.15 -3.38 16.71
C MET A 50 2.68 -4.64 17.37
N CYS A 51 2.66 -5.77 16.66
CA CYS A 51 3.10 -7.08 17.21
C CYS A 51 4.57 -7.01 17.61
N ARG A 52 5.37 -6.17 16.94
CA ARG A 52 6.83 -6.10 17.16
C ARG A 52 7.26 -5.08 18.23
N LEU A 53 6.32 -4.40 18.89
CA LEU A 53 6.68 -3.36 19.87
C LEU A 53 7.36 -3.97 21.09
N ASP A 54 8.50 -3.42 21.52
CA ASP A 54 9.34 -4.04 22.59
C ASP A 54 9.49 -3.11 23.80
N ILE A 55 9.25 -3.64 24.99
CA ILE A 55 9.36 -2.87 26.26
C ILE A 55 10.81 -2.95 26.69
N ASP A 56 11.61 -3.71 25.94
CA ASP A 56 13.05 -3.86 26.24
C ASP A 56 13.85 -3.12 25.17
N SER A 57 13.18 -2.29 24.38
CA SER A 57 13.89 -1.39 23.44
C SER A 57 13.89 0.00 24.06
N PRO A 58 15.01 0.47 24.62
CA PRO A 58 15.04 1.77 25.25
C PRO A 58 14.89 2.92 24.24
N PRO A 59 14.15 3.99 24.61
CA PRO A 59 13.94 5.14 23.71
C PRO A 59 15.16 6.06 23.55
N ILE A 60 15.16 6.95 22.56
CA ILE A 60 16.26 7.95 22.47
C ILE A 60 16.10 8.98 23.58
N THR A 61 17.20 9.62 23.97
CA THR A 61 17.18 10.65 25.03
C THR A 61 16.18 11.73 24.66
N ALA A 62 15.94 11.93 23.37
CA ALA A 62 15.12 13.07 22.89
C ALA A 62 13.60 12.90 23.00
N ARG A 63 12.92 13.93 23.52
CA ARG A 63 11.45 13.95 23.57
C ARG A 63 11.00 15.07 22.62
N ASN A 64 10.29 14.74 21.56
CA ASN A 64 9.91 15.72 20.50
C ASN A 64 8.56 16.37 20.76
N THR A 65 7.78 15.85 21.70
CA THR A 65 6.42 16.36 21.96
C THR A 65 6.47 17.47 23.01
N GLY A 66 6.06 18.67 22.64
CA GLY A 66 6.07 19.81 23.57
C GLY A 66 5.18 19.58 24.76
N ILE A 67 5.60 20.06 25.93
CA ILE A 67 4.77 19.95 27.18
C ILE A 67 4.27 21.33 27.58
N ILE A 68 2.96 21.49 27.65
CA ILE A 68 2.33 22.77 28.07
C ILE A 68 1.83 22.59 29.49
N CYS A 69 2.34 23.40 30.41
CA CYS A 69 2.00 23.22 31.83
C CYS A 69 1.28 24.47 32.34
N THR A 70 0.08 24.29 32.89
CA THR A 70 -0.65 25.42 33.48
C THR A 70 0.03 25.83 34.78
N ILE A 71 0.18 27.13 34.97
CA ILE A 71 0.89 27.65 36.16
C ILE A 71 -0.14 28.28 37.08
N GLY A 72 -0.15 27.84 38.32
CA GLY A 72 -1.09 28.37 39.31
C GLY A 72 -0.42 28.34 40.65
N PRO A 73 -1.17 28.31 41.76
CA PRO A 73 -0.57 28.23 43.07
C PRO A 73 0.46 27.10 43.23
N ALA A 74 0.22 25.91 42.67
CA ALA A 74 1.12 24.74 42.84
C ALA A 74 2.50 24.98 42.28
N SER A 75 2.60 25.67 41.14
CA SER A 75 3.89 25.84 40.45
C SER A 75 4.35 27.28 40.32
N ARG A 76 3.53 28.28 40.64
CA ARG A 76 3.85 29.72 40.36
C ARG A 76 5.23 30.16 40.87
N SER A 77 5.80 29.45 41.83
CA SER A 77 7.09 29.82 42.46
C SER A 77 8.27 29.65 41.50
N VAL A 78 9.26 30.53 41.58
CA VAL A 78 10.46 30.46 40.71
C VAL A 78 11.17 29.13 40.99
N GLU A 79 11.23 28.72 42.25
CA GLU A 79 11.89 27.45 42.62
C GLU A 79 11.17 26.29 41.96
N THR A 80 9.83 26.27 42.02
CA THR A 80 9.01 25.21 41.39
C THR A 80 9.17 25.28 39.88
N LEU A 81 9.22 26.49 39.32
CA LEU A 81 9.35 26.68 37.85
C LEU A 81 10.68 26.14 37.32
N LYS A 82 11.78 26.38 38.00
CA LYS A 82 13.10 25.86 37.57
C LYS A 82 13.02 24.34 37.62
N GLU A 83 12.34 23.82 38.63
CA GLU A 83 12.13 22.36 38.74
C GLU A 83 11.25 21.86 37.59
N MET A 84 10.25 22.64 37.18
CA MET A 84 9.36 22.27 36.04
C MET A 84 10.12 22.26 34.72
N ILE A 85 10.96 23.27 34.48
CA ILE A 85 11.76 23.37 33.23
C ILE A 85 12.72 22.18 33.19
N LYS A 86 13.28 21.84 34.34
CA LYS A 86 14.19 20.69 34.45
C LYS A 86 13.40 19.42 34.14
N SER A 87 12.18 19.34 34.63
CA SER A 87 11.33 18.14 34.45
C SER A 87 10.72 18.07 33.05
N GLY A 88 10.81 19.14 32.25
CA GLY A 88 10.34 19.09 30.85
C GLY A 88 9.32 20.12 30.40
N MET A 89 8.99 21.11 31.22
CA MET A 89 8.08 22.18 30.76
C MET A 89 8.73 22.96 29.64
N ASN A 90 8.00 23.21 28.57
CA ASN A 90 8.52 23.95 27.39
C ASN A 90 7.65 25.19 27.25
N VAL A 91 6.41 25.08 27.69
CA VAL A 91 5.43 26.19 27.57
C VAL A 91 4.70 26.38 28.91
N ALA A 92 4.48 27.62 29.30
CA ALA A 92 3.74 27.97 30.53
C ALA A 92 2.42 28.65 30.17
N ARG A 93 1.29 28.02 30.48
CA ARG A 93 -0.08 28.54 30.19
C ARG A 93 -0.61 29.35 31.36
N LEU A 94 -1.01 30.60 31.11
CA LEU A 94 -1.61 31.46 32.16
C LEU A 94 -3.10 31.56 31.86
N ASN A 95 -3.96 31.15 32.79
CA ASN A 95 -5.43 31.06 32.53
C ASN A 95 -6.16 32.31 33.01
N PHE A 96 -6.75 33.03 32.08
CA PHE A 96 -7.45 34.29 32.39
C PHE A 96 -8.88 33.93 32.77
N SER A 97 -9.12 32.63 32.88
CA SER A 97 -10.42 32.16 33.39
C SER A 97 -10.51 32.66 34.82
N HIS A 98 -9.39 32.61 35.54
CA HIS A 98 -9.34 33.09 36.93
C HIS A 98 -8.03 33.85 37.13
N GLY A 99 -7.97 34.75 38.10
CA GLY A 99 -6.70 35.44 38.41
C GLY A 99 -6.67 36.88 37.93
N THR A 100 -5.86 37.71 38.56
CA THR A 100 -5.81 39.15 38.21
C THR A 100 -4.70 39.39 37.19
N HIS A 101 -4.77 40.53 36.52
CA HIS A 101 -3.70 40.87 35.55
C HIS A 101 -2.39 40.92 36.34
N GLU A 102 -2.42 41.49 37.55
CA GLU A 102 -1.21 41.58 38.38
C GLU A 102 -0.70 40.20 38.77
N TYR A 103 -1.61 39.32 39.17
CA TYR A 103 -1.21 37.96 39.59
C TYR A 103 -0.42 37.33 38.46
N HIS A 104 -1.02 37.27 37.27
CA HIS A 104 -0.41 36.60 36.09
C HIS A 104 0.89 37.27 35.66
N ALA A 105 0.98 38.59 35.83
CA ALA A 105 2.23 39.31 35.51
C ALA A 105 3.33 38.80 36.41
N GLU A 106 3.01 38.58 37.68
CA GLU A 106 4.02 38.07 38.65
C GLU A 106 4.48 36.67 38.23
N THR A 107 3.54 35.82 37.85
CA THR A 107 3.92 34.46 37.38
C THR A 107 4.75 34.55 36.10
N ILE A 108 4.39 35.45 35.17
CA ILE A 108 5.18 35.68 33.94
C ILE A 108 6.56 36.19 34.33
N LYS A 109 6.65 37.04 35.34
CA LYS A 109 7.95 37.50 35.84
C LYS A 109 8.74 36.32 36.39
N ASN A 110 8.07 35.47 37.17
CA ASN A 110 8.73 34.32 37.82
C ASN A 110 9.15 33.32 36.75
N VAL A 111 8.30 33.11 35.76
CA VAL A 111 8.61 32.13 34.69
C VAL A 111 9.87 32.63 33.98
N ARG A 112 9.92 33.92 33.69
CA ARG A 112 11.08 34.51 33.00
C ARG A 112 12.31 34.40 33.88
N THR A 113 12.15 34.61 35.18
CA THR A 113 13.28 34.53 36.12
C THR A 113 13.86 33.13 36.11
N ALA A 114 13.01 32.11 36.24
CA ALA A 114 13.46 30.72 36.33
C ALA A 114 14.13 30.32 35.04
N THR A 115 13.59 30.76 33.93
CA THR A 115 14.16 30.43 32.62
C THR A 115 15.57 31.02 32.52
N GLU A 116 15.77 32.24 32.97
CA GLU A 116 17.06 32.94 32.74
C GLU A 116 18.12 32.53 33.74
N SER A 117 17.73 31.80 34.76
CA SER A 117 18.71 31.29 35.74
C SER A 117 19.64 30.31 35.02
N PHE A 118 19.27 29.93 33.80
CA PHE A 118 20.03 28.92 33.02
C PHE A 118 20.75 29.59 31.84
N ALA A 119 20.76 30.93 31.81
CA ALA A 119 21.48 31.69 30.76
C ALA A 119 22.96 31.68 31.13
N SER A 120 23.28 31.09 32.30
CA SER A 120 24.67 30.96 32.75
C SER A 120 25.45 30.18 31.69
N ASP A 121 24.85 29.13 31.11
CA ASP A 121 25.46 28.43 29.95
C ASP A 121 24.42 28.47 28.82
N PRO A 122 24.72 29.09 27.67
CA PRO A 122 23.78 29.17 26.57
C PRO A 122 23.47 27.76 26.05
N ILE A 123 24.46 26.86 26.09
CA ILE A 123 24.29 25.46 25.61
C ILE A 123 23.22 24.76 26.46
N LEU A 124 23.16 25.05 27.75
CA LEU A 124 22.22 24.32 28.64
C LEU A 124 20.97 25.16 28.97
N TYR A 125 20.75 26.24 28.23
CA TYR A 125 19.53 27.07 28.42
C TYR A 125 18.39 26.55 27.55
N ARG A 126 17.24 26.33 28.17
CA ARG A 126 16.05 25.88 27.42
C ARG A 126 15.09 27.06 27.28
N PRO A 127 14.80 27.53 26.05
CA PRO A 127 13.85 28.61 25.84
C PRO A 127 12.44 28.26 26.35
N VAL A 128 11.81 29.20 27.03
CA VAL A 128 10.46 28.93 27.60
C VAL A 128 9.41 29.92 27.09
N ALA A 129 8.36 29.41 26.46
CA ALA A 129 7.28 30.22 25.89
C ALA A 129 6.27 30.66 26.93
N VAL A 130 5.55 31.74 26.63
CA VAL A 130 4.49 32.25 27.53
C VAL A 130 3.17 32.14 26.77
N ALA A 131 2.21 31.46 27.37
CA ALA A 131 0.91 31.25 26.70
C ALA A 131 -0.20 31.94 27.47
N LEU A 132 -1.11 32.58 26.75
CA LEU A 132 -2.27 33.24 27.36
C LEU A 132 -3.51 32.46 26.93
N ASP A 133 -4.19 31.81 27.87
CA ASP A 133 -5.48 31.14 27.54
C ASP A 133 -6.64 32.04 27.94
N THR A 134 -7.41 32.51 26.98
CA THR A 134 -8.52 33.47 27.23
C THR A 134 -9.67 32.84 28.01
N LYS A 135 -10.34 33.60 28.87
CA LYS A 135 -11.57 33.09 29.55
C LYS A 135 -12.67 32.93 28.50
N GLY A 136 -12.75 33.88 27.57
CA GLY A 136 -13.78 33.82 26.52
C GLY A 136 -15.13 34.18 27.09
N PRO A 137 -16.27 33.88 26.42
CA PRO A 137 -17.57 34.11 27.05
C PRO A 137 -18.06 32.89 27.84
N GLU A 138 -18.53 33.10 29.06
CA GLU A 138 -19.11 31.98 29.84
C GLU A 138 -20.47 32.42 30.37
N ILE A 139 -21.40 31.47 30.53
CA ILE A 139 -22.77 31.79 31.03
C ILE A 139 -22.96 31.04 32.35
N ARG A 140 -23.47 31.70 33.38
CA ARG A 140 -23.55 31.09 34.73
C ARG A 140 -24.95 31.22 35.34
N THR A 141 -25.33 30.28 36.22
CA THR A 141 -26.62 30.33 36.96
C THR A 141 -26.30 30.55 38.44
N GLY A 142 -26.67 31.67 39.05
CA GLY A 142 -26.24 31.90 40.45
C GLY A 142 -27.27 32.47 41.40
N LEU A 143 -27.13 32.17 42.70
CA LEU A 143 -28.08 32.65 43.74
C LEU A 143 -27.32 33.56 44.72
N THR A 149 -29.14 27.69 52.15
CA THR A 149 -29.68 27.08 50.91
C THR A 149 -28.56 26.85 49.89
N ALA A 150 -28.24 25.59 49.61
CA ALA A 150 -27.09 25.33 48.72
C ALA A 150 -27.45 24.48 47.49
N GLU A 151 -28.10 23.32 47.66
CA GLU A 151 -28.29 22.42 46.49
C GLU A 151 -29.75 21.97 46.30
N VAL A 152 -30.15 21.59 45.08
CA VAL A 152 -31.56 21.18 44.76
C VAL A 152 -31.52 20.02 43.75
N GLU A 153 -32.61 19.27 43.59
CA GLU A 153 -32.60 18.07 42.71
C GLU A 153 -33.66 18.18 41.61
N LEU A 154 -33.33 17.82 40.38
CA LEU A 154 -34.26 18.01 39.24
C LEU A 154 -34.98 16.68 38.91
N LYS A 155 -36.26 16.59 39.25
CA LYS A 155 -37.05 15.36 38.98
C LYS A 155 -37.26 15.29 37.48
N LYS A 156 -37.27 14.09 36.94
CA LYS A 156 -37.32 13.97 35.46
C LYS A 156 -38.62 14.56 34.94
N GLY A 157 -38.54 15.43 33.94
CA GLY A 157 -39.74 16.00 33.31
C GLY A 157 -40.36 17.15 34.09
N ALA A 158 -39.65 17.70 35.05
CA ALA A 158 -40.23 18.75 35.92
C ALA A 158 -40.36 20.10 35.19
N THR A 159 -41.08 21.05 35.79
CA THR A 159 -41.15 22.41 35.21
C THR A 159 -40.01 23.25 35.80
N LEU A 160 -39.15 23.81 34.95
CA LEU A 160 -38.04 24.67 35.40
C LEU A 160 -38.05 25.93 34.54
N LYS A 161 -37.96 27.09 35.18
CA LYS A 161 -37.90 28.37 34.43
C LYS A 161 -36.52 28.95 34.56
N ILE A 162 -35.72 28.98 33.50
CA ILE A 162 -34.41 29.69 33.52
C ILE A 162 -34.71 31.08 32.98
N THR A 163 -35.54 31.85 33.68
CA THR A 163 -36.01 33.15 33.13
C THR A 163 -35.00 34.29 33.32
N LEU A 164 -35.27 35.41 32.64
CA LEU A 164 -34.38 36.60 32.69
C LEU A 164 -34.82 37.58 33.79
N ASP A 165 -35.85 37.24 34.57
CA ASP A 165 -36.23 38.13 35.69
C ASP A 165 -35.12 38.17 36.73
N ASN A 166 -34.66 39.36 37.10
CA ASN A 166 -33.60 39.50 38.11
C ASN A 166 -34.26 39.41 39.48
N ALA A 167 -35.57 39.29 39.52
CA ALA A 167 -36.26 39.08 40.81
C ALA A 167 -35.80 37.73 41.36
N TYR A 168 -35.65 36.75 40.48
CA TYR A 168 -35.20 35.40 40.90
C TYR A 168 -33.69 35.28 40.67
N MET A 169 -33.02 36.42 40.46
CA MET A 169 -31.56 36.44 40.24
C MET A 169 -30.83 35.93 41.48
N GLU A 170 -31.28 36.33 42.67
CA GLU A 170 -30.51 35.92 43.87
C GLU A 170 -31.18 34.71 44.49
N LYS A 171 -32.29 34.27 43.93
CA LYS A 171 -33.02 33.16 44.58
C LYS A 171 -33.24 32.08 43.54
N CYS A 172 -32.19 31.34 43.21
CA CYS A 172 -32.34 30.21 42.27
C CYS A 172 -33.02 29.06 43.01
N ASP A 173 -33.85 28.27 42.31
CA ASP A 173 -34.66 27.21 42.97
C ASP A 173 -34.80 26.05 42.01
N GLU A 174 -35.36 24.95 42.47
CA GLU A 174 -35.66 23.83 41.55
C GLU A 174 -36.69 24.34 40.53
N ASN A 175 -37.71 25.07 40.99
CA ASN A 175 -38.78 25.60 40.11
C ASN A 175 -38.27 26.71 39.20
N ILE A 176 -37.44 27.62 39.72
CA ILE A 176 -36.92 28.76 38.90
C ILE A 176 -35.40 28.82 38.96
N LEU A 177 -34.73 28.89 37.80
CA LEU A 177 -33.26 29.10 37.77
C LEU A 177 -33.02 30.39 36.98
N TRP A 178 -31.83 30.98 37.07
CA TRP A 178 -31.65 32.27 36.37
C TRP A 178 -30.31 32.25 35.61
N LEU A 179 -30.27 32.93 34.48
CA LEU A 179 -29.05 32.97 33.65
C LEU A 179 -28.67 34.42 33.37
N ASP A 180 -27.39 34.75 33.48
CA ASP A 180 -26.91 36.15 33.33
C ASP A 180 -27.09 36.73 31.93
N TYR A 181 -26.62 36.07 30.88
CA TYR A 181 -26.63 36.69 29.53
C TYR A 181 -28.04 37.16 29.17
N LYS A 182 -28.17 38.45 28.89
CA LYS A 182 -29.50 39.06 28.63
C LYS A 182 -30.19 38.49 27.39
N ASN A 183 -29.43 38.25 26.32
CA ASN A 183 -30.06 37.85 25.03
C ASN A 183 -29.93 36.35 24.80
N ILE A 184 -29.78 35.56 25.87
CA ILE A 184 -29.75 34.09 25.70
C ILE A 184 -31.05 33.78 24.99
N CYS A 185 -32.12 34.47 25.37
CA CYS A 185 -33.45 34.18 24.81
C CYS A 185 -33.39 34.42 23.31
N LYS A 186 -32.65 35.42 22.86
CA LYS A 186 -32.48 35.63 21.40
C LYS A 186 -31.66 34.50 20.75
N VAL A 187 -30.60 34.04 21.41
CA VAL A 187 -29.67 33.06 20.76
C VAL A 187 -30.18 31.62 20.91
N VAL A 188 -31.28 31.43 21.63
CA VAL A 188 -31.86 30.08 21.74
C VAL A 188 -33.30 30.14 21.26
N GLU A 189 -33.84 29.00 20.85
CA GLU A 189 -35.23 28.93 20.34
C GLU A 189 -35.87 27.64 20.85
N VAL A 190 -37.12 27.39 20.49
CA VAL A 190 -37.85 26.19 20.99
C VAL A 190 -37.14 24.92 20.57
N GLY A 191 -37.12 23.92 21.45
CA GLY A 191 -36.51 22.63 21.16
C GLY A 191 -35.04 22.62 21.50
N SER A 192 -34.51 23.78 21.85
CA SER A 192 -33.06 23.89 22.14
C SER A 192 -32.71 23.14 23.43
N LYS A 193 -31.62 22.39 23.44
CA LYS A 193 -31.19 21.66 24.66
C LYS A 193 -30.26 22.55 25.50
N ILE A 194 -30.40 22.52 26.82
CA ILE A 194 -29.53 23.31 27.74
C ILE A 194 -28.90 22.37 28.76
N TYR A 195 -27.59 22.51 29.01
CA TYR A 195 -26.87 21.62 29.93
C TYR A 195 -26.42 22.44 31.15
N VAL A 196 -26.36 21.84 32.35
CA VAL A 196 -26.04 22.63 33.57
C VAL A 196 -24.96 21.96 34.43
N ASP A 197 -24.15 22.74 35.14
CA ASP A 197 -23.07 22.22 36.03
C ASP A 197 -22.00 21.46 35.23
N ASP A 198 -21.61 22.00 34.09
CA ASP A 198 -20.63 21.30 33.20
C ASP A 198 -21.15 19.93 32.77
N GLY A 199 -22.37 19.86 32.25
CA GLY A 199 -22.90 18.61 31.64
C GLY A 199 -23.77 17.73 32.51
N LEU A 200 -23.83 17.97 33.82
CA LEU A 200 -24.56 17.04 34.74
C LEU A 200 -26.06 16.97 34.49
N ILE A 201 -26.72 18.10 34.24
CA ILE A 201 -28.21 18.14 34.14
C ILE A 201 -28.63 18.63 32.75
N SER A 202 -29.62 17.98 32.15
CA SER A 202 -30.00 18.33 30.76
C SER A 202 -31.42 18.88 30.73
N LEU A 203 -31.69 19.84 29.83
CA LEU A 203 -33.02 20.49 29.75
C LEU A 203 -33.40 20.73 28.29
N GLN A 204 -34.69 20.90 28.02
CA GLN A 204 -35.17 21.25 26.67
C GLN A 204 -36.09 22.44 26.81
N VAL A 205 -35.98 23.43 25.92
CA VAL A 205 -36.85 24.64 25.98
C VAL A 205 -38.18 24.24 25.33
N LYS A 206 -38.99 23.45 26.05
CA LYS A 206 -40.29 22.96 25.54
C LYS A 206 -41.25 24.12 25.33
N GLN A 207 -41.22 25.10 26.23
CA GLN A 207 -42.06 26.29 26.00
C GLN A 207 -41.18 27.48 25.65
N LYS A 208 -41.58 28.19 24.61
CA LYS A 208 -40.85 29.40 24.18
C LYS A 208 -41.12 30.53 25.17
N GLY A 209 -40.19 31.47 25.29
CA GLY A 209 -40.43 32.66 26.13
C GLY A 209 -39.64 33.83 25.59
N ALA A 210 -40.15 35.04 25.75
CA ALA A 210 -39.44 36.20 25.17
C ALA A 210 -38.82 36.97 26.34
N ASP A 211 -37.50 37.13 26.35
CA ASP A 211 -36.85 37.72 27.56
C ASP A 211 -37.31 36.78 28.67
N PHE A 212 -37.46 35.49 28.36
CA PHE A 212 -37.99 34.51 29.31
C PHE A 212 -37.67 33.14 28.71
N LEU A 213 -37.54 32.08 29.51
CA LEU A 213 -37.34 30.72 28.94
C LEU A 213 -37.98 29.68 29.87
N VAL A 214 -38.85 28.81 29.34
CA VAL A 214 -39.42 27.73 30.20
C VAL A 214 -38.96 26.38 29.67
N THR A 215 -38.28 25.60 30.51
CA THR A 215 -37.68 24.32 30.04
C THR A 215 -38.28 23.13 30.79
N GLU A 216 -38.19 21.93 30.21
CA GLU A 216 -38.61 20.71 30.93
C GLU A 216 -37.34 19.92 31.20
N VAL A 217 -37.13 19.49 32.45
CA VAL A 217 -35.87 18.78 32.82
C VAL A 217 -35.81 17.46 32.06
N GLU A 218 -34.64 17.10 31.52
CA GLU A 218 -34.48 15.83 30.78
C GLU A 218 -33.76 14.81 31.67
N ASN A 219 -32.67 15.22 32.30
CA ASN A 219 -31.91 14.34 33.21
C ASN A 219 -31.77 15.08 34.55
N GLY A 220 -31.60 14.35 35.65
CA GLY A 220 -31.63 15.03 36.96
C GLY A 220 -30.32 15.04 37.71
N GLY A 221 -30.28 15.81 38.81
CA GLY A 221 -29.07 15.86 39.65
C GLY A 221 -29.17 17.00 40.63
N SER A 222 -28.11 17.21 41.41
CA SER A 222 -28.07 18.32 42.41
C SER A 222 -27.65 19.63 41.74
N LEU A 223 -28.38 20.72 42.03
CA LEU A 223 -28.09 22.02 41.38
C LEU A 223 -27.41 22.96 42.35
N GLY A 224 -26.25 23.51 41.98
CA GLY A 224 -25.56 24.50 42.82
C GLY A 224 -25.74 25.91 42.28
N SER A 225 -24.92 26.86 42.74
CA SER A 225 -25.04 28.28 42.31
C SER A 225 -23.77 28.75 41.58
N LYS A 226 -23.88 29.74 40.69
CA LYS A 226 -22.76 30.22 39.84
C LYS A 226 -22.33 29.08 38.94
N LYS A 227 -23.25 28.18 38.64
CA LYS A 227 -22.87 27.00 37.82
C LYS A 227 -22.85 27.38 36.35
N GLY A 228 -21.98 26.74 35.58
CA GLY A 228 -21.82 27.07 34.16
C GLY A 228 -22.84 26.44 33.24
N VAL A 229 -23.21 27.15 32.21
CA VAL A 229 -24.27 26.65 31.30
C VAL A 229 -23.66 26.38 29.93
N ASN A 230 -23.99 25.22 29.35
CA ASN A 230 -23.50 24.85 28.00
C ASN A 230 -24.69 24.82 27.06
N LEU A 231 -24.57 25.46 25.91
CA LEU A 231 -25.68 25.51 24.94
C LEU A 231 -25.34 24.60 23.76
N PRO A 232 -25.75 23.32 23.78
CA PRO A 232 -25.33 22.36 22.76
C PRO A 232 -25.63 22.53 21.28
N GLY A 233 -26.90 22.72 20.93
CA GLY A 233 -27.26 23.05 19.54
C GLY A 233 -27.59 24.51 19.62
N ALA A 234 -26.76 25.37 19.06
CA ALA A 234 -26.97 26.79 19.37
C ALA A 234 -26.84 27.73 18.18
N ALA A 235 -27.22 28.99 18.40
CA ALA A 235 -27.03 30.05 17.40
C ALA A 235 -26.30 31.17 18.14
N VAL A 236 -25.11 30.88 18.68
CA VAL A 236 -24.38 31.88 19.53
C VAL A 236 -24.03 33.12 18.72
N ASP A 237 -24.25 34.30 19.31
CA ASP A 237 -23.91 35.60 18.66
C ASP A 237 -22.92 36.32 19.59
N LEU A 238 -22.78 35.84 20.83
CA LEU A 238 -21.91 36.51 21.83
C LEU A 238 -20.47 36.52 21.34
N PRO A 239 -19.67 37.58 21.61
CA PRO A 239 -18.32 37.61 21.09
C PRO A 239 -17.42 36.61 21.80
N ALA A 240 -16.65 35.83 21.05
CA ALA A 240 -15.64 34.93 21.70
C ALA A 240 -14.70 35.88 22.40
N VAL A 241 -14.44 37.01 21.77
CA VAL A 241 -13.61 38.04 22.46
C VAL A 241 -14.58 38.93 23.24
N SER A 242 -14.78 38.64 24.52
CA SER A 242 -15.61 39.52 25.38
C SER A 242 -14.79 40.75 25.72
N GLU A 243 -15.41 41.79 26.28
CA GLU A 243 -14.70 43.07 26.51
C GLU A 243 -13.51 42.81 27.44
N LYS A 244 -13.68 41.92 28.42
CA LYS A 244 -12.55 41.52 29.31
C LYS A 244 -11.46 40.86 28.47
N ASP A 245 -11.86 40.07 27.47
CA ASP A 245 -10.87 39.32 26.65
C ASP A 245 -10.00 40.33 25.92
N ILE A 246 -10.59 41.40 25.44
CA ILE A 246 -9.83 42.48 24.74
C ILE A 246 -8.80 43.00 25.73
N GLN A 247 -9.21 43.16 26.98
CA GLN A 247 -8.29 43.63 28.04
C GLN A 247 -7.14 42.64 28.21
N ASP A 248 -7.43 41.34 28.28
CA ASP A 248 -6.38 40.33 28.53
C ASP A 248 -5.40 40.22 27.35
N LEU A 249 -5.92 40.23 26.13
CA LEU A 249 -5.07 40.12 24.92
C LEU A 249 -4.16 41.33 24.85
N LYS A 250 -4.71 42.53 25.05
CA LYS A 250 -3.91 43.78 25.00
C LYS A 250 -2.88 43.77 26.12
N PHE A 251 -3.26 43.26 27.29
CA PHE A 251 -2.30 43.13 28.40
C PHE A 251 -1.18 42.20 27.93
N GLY A 252 -1.53 41.14 27.23
CA GLY A 252 -0.54 40.17 26.75
C GLY A 252 0.43 40.77 25.76
N VAL A 253 -0.06 41.59 24.84
CA VAL A 253 0.83 42.26 23.86
C VAL A 253 1.81 43.09 24.67
N GLU A 254 1.31 43.73 25.73
CA GLU A 254 2.15 44.57 26.63
C GLU A 254 3.06 43.67 27.47
N GLN A 255 2.79 42.37 27.51
CA GLN A 255 3.59 41.45 28.35
C GLN A 255 4.62 40.66 27.55
N ASP A 256 4.69 40.81 26.24
CA ASP A 256 5.61 39.99 25.41
C ASP A 256 5.24 38.51 25.48
N VAL A 257 3.95 38.19 25.43
CA VAL A 257 3.50 36.76 25.37
C VAL A 257 3.88 36.22 23.99
N ASP A 258 3.95 34.90 23.82
CA ASP A 258 4.47 34.35 22.55
C ASP A 258 3.36 33.63 21.79
N MET A 259 2.32 33.24 22.50
CA MET A 259 1.17 32.60 21.86
C MET A 259 -0.08 33.00 22.63
N VAL A 260 -1.24 32.88 22.00
CA VAL A 260 -2.53 33.13 22.67
C VAL A 260 -3.44 31.94 22.39
N PHE A 261 -3.91 31.28 23.43
CA PHE A 261 -4.83 30.12 23.29
C PHE A 261 -6.26 30.65 23.33
N ALA A 262 -6.78 31.13 22.21
CA ALA A 262 -8.10 31.78 22.13
C ALA A 262 -9.24 30.82 22.49
N SER A 263 -10.26 31.30 23.18
CA SER A 263 -11.30 30.38 23.68
C SER A 263 -12.67 30.52 23.00
N PHE A 264 -13.39 29.40 22.87
CA PHE A 264 -14.78 29.33 22.33
C PHE A 264 -14.87 29.76 20.86
N ILE A 265 -13.79 29.58 20.13
CA ILE A 265 -13.77 29.96 18.70
C ILE A 265 -14.75 29.07 17.96
N ARG A 266 -15.66 29.68 17.20
CA ARG A 266 -16.70 28.90 16.49
C ARG A 266 -16.52 29.16 15.01
N LYS A 267 -15.88 30.26 14.66
CA LYS A 267 -15.73 30.64 13.24
C LYS A 267 -14.44 31.44 13.04
N ALA A 268 -14.05 31.66 11.79
CA ALA A 268 -12.82 32.41 11.45
C ALA A 268 -12.94 33.87 11.86
N SER A 269 -14.16 34.39 11.87
CA SER A 269 -14.37 35.79 12.28
C SER A 269 -13.79 35.96 13.67
N ASP A 270 -14.02 34.98 14.54
CA ASP A 270 -13.54 35.03 15.94
C ASP A 270 -12.01 35.04 15.93
N VAL A 271 -11.38 34.24 15.09
CA VAL A 271 -9.89 34.21 14.95
C VAL A 271 -9.42 35.56 14.40
N HIS A 272 -10.14 36.11 13.44
CA HIS A 272 -9.76 37.40 12.82
C HIS A 272 -9.88 38.53 13.84
N GLU A 273 -10.92 38.49 14.66
CA GLU A 273 -11.14 39.49 15.73
C GLU A 273 -10.03 39.40 16.79
N VAL A 274 -9.60 38.20 17.13
CA VAL A 274 -8.48 38.03 18.10
C VAL A 274 -7.26 38.71 17.50
N ARG A 275 -7.04 38.54 16.20
CA ARG A 275 -5.88 39.14 15.50
C ARG A 275 -5.98 40.66 15.50
N LYS A 276 -7.17 41.20 15.27
CA LYS A 276 -7.36 42.67 15.17
C LYS A 276 -7.03 43.32 16.51
N VAL A 277 -7.42 42.68 17.62
CA VAL A 277 -7.13 43.20 18.97
C VAL A 277 -5.62 43.21 19.20
N LEU A 278 -4.94 42.15 18.77
CA LEU A 278 -3.47 42.01 18.99
C LEU A 278 -2.74 43.08 18.20
N GLY A 279 -3.16 43.36 16.98
CA GLY A 279 -2.59 44.47 16.20
C GLY A 279 -1.26 44.16 15.58
N GLU A 280 -0.53 45.19 15.16
CA GLU A 280 0.78 45.01 14.48
C GLU A 280 1.88 44.81 15.52
N LYS A 281 1.61 45.11 16.78
CA LYS A 281 2.58 44.85 17.86
C LYS A 281 2.44 43.37 18.26
N GLY A 282 1.26 42.80 18.02
CA GLY A 282 1.01 41.37 18.30
C GLY A 282 0.91 40.56 17.03
N LYS A 283 1.41 41.11 15.93
CA LYS A 283 1.39 40.38 14.63
C LYS A 283 2.23 39.12 14.80
N ASN A 284 3.33 39.23 15.52
CA ASN A 284 4.24 38.08 15.74
C ASN A 284 3.60 37.09 16.72
N ILE A 285 2.67 37.55 17.56
CA ILE A 285 2.07 36.67 18.60
C ILE A 285 1.16 35.66 17.90
N LYS A 286 1.31 34.38 18.27
CA LYS A 286 0.60 33.28 17.60
C LYS A 286 -0.78 33.02 18.21
N ILE A 287 -1.78 32.78 17.36
CA ILE A 287 -3.18 32.51 17.81
C ILE A 287 -3.46 31.01 17.74
N ILE A 288 -3.71 30.40 18.88
CA ILE A 288 -4.09 28.97 18.90
C ILE A 288 -5.58 28.93 19.19
N SER A 289 -6.38 28.65 18.17
CA SER A 289 -7.84 28.68 18.34
C SER A 289 -8.32 27.41 19.04
N LYS A 290 -9.04 27.57 20.13
CA LYS A 290 -9.52 26.41 20.92
C LYS A 290 -10.87 25.93 20.39
N ILE A 291 -10.98 24.64 20.15
CA ILE A 291 -12.26 24.07 19.65
C ILE A 291 -12.94 23.40 20.84
N GLU A 292 -14.10 23.93 21.26
CA GLU A 292 -14.83 23.41 22.44
C GLU A 292 -16.33 23.43 22.13
N ASN A 293 -16.69 23.53 20.85
CA ASN A 293 -18.11 23.49 20.43
C ASN A 293 -18.27 22.71 19.12
N HIS A 294 -19.48 22.23 18.82
CA HIS A 294 -19.81 21.48 17.58
C HIS A 294 -19.64 22.38 16.36
N GLU A 295 -19.86 23.68 16.51
CA GLU A 295 -19.63 24.65 15.40
C GLU A 295 -18.14 24.76 15.08
N GLY A 296 -17.29 24.71 16.09
CA GLY A 296 -15.84 24.70 15.80
C GLY A 296 -15.45 23.47 15.03
N VAL A 297 -16.05 22.32 15.35
CA VAL A 297 -15.72 21.02 14.70
C VAL A 297 -16.11 21.02 13.22
N ARG A 298 -17.27 21.56 12.87
CA ARG A 298 -17.73 21.48 11.47
C ARG A 298 -17.28 22.72 10.69
N ARG A 299 -16.67 23.69 11.37
CA ARG A 299 -16.10 24.88 10.69
C ARG A 299 -14.59 24.86 10.91
N PHE A 300 -14.03 23.69 11.26
CA PHE A 300 -12.59 23.54 11.61
C PHE A 300 -11.67 23.95 10.46
N ASP A 301 -12.04 23.64 9.22
CA ASP A 301 -11.19 23.91 8.04
C ASP A 301 -10.92 25.40 7.86
N GLU A 302 -11.95 26.25 7.97
CA GLU A 302 -11.80 27.72 7.89
C GLU A 302 -11.04 28.30 9.09
N ILE A 303 -11.28 27.78 10.27
CA ILE A 303 -10.56 28.24 11.48
C ILE A 303 -9.08 27.90 11.33
N LEU A 304 -8.76 26.69 10.90
CA LEU A 304 -7.36 26.25 10.81
C LEU A 304 -6.61 27.09 9.79
N GLU A 305 -7.27 27.43 8.68
CA GLU A 305 -6.66 28.27 7.64
C GLU A 305 -6.35 29.64 8.22
N ALA A 306 -7.24 30.15 9.04
CA ALA A 306 -7.08 31.52 9.58
C ALA A 306 -6.21 31.47 10.82
N SER A 307 -5.87 30.28 11.28
CA SER A 307 -5.15 30.17 12.56
C SER A 307 -3.68 29.77 12.39
N ASP A 308 -2.85 30.07 13.37
CA ASP A 308 -1.44 29.62 13.39
C ASP A 308 -1.41 28.22 14.01
N GLY A 309 -2.48 27.83 14.70
CA GLY A 309 -2.52 26.51 15.37
C GLY A 309 -3.89 26.11 15.86
N ILE A 310 -4.03 24.88 16.36
CA ILE A 310 -5.31 24.41 16.96
C ILE A 310 -5.07 23.65 18.27
N MET A 311 -5.95 23.83 19.24
CA MET A 311 -5.91 23.07 20.50
C MET A 311 -7.23 22.35 20.62
N VAL A 312 -7.17 21.05 20.86
CA VAL A 312 -8.43 20.31 21.09
C VAL A 312 -8.77 20.48 22.57
N ALA A 313 -9.66 21.43 22.88
CA ALA A 313 -10.10 21.69 24.27
C ALA A 313 -11.20 20.67 24.58
N ARG A 314 -10.81 19.46 24.95
CA ARG A 314 -11.73 18.30 25.10
C ARG A 314 -12.79 18.42 26.20
N GLY A 315 -12.47 18.95 27.38
CA GLY A 315 -13.45 18.92 28.47
C GLY A 315 -14.70 19.66 28.12
N ASP A 316 -14.56 20.85 27.56
CA ASP A 316 -15.72 21.70 27.23
C ASP A 316 -16.50 21.05 26.09
N LEU A 317 -15.78 20.50 25.12
CA LEU A 317 -16.38 19.88 23.93
C LEU A 317 -17.20 18.63 24.29
N GLY A 318 -16.71 17.82 25.22
CA GLY A 318 -17.41 16.60 25.66
C GLY A 318 -18.73 16.93 26.30
N ILE A 319 -18.81 18.06 26.99
CA ILE A 319 -20.12 18.50 27.54
C ILE A 319 -21.07 18.81 26.39
N GLU A 320 -20.63 19.58 25.40
CA GLU A 320 -21.52 20.05 24.30
C GLU A 320 -21.97 18.88 23.42
N ILE A 321 -21.01 18.20 22.83
CA ILE A 321 -21.29 17.01 21.97
C ILE A 321 -21.24 15.78 22.88
N PRO A 322 -21.73 14.61 22.38
CA PRO A 322 -21.56 13.35 23.09
C PRO A 322 -20.09 13.07 23.44
N ALA A 323 -19.81 12.70 24.69
CA ALA A 323 -18.43 12.49 25.20
C ALA A 323 -17.72 11.38 24.43
N GLU A 324 -18.46 10.33 24.08
CA GLU A 324 -17.90 9.16 23.36
C GLU A 324 -17.41 9.58 21.99
N LYS A 325 -17.82 10.75 21.50
CA LYS A 325 -17.48 11.17 20.12
C LYS A 325 -16.28 12.12 20.12
N VAL A 326 -15.71 12.40 21.30
CA VAL A 326 -14.56 13.35 21.43
C VAL A 326 -13.28 12.82 20.76
N PHE A 327 -13.08 11.52 20.73
CA PHE A 327 -11.89 10.93 20.06
C PHE A 327 -11.94 11.15 18.55
N LEU A 328 -13.14 11.09 17.96
CA LEU A 328 -13.33 11.31 16.52
C LEU A 328 -12.93 12.74 16.22
N ALA A 329 -13.23 13.62 17.15
CA ALA A 329 -12.83 15.03 17.01
C ALA A 329 -11.31 15.19 17.04
N GLN A 330 -10.66 14.59 18.03
CA GLN A 330 -9.20 14.80 18.22
C GLN A 330 -8.41 14.25 17.04
N LYS A 331 -8.77 13.06 16.58
CA LYS A 331 -8.04 12.39 15.48
C LYS A 331 -8.21 13.13 14.16
N MET A 332 -9.42 13.58 13.87
CA MET A 332 -9.67 14.36 12.64
C MET A 332 -8.89 15.66 12.71
N MET A 333 -8.95 16.35 13.83
CA MET A 333 -8.31 17.68 13.92
C MET A 333 -6.78 17.57 13.88
N ILE A 334 -6.21 16.60 14.59
CA ILE A 334 -4.73 16.45 14.66
C ILE A 334 -4.22 16.11 13.26
N GLY A 335 -4.92 15.25 12.56
CA GLY A 335 -4.53 14.89 11.18
C GLY A 335 -4.67 16.00 10.18
N ARG A 336 -5.81 16.68 10.18
CA ARG A 336 -6.04 17.75 9.18
C ARG A 336 -5.00 18.80 9.50
N CYS A 337 -4.53 18.83 10.74
CA CYS A 337 -3.49 19.78 11.16
C CYS A 337 -2.14 19.27 10.64
N ASN A 338 -1.89 17.97 10.78
CA ASN A 338 -0.65 17.35 10.28
C ASN A 338 -0.63 17.49 8.77
N ARG A 339 -1.79 17.34 8.16
CA ARG A 339 -1.93 17.53 6.70
C ARG A 339 -1.57 18.97 6.37
N ALA A 340 -1.94 19.92 7.22
CA ALA A 340 -1.73 21.35 6.91
C ALA A 340 -0.36 21.89 7.30
N GLY A 341 0.42 21.15 8.08
CA GLY A 341 1.73 21.61 8.56
C GLY A 341 1.62 22.62 9.68
N LYS A 342 0.49 22.61 10.38
CA LYS A 342 0.24 23.57 11.48
C LYS A 342 0.33 22.86 12.83
N PRO A 343 0.69 23.54 13.93
CA PRO A 343 0.68 22.92 15.25
C PRO A 343 -0.67 22.54 15.88
N VAL A 344 -0.81 21.34 16.45
CA VAL A 344 -2.05 20.90 17.15
C VAL A 344 -1.77 20.54 18.61
N ILE A 345 -2.69 20.85 19.53
CA ILE A 345 -2.50 20.60 20.99
C ILE A 345 -3.57 19.67 21.58
N CYS A 346 -3.17 18.74 22.44
CA CYS A 346 -4.14 17.90 23.20
C CYS A 346 -4.10 18.52 24.60
N ALA A 347 -5.25 18.62 25.26
CA ALA A 347 -5.23 19.43 26.50
C ALA A 347 -5.80 18.90 27.83
N THR A 348 -7.06 18.48 27.89
CA THR A 348 -7.68 18.29 29.24
C THR A 348 -7.78 16.89 29.87
N GLN A 349 -7.48 16.77 31.18
CA GLN A 349 -7.63 15.51 31.97
C GLN A 349 -6.74 14.36 31.53
N MET A 350 -5.52 14.63 31.10
CA MET A 350 -4.60 13.59 30.59
C MET A 350 -3.97 12.80 31.75
N LEU A 351 -3.57 13.47 32.83
CA LEU A 351 -3.00 12.81 34.03
C LEU A 351 -3.76 13.35 35.23
N GLU A 352 -5.08 13.42 35.15
CA GLU A 352 -5.93 14.06 36.20
C GLU A 352 -5.76 13.46 37.58
N SER A 353 -5.58 12.15 37.68
CA SER A 353 -5.46 11.45 38.98
C SER A 353 -4.23 11.98 39.69
N MET A 354 -3.26 12.47 38.94
CA MET A 354 -1.99 12.98 39.47
C MET A 354 -2.18 14.28 40.27
N ILE A 355 -3.31 14.97 40.13
CA ILE A 355 -3.60 16.16 40.99
C ILE A 355 -3.64 15.66 42.44
N LYS A 356 -4.21 14.49 42.67
CA LYS A 356 -4.36 13.93 44.03
C LYS A 356 -3.35 12.82 44.31
N LYS A 357 -3.14 11.88 43.39
CA LYS A 357 -2.28 10.69 43.64
C LYS A 357 -0.90 10.83 43.00
N PRO A 358 0.14 10.16 43.54
CA PRO A 358 1.53 10.31 43.05
C PRO A 358 1.85 9.62 41.72
N ARG A 359 0.93 8.77 41.25
CA ARG A 359 1.13 8.00 40.02
C ARG A 359 -0.12 8.17 39.17
N PRO A 360 -0.01 8.13 37.83
CA PRO A 360 -1.16 8.28 36.94
C PRO A 360 -2.01 7.01 36.82
N THR A 361 -3.21 7.11 36.26
CA THR A 361 -4.00 5.89 35.99
C THR A 361 -3.47 5.22 34.71
N ARG A 362 -3.75 3.94 34.52
CA ARG A 362 -3.32 3.19 33.31
C ARG A 362 -3.96 3.83 32.09
N ALA A 363 -5.23 4.23 32.21
CA ALA A 363 -5.95 4.90 31.12
C ALA A 363 -5.28 6.21 30.78
N GLU A 364 -4.81 6.92 31.80
CA GLU A 364 -4.18 8.25 31.63
C GLU A 364 -2.86 8.17 30.86
N GLY A 365 -2.03 7.18 31.18
CA GLY A 365 -0.80 6.98 30.42
C GLY A 365 -1.13 6.64 28.99
N SER A 366 -2.16 5.83 28.78
CA SER A 366 -2.62 5.46 27.43
C SER A 366 -3.06 6.70 26.64
N ASP A 367 -3.78 7.62 27.28
CA ASP A 367 -4.27 8.83 26.58
C ASP A 367 -3.09 9.67 26.08
N VAL A 368 -2.08 9.85 26.92
CA VAL A 368 -0.90 10.67 26.55
C VAL A 368 -0.18 10.03 25.37
N ALA A 369 -0.03 8.72 25.40
CA ALA A 369 0.68 8.00 24.35
C ALA A 369 -0.02 8.09 23.02
N ASN A 370 -1.30 7.78 23.02
CA ASN A 370 -2.10 7.72 21.77
C ASN A 370 -2.17 9.10 21.13
N ALA A 371 -2.06 10.15 21.92
CA ALA A 371 -2.04 11.54 21.41
C ALA A 371 -0.77 11.79 20.59
N VAL A 372 0.37 11.26 21.02
CA VAL A 372 1.62 11.33 20.21
C VAL A 372 1.46 10.42 18.98
N LEU A 373 0.92 9.21 19.15
CA LEU A 373 0.65 8.28 18.02
C LEU A 373 -0.42 8.88 17.10
N ASP A 374 -1.34 9.67 17.64
CA ASP A 374 -2.36 10.42 16.85
C ASP A 374 -1.66 11.48 16.01
N GLY A 375 -0.57 12.04 16.52
CA GLY A 375 0.23 12.96 15.72
C GLY A 375 0.20 14.35 16.29
N ALA A 376 -0.08 14.46 17.57
CA ALA A 376 -0.17 15.78 18.23
C ALA A 376 1.21 16.40 18.44
N ASP A 377 1.34 17.68 18.12
CA ASP A 377 2.59 18.44 18.31
C ASP A 377 2.87 18.68 19.78
N CYS A 378 1.84 19.05 20.53
CA CYS A 378 2.06 19.42 21.95
C CYS A 378 1.04 18.73 22.87
N ILE A 379 1.49 18.30 24.05
CA ILE A 379 0.60 17.70 25.09
C ILE A 379 0.54 18.70 26.25
N MET A 380 -0.58 18.78 26.97
CA MET A 380 -0.76 19.82 28.01
C MET A 380 -1.08 19.25 29.39
N LEU A 381 -0.80 20.03 30.44
CA LEU A 381 -1.19 19.69 31.83
C LEU A 381 -1.91 20.94 32.34
N SER A 382 -3.04 20.79 33.01
CA SER A 382 -3.83 21.98 33.45
C SER A 382 -3.86 22.11 34.96
N GLY A 383 -4.87 21.57 35.63
CA GLY A 383 -4.93 21.56 37.10
C GLY A 383 -3.82 20.76 37.71
N GLU A 384 -3.31 19.79 36.97
CA GLU A 384 -2.24 18.91 37.46
C GLU A 384 -1.00 19.77 37.78
N THR A 385 -0.78 20.83 37.01
CA THR A 385 0.40 21.69 37.24
C THR A 385 0.05 23.01 37.92
N ALA A 386 -1.23 23.31 38.12
CA ALA A 386 -1.63 24.63 38.66
C ALA A 386 -2.03 24.58 40.14
N LYS A 387 -2.88 23.64 40.55
CA LYS A 387 -3.39 23.58 41.94
C LYS A 387 -3.09 22.21 42.56
N GLY A 388 -2.52 21.28 41.78
CA GLY A 388 -2.32 19.89 42.24
C GLY A 388 -1.19 19.64 43.23
N ASP A 389 -1.32 18.58 44.00
CA ASP A 389 -0.29 18.20 45.01
C ASP A 389 1.01 17.76 44.34
N TYR A 390 0.95 17.10 43.18
CA TYR A 390 2.17 16.52 42.58
C TYR A 390 2.49 17.09 41.20
N PRO A 391 2.92 18.36 41.10
CA PRO A 391 3.20 19.02 39.81
C PRO A 391 4.41 18.51 39.03
N LEU A 392 5.50 18.18 39.71
CA LEU A 392 6.73 17.71 39.05
C LEU A 392 6.64 16.22 38.74
N GLU A 393 5.94 15.46 39.58
CA GLU A 393 5.75 14.01 39.32
C GLU A 393 5.14 13.85 37.91
N ALA A 394 4.12 14.68 37.63
CA ALA A 394 3.23 14.59 36.44
C ALA A 394 3.92 15.15 35.19
N VAL A 395 4.64 16.28 35.30
CA VAL A 395 5.45 16.82 34.16
C VAL A 395 6.49 15.75 33.78
N ARG A 396 7.09 15.05 34.73
CA ARG A 396 8.04 13.98 34.35
C ARG A 396 7.32 12.86 33.57
N MET A 397 6.08 12.56 33.90
CA MET A 397 5.36 11.42 33.27
C MET A 397 4.98 11.79 31.84
N GLN A 398 4.73 13.05 31.58
CA GLN A 398 4.41 13.47 30.19
C GLN A 398 5.64 13.26 29.33
N HIS A 399 6.83 13.58 29.85
CA HIS A 399 8.12 13.41 29.11
C HIS A 399 8.42 11.93 28.86
N LEU A 400 8.23 11.09 29.86
CA LEU A 400 8.58 9.66 29.73
C LEU A 400 7.66 8.95 28.74
N ILE A 401 6.37 9.18 28.84
CA ILE A 401 5.40 8.48 27.96
C ILE A 401 5.60 8.93 26.52
N ALA A 402 5.74 10.23 26.33
CA ALA A 402 5.84 10.77 24.96
C ALA A 402 7.07 10.21 24.27
N ARG A 403 8.19 10.08 24.99
CA ARG A 403 9.47 9.61 24.41
C ARG A 403 9.26 8.19 23.92
N GLU A 404 8.56 7.39 24.71
CA GLU A 404 8.30 5.98 24.36
C GLU A 404 7.43 5.90 23.10
N ALA A 405 6.50 6.83 22.93
CA ALA A 405 5.54 6.80 21.79
C ALA A 405 6.17 7.27 20.50
N GLU A 406 7.05 8.25 20.57
CA GLU A 406 7.66 8.81 19.36
C GLU A 406 8.44 7.68 18.73
N ALA A 407 9.05 6.85 19.55
CA ALA A 407 9.75 5.65 19.06
C ALA A 407 8.74 4.62 18.49
N ALA A 408 7.53 4.59 19.04
CA ALA A 408 6.49 3.59 18.66
C ALA A 408 5.73 4.04 17.43
N ILE A 409 6.05 5.22 16.90
CA ILE A 409 5.42 5.67 15.64
C ILE A 409 5.92 4.85 14.44
N TYR A 410 5.04 4.60 13.47
CA TYR A 410 5.40 3.89 12.22
C TYR A 410 5.72 4.97 11.19
N HIS A 411 6.98 5.35 11.05
CA HIS A 411 7.37 6.51 10.20
C HIS A 411 7.34 6.19 8.69
N LEU A 412 7.55 4.93 8.31
CA LEU A 412 7.54 4.53 6.89
C LEU A 412 6.16 4.85 6.31
N GLN A 413 5.10 4.50 7.02
CA GLN A 413 3.72 4.81 6.60
C GLN A 413 3.41 6.31 6.71
N LEU A 414 3.82 6.96 7.80
CA LEU A 414 3.48 8.39 8.02
C LEU A 414 4.18 9.29 7.01
N PHE A 415 5.45 9.03 6.72
CA PHE A 415 6.14 9.83 5.70
C PHE A 415 5.49 9.59 4.34
N GLU A 416 5.18 8.34 4.03
CA GLU A 416 4.64 8.03 2.69
C GLU A 416 3.29 8.74 2.52
N GLU A 417 2.48 8.76 3.56
CA GLU A 417 1.15 9.42 3.49
C GLU A 417 1.32 10.93 3.33
N LEU A 418 2.26 11.53 4.08
CA LEU A 418 2.51 12.98 3.98
C LEU A 418 3.08 13.31 2.60
N ARG A 419 3.93 12.45 2.08
CA ARG A 419 4.50 12.64 0.73
C ARG A 419 3.40 12.54 -0.33
N ARG A 420 2.52 11.53 -0.23
CA ARG A 420 1.40 11.35 -1.20
C ARG A 420 0.40 12.49 -1.07
N LEU A 421 0.08 12.91 0.15
CA LEU A 421 -0.97 13.93 0.37
C LEU A 421 -0.40 15.34 0.23
N ALA A 422 0.92 15.47 0.14
CA ALA A 422 1.58 16.79 0.03
C ALA A 422 1.23 17.48 -1.28
N PRO A 423 1.16 18.82 -1.29
CA PRO A 423 0.97 19.52 -2.54
C PRO A 423 2.34 19.81 -3.18
N ILE A 424 2.57 19.41 -4.43
CA ILE A 424 3.88 19.63 -5.12
C ILE A 424 4.20 21.11 -5.11
N THR A 425 5.44 21.48 -4.79
CA THR A 425 5.79 22.91 -4.63
C THR A 425 7.02 23.29 -5.43
N SER A 426 7.19 24.58 -5.71
CA SER A 426 8.44 25.05 -6.34
C SER A 426 9.35 25.50 -5.22
N ASP A 427 8.87 25.45 -3.98
CA ASP A 427 9.68 25.97 -2.85
C ASP A 427 10.82 24.99 -2.61
N PRO A 428 12.07 25.46 -2.76
CA PRO A 428 13.21 24.60 -2.56
C PRO A 428 13.37 24.23 -1.08
N THR A 429 13.03 25.14 -0.17
CA THR A 429 13.13 24.86 1.30
C THR A 429 12.20 23.70 1.65
N GLU A 430 11.00 23.68 1.08
CA GLU A 430 10.02 22.59 1.31
C GLU A 430 10.57 21.27 0.77
N ALA A 431 11.20 21.32 -0.40
CA ALA A 431 11.83 20.12 -0.97
C ALA A 431 13.00 19.67 -0.12
N THR A 432 13.84 20.61 0.27
CA THR A 432 15.07 20.30 1.03
C THR A 432 14.65 19.65 2.35
N ALA A 433 13.57 20.15 2.95
CA ALA A 433 13.08 19.63 4.23
C ALA A 433 12.62 18.19 4.08
N VAL A 434 11.88 17.91 3.03
CA VAL A 434 11.42 16.52 2.79
C VAL A 434 12.64 15.66 2.48
N GLY A 435 13.59 16.17 1.67
CA GLY A 435 14.82 15.44 1.33
C GLY A 435 15.67 15.14 2.55
N ALA A 436 15.82 16.11 3.43
CA ALA A 436 16.57 15.92 4.69
C ALA A 436 15.89 14.89 5.59
N VAL A 437 14.56 14.93 5.65
CA VAL A 437 13.79 13.99 6.52
C VAL A 437 14.01 12.59 5.97
N GLU A 438 14.02 12.45 4.65
CA GLU A 438 14.29 11.14 4.01
C GLU A 438 15.72 10.71 4.32
N ALA A 439 16.66 11.62 4.20
CA ALA A 439 18.08 11.29 4.43
C ALA A 439 18.29 10.96 5.91
N SER A 440 17.59 11.65 6.80
CA SER A 440 17.65 11.36 8.25
C SER A 440 17.16 9.93 8.52
N PHE A 441 16.12 9.51 7.82
CA PHE A 441 15.61 8.12 7.93
C PHE A 441 16.66 7.14 7.38
N LYS A 442 17.30 7.49 6.28
CA LYS A 442 18.33 6.62 5.63
C LYS A 442 19.56 6.47 6.51
N CYS A 443 20.04 7.55 7.13
CA CYS A 443 21.28 7.50 7.94
C CYS A 443 20.98 7.31 9.42
N CYS A 444 19.69 7.21 9.79
CA CYS A 444 19.30 7.09 11.21
C CYS A 444 20.12 8.13 11.97
N SER A 445 20.01 9.38 11.56
CA SER A 445 20.80 10.48 12.16
C SER A 445 20.48 10.67 13.64
N GLY A 446 21.35 11.35 14.36
CA GLY A 446 21.05 11.71 15.75
C GLY A 446 20.41 13.08 15.84
N ALA A 447 20.36 13.79 14.72
CA ALA A 447 19.68 15.09 14.68
C ALA A 447 19.46 15.63 13.28
N ILE A 448 18.55 16.58 13.17
CA ILE A 448 18.43 17.36 11.92
C ILE A 448 18.72 18.78 12.42
N ILE A 449 19.77 19.41 11.91
CA ILE A 449 20.18 20.76 12.36
C ILE A 449 19.70 21.77 11.33
N VAL A 450 18.97 22.79 11.78
CA VAL A 450 18.42 23.84 10.87
C VAL A 450 18.69 25.22 11.45
N LEU A 451 19.15 26.16 10.62
CA LEU A 451 19.34 27.57 11.05
C LEU A 451 18.10 28.33 10.56
N THR A 452 17.44 29.07 11.42
CA THR A 452 16.19 29.75 11.05
C THR A 452 16.00 31.06 11.83
N LYS A 453 15.62 32.14 11.15
CA LYS A 453 15.32 33.40 11.88
C LYS A 453 13.85 33.46 12.30
N SER A 454 12.90 33.23 11.40
CA SER A 454 11.45 33.32 11.71
C SER A 454 10.89 31.95 12.11
N GLY A 455 11.68 30.90 11.93
CA GLY A 455 11.27 29.54 12.36
C GLY A 455 10.72 28.65 11.29
N ARG A 456 10.34 29.17 10.14
CA ARG A 456 9.64 28.33 9.13
C ARG A 456 10.52 27.20 8.65
N SER A 457 11.79 27.49 8.49
CA SER A 457 12.71 26.49 7.90
C SER A 457 12.64 25.23 8.75
N ALA A 458 12.67 25.37 10.06
CA ALA A 458 12.54 24.23 10.97
C ALA A 458 11.13 23.64 10.92
N HIS A 459 10.11 24.49 10.84
CA HIS A 459 8.70 24.05 10.90
C HIS A 459 8.40 23.08 9.76
N GLN A 460 9.12 23.21 8.66
CA GLN A 460 8.83 22.37 7.48
C GLN A 460 9.42 20.97 7.65
N VAL A 461 10.60 20.86 8.26
CA VAL A 461 11.18 19.53 8.54
C VAL A 461 10.25 18.84 9.53
N ALA A 462 9.69 19.59 10.47
CA ALA A 462 8.74 19.09 11.47
C ALA A 462 7.46 18.58 10.81
N ARG A 463 7.01 19.25 9.75
CA ARG A 463 5.78 18.88 9.04
C ARG A 463 5.92 17.45 8.52
N TYR A 464 7.13 17.07 8.08
CA TYR A 464 7.37 15.74 7.47
C TYR A 464 7.65 14.71 8.56
N ARG A 465 7.58 15.12 9.82
CA ARG A 465 7.61 14.18 10.97
C ARG A 465 8.77 13.18 11.04
N PRO A 466 10.03 13.61 11.23
CA PRO A 466 11.14 12.66 11.43
C PRO A 466 11.31 12.01 12.81
N ARG A 467 12.03 10.89 12.88
CA ARG A 467 12.33 10.23 14.17
C ARG A 467 13.47 11.01 14.84
N ALA A 468 14.35 11.56 14.02
CA ALA A 468 15.49 12.35 14.54
C ALA A 468 15.06 13.68 15.14
N PRO A 469 15.76 14.14 16.21
CA PRO A 469 15.49 15.43 16.80
C PRO A 469 15.85 16.58 15.87
N ILE A 470 15.01 17.61 15.77
CA ILE A 470 15.40 18.81 14.99
C ILE A 470 16.02 19.81 15.97
N ILE A 471 17.33 20.00 15.92
CA ILE A 471 17.97 21.06 16.75
C ILE A 471 17.92 22.32 15.89
N ALA A 472 17.07 23.26 16.28
CA ALA A 472 16.87 24.46 15.45
C ALA A 472 17.67 25.63 16.03
N VAL A 473 18.52 26.27 15.22
CA VAL A 473 19.37 27.35 15.76
C VAL A 473 18.83 28.72 15.35
N THR A 474 18.55 29.57 16.32
CA THR A 474 18.02 30.94 16.06
C THR A 474 18.79 31.95 16.91
N ARG A 475 18.68 33.23 16.57
CA ARG A 475 19.27 34.30 17.40
C ARG A 475 18.10 35.17 17.86
N ASN A 476 16.91 34.84 17.39
CA ASN A 476 15.68 35.58 17.78
C ASN A 476 15.04 34.83 18.96
N PRO A 477 14.94 35.47 20.13
CA PRO A 477 14.38 34.83 21.32
C PRO A 477 12.92 34.37 21.15
N GLN A 478 12.07 35.15 20.47
CA GLN A 478 10.65 34.81 20.24
C GLN A 478 10.50 33.56 19.36
N THR A 479 11.33 33.44 18.33
CA THR A 479 11.28 32.27 17.41
C THR A 479 11.60 31.00 18.21
N ALA A 480 12.61 31.06 19.06
CA ALA A 480 13.03 29.89 19.83
C ALA A 480 11.87 29.44 20.71
N ARG A 481 11.22 30.39 21.36
CA ARG A 481 10.09 30.07 22.25
C ARG A 481 8.91 29.50 21.47
N GLN A 482 8.59 30.08 20.31
CA GLN A 482 7.42 29.66 19.51
C GLN A 482 7.61 28.29 18.86
N ALA A 483 8.85 27.89 18.65
CA ALA A 483 9.20 26.62 17.97
C ALA A 483 8.75 25.39 18.74
N HIS A 484 8.60 25.48 20.06
CA HIS A 484 8.23 24.32 20.91
C HIS A 484 6.87 23.78 20.47
N LEU A 485 6.03 24.61 19.85
CA LEU A 485 4.68 24.25 19.37
C LEU A 485 4.73 23.15 18.31
N TYR A 486 5.83 23.02 17.60
CA TYR A 486 5.94 22.06 16.47
C TYR A 486 6.77 20.86 16.89
N ARG A 487 6.27 19.65 16.63
CA ARG A 487 6.94 18.40 17.04
C ARG A 487 8.34 18.27 16.44
N GLY A 488 9.32 17.95 17.28
CA GLY A 488 10.68 17.69 16.80
C GLY A 488 11.61 18.86 16.88
N ILE A 489 11.06 20.06 16.94
CA ILE A 489 11.92 21.26 16.94
C ILE A 489 12.47 21.46 18.34
N PHE A 490 13.80 21.44 18.46
CA PHE A 490 14.43 21.78 19.75
C PHE A 490 15.04 23.14 19.50
N PRO A 491 14.54 24.18 20.17
CA PRO A 491 15.10 25.50 20.03
C PRO A 491 16.38 25.78 20.81
N VAL A 492 17.38 26.32 20.11
CA VAL A 492 18.64 26.72 20.77
C VAL A 492 18.87 28.19 20.46
N LEU A 493 19.08 29.03 21.47
CA LEU A 493 19.29 30.47 21.25
C LEU A 493 20.77 30.81 21.27
N CYS A 494 21.39 30.91 20.08
CA CYS A 494 22.80 31.36 20.03
C CYS A 494 22.79 32.80 20.51
N LYS A 495 23.57 33.05 21.56
CA LYS A 495 23.69 34.43 22.07
C LYS A 495 25.08 34.88 21.63
N ASP A 496 25.84 33.96 21.04
CA ASP A 496 27.20 34.24 20.56
C ASP A 496 27.11 35.35 19.53
N PRO A 497 28.08 36.29 19.51
CA PRO A 497 28.02 37.43 18.62
C PRO A 497 28.29 37.10 17.15
N VAL A 498 27.83 37.96 16.24
CA VAL A 498 27.95 37.73 14.78
C VAL A 498 29.41 37.74 14.35
N GLN A 499 29.73 37.09 13.23
CA GLN A 499 31.11 37.10 12.68
C GLN A 499 31.09 37.89 11.38
N GLU A 500 32.25 38.41 10.94
CA GLU A 500 32.30 39.31 9.75
C GLU A 500 31.81 38.59 8.51
N ALA A 501 32.15 37.32 8.36
CA ALA A 501 31.68 36.55 7.20
C ALA A 501 30.47 35.70 7.62
N TRP A 502 29.42 35.68 6.80
CA TRP A 502 28.21 34.86 7.08
C TRP A 502 28.62 33.39 7.13
N ALA A 503 29.58 33.04 6.30
CA ALA A 503 30.03 31.64 6.23
C ALA A 503 30.57 31.23 7.57
N GLU A 504 31.38 32.09 8.19
CA GLU A 504 31.96 31.79 9.52
C GLU A 504 30.86 31.81 10.57
N ASP A 505 29.90 32.74 10.46
CA ASP A 505 28.73 32.81 11.37
C ASP A 505 27.85 31.56 11.21
N VAL A 506 27.66 31.09 9.97
CA VAL A 506 26.91 29.82 9.73
C VAL A 506 27.69 28.69 10.39
N ASP A 507 29.01 28.68 10.25
CA ASP A 507 29.86 27.61 10.80
C ASP A 507 29.76 27.60 12.32
N LEU A 508 29.68 28.78 12.96
CA LEU A 508 29.57 28.89 14.43
C LEU A 508 28.22 28.40 14.94
N ARG A 509 27.14 28.80 14.28
CA ARG A 509 25.78 28.42 14.72
C ARG A 509 25.59 26.91 14.59
N VAL A 510 26.10 26.31 13.51
CA VAL A 510 26.06 24.83 13.34
C VAL A 510 26.95 24.22 14.43
N ASN A 511 28.05 24.87 14.80
CA ASN A 511 28.94 24.33 15.87
C ASN A 511 28.25 24.45 17.22
N PHE A 512 27.38 25.43 17.38
CA PHE A 512 26.61 25.55 18.64
C PHE A 512 25.71 24.34 18.82
N ALA A 513 25.00 23.96 17.77
CA ALA A 513 24.03 22.85 17.84
C ALA A 513 24.75 21.56 18.15
N MET A 514 25.91 21.41 17.55
CA MET A 514 26.68 20.17 17.74
C MET A 514 26.96 20.04 19.21
N ASN A 515 27.35 21.14 19.85
CA ASN A 515 27.72 21.15 21.28
C ASN A 515 26.52 20.84 22.17
N VAL A 516 25.35 21.41 21.88
CA VAL A 516 24.10 21.15 22.65
C VAL A 516 23.73 19.68 22.53
N GLY A 517 23.81 19.11 21.33
CA GLY A 517 23.48 17.69 21.13
C GLY A 517 24.40 16.81 21.93
N LYS A 518 25.68 17.16 21.98
CA LYS A 518 26.67 16.39 22.76
C LYS A 518 26.37 16.47 24.25
N ALA A 519 26.06 17.66 24.75
CA ALA A 519 25.76 17.86 26.18
C ALA A 519 24.47 17.14 26.58
N ARG A 520 23.44 17.23 25.74
CA ARG A 520 22.12 16.63 26.05
C ARG A 520 22.13 15.09 25.98
N GLY A 521 23.01 14.49 25.18
CA GLY A 521 23.02 13.03 25.00
C GLY A 521 22.32 12.66 23.71
N PHE A 522 21.96 13.66 22.91
CA PHE A 522 21.23 13.44 21.63
C PHE A 522 22.09 12.64 20.67
N PHE A 523 23.39 12.94 20.66
CA PHE A 523 24.32 12.27 19.72
C PHE A 523 25.73 12.16 20.30
N LYS A 524 26.66 11.66 19.50
CA LYS A 524 28.07 11.48 19.93
C LYS A 524 28.94 11.58 18.68
N LYS A 525 30.24 11.82 18.87
CA LYS A 525 31.18 11.90 17.72
C LYS A 525 31.22 10.55 17.01
N GLY A 526 31.18 10.58 15.68
CA GLY A 526 31.08 9.32 14.91
C GLY A 526 29.64 9.00 14.59
N ASP A 527 28.72 9.91 14.92
CA ASP A 527 27.29 9.72 14.56
C ASP A 527 27.02 10.63 13.37
N VAL A 528 26.03 10.33 12.54
CA VAL A 528 25.74 11.15 11.33
C VAL A 528 24.57 12.07 11.62
N VAL A 529 24.70 13.36 11.31
CA VAL A 529 23.62 14.36 11.55
C VAL A 529 23.36 15.20 10.29
N ILE A 530 22.10 15.53 10.03
CA ILE A 530 21.71 16.28 8.81
C ILE A 530 21.71 17.77 9.14
N VAL A 531 22.46 18.56 8.38
CA VAL A 531 22.59 20.01 8.67
C VAL A 531 21.90 20.77 7.54
N LEU A 532 21.02 21.71 7.86
CA LEU A 532 20.27 22.49 6.85
C LEU A 532 20.59 23.96 6.99
N THR A 533 21.00 24.59 5.89
CA THR A 533 21.40 26.02 5.91
C THR A 533 20.94 26.67 4.62
N GLY A 534 21.56 27.79 4.27
CA GLY A 534 21.20 28.56 3.07
C GLY A 534 22.44 28.89 2.28
N TRP A 535 22.27 29.47 1.10
CA TRP A 535 23.42 29.79 0.21
C TRP A 535 23.91 31.23 0.40
N ARG A 536 23.04 32.13 0.83
CA ARG A 536 23.39 33.56 0.97
C ARG A 536 22.80 34.06 2.29
N PRO A 537 22.33 35.32 2.52
CA PRO A 537 21.78 35.66 3.84
C PRO A 537 20.26 35.70 4.02
N GLY A 538 19.76 35.84 5.26
CA GLY A 538 18.31 36.05 5.52
C GLY A 538 17.46 34.85 5.91
N SER A 539 17.87 33.62 5.56
CA SER A 539 17.20 32.34 5.96
C SER A 539 15.92 32.00 5.17
N GLY A 540 15.48 32.82 4.22
CA GLY A 540 14.34 32.42 3.37
C GLY A 540 14.67 31.25 2.47
N PHE A 541 15.85 31.26 1.83
CA PHE A 541 16.23 30.21 0.85
C PHE A 541 16.40 28.81 1.45
N THR A 542 17.12 28.63 2.55
CA THR A 542 17.21 27.31 3.25
C THR A 542 17.30 26.15 2.26
N ASN A 543 18.35 26.12 1.45
CA ASN A 543 18.45 25.10 0.37
C ASN A 543 19.63 24.17 0.56
N THR A 544 20.44 24.35 1.59
CA THR A 544 21.67 23.55 1.69
C THR A 544 21.58 22.46 2.75
N MET A 545 21.39 21.21 2.32
CA MET A 545 21.37 20.06 3.24
C MET A 545 22.77 19.44 3.21
N ARG A 546 23.40 19.29 4.37
CA ARG A 546 24.74 18.64 4.46
C ARG A 546 24.68 17.47 5.42
N VAL A 547 25.20 16.32 4.99
CA VAL A 547 25.27 15.13 5.89
C VAL A 547 26.69 15.09 6.44
N VAL A 548 26.83 15.29 7.74
CA VAL A 548 28.17 15.43 8.34
C VAL A 548 28.25 14.58 9.59
N PRO A 549 29.41 14.00 9.92
CA PRO A 549 29.56 13.30 11.18
C PRO A 549 29.74 14.30 12.34
N VAL A 550 29.16 14.01 13.49
CA VAL A 550 29.42 14.86 14.69
C VAL A 550 30.90 14.70 15.01
N PRO A 551 31.65 15.80 15.24
CA PRO A 551 33.08 15.72 15.45
C PRO A 551 33.55 15.63 16.91
N ILE B 33 -23.33 7.01 3.27
CA ILE B 33 -21.88 7.31 3.50
C ILE B 33 -21.82 8.33 4.63
N GLN B 34 -22.97 8.63 5.22
CA GLN B 34 -23.02 9.60 6.34
C GLN B 34 -23.12 8.81 7.64
N THR B 35 -22.98 7.49 7.57
CA THR B 35 -23.16 6.67 8.78
C THR B 35 -22.03 5.66 8.91
N GLN B 36 -21.63 5.32 10.14
CA GLN B 36 -20.60 4.29 10.42
C GLN B 36 -19.23 4.68 9.86
N GLN B 37 -18.94 5.98 9.74
CA GLN B 37 -17.64 6.48 9.24
C GLN B 37 -17.34 5.85 7.89
N LEU B 38 -18.35 5.76 7.04
CA LEU B 38 -18.20 5.14 5.69
C LEU B 38 -17.36 6.04 4.79
N HIS B 39 -17.30 7.33 5.09
CA HIS B 39 -16.50 8.26 4.26
C HIS B 39 -15.03 8.05 4.63
N ALA B 40 -14.78 7.77 5.89
CA ALA B 40 -13.40 7.45 6.35
C ALA B 40 -12.95 6.11 5.76
N ALA B 41 -13.86 5.17 5.58
CA ALA B 41 -13.56 3.81 5.09
C ALA B 41 -13.03 3.87 3.66
N MET B 42 -13.49 4.84 2.89
CA MET B 42 -13.12 4.96 1.46
C MET B 42 -11.79 5.71 1.33
N ALA B 43 -11.15 6.01 2.46
CA ALA B 43 -9.85 6.71 2.45
C ALA B 43 -8.71 5.81 2.00
N ASP B 44 -7.75 6.39 1.28
CA ASP B 44 -6.63 5.61 0.69
C ASP B 44 -5.43 5.69 1.61
N THR B 45 -5.51 6.55 2.62
CA THR B 45 -4.42 6.74 3.61
C THR B 45 -5.05 6.70 5.00
N PHE B 46 -4.33 6.25 6.01
CA PHE B 46 -4.83 6.29 7.41
C PHE B 46 -5.03 7.75 7.84
N LEU B 47 -4.12 8.62 7.43
CA LEU B 47 -4.20 10.05 7.84
C LEU B 47 -5.46 10.71 7.28
N GLU B 48 -5.79 10.48 6.02
CA GLU B 48 -7.03 11.03 5.43
C GLU B 48 -8.23 10.40 6.12
N HIS B 49 -8.13 9.13 6.49
CA HIS B 49 -9.21 8.45 7.21
C HIS B 49 -9.44 9.18 8.53
N MET B 50 -8.36 9.53 9.21
CA MET B 50 -8.46 10.29 10.46
C MET B 50 -9.06 11.65 10.13
N CYS B 51 -8.63 12.27 9.05
CA CYS B 51 -9.11 13.60 8.62
C CYS B 51 -10.60 13.52 8.28
N ARG B 52 -11.09 12.34 7.90
CA ARG B 52 -12.49 12.21 7.45
C ARG B 52 -13.43 11.80 8.59
N LEU B 53 -12.93 11.62 9.81
CA LEU B 53 -13.78 11.13 10.92
C LEU B 53 -14.82 12.19 11.27
N ASP B 54 -16.07 11.78 11.49
CA ASP B 54 -17.16 12.76 11.67
C ASP B 54 -17.93 12.45 12.96
N ILE B 55 -18.32 13.49 13.69
CA ILE B 55 -19.09 13.33 14.94
C ILE B 55 -20.56 13.34 14.54
N ASP B 56 -20.81 13.44 13.23
CA ASP B 56 -22.20 13.39 12.70
C ASP B 56 -22.37 12.16 11.81
N SER B 57 -21.41 11.23 11.84
CA SER B 57 -21.60 9.95 11.12
C SER B 57 -21.99 8.90 12.16
N PRO B 58 -23.29 8.70 12.51
CA PRO B 58 -23.67 7.83 13.61
C PRO B 58 -23.59 6.32 13.38
N PRO B 59 -23.35 5.54 14.46
CA PRO B 59 -23.19 4.10 14.34
C PRO B 59 -24.42 3.21 14.32
N ILE B 60 -24.24 1.94 14.00
CA ILE B 60 -25.34 0.92 14.03
C ILE B 60 -25.68 0.61 15.50
N THR B 61 -26.76 -0.12 15.74
CA THR B 61 -27.21 -0.43 17.12
C THR B 61 -26.39 -1.60 17.66
N ALA B 62 -25.47 -2.12 16.84
CA ALA B 62 -24.64 -3.28 17.23
C ALA B 62 -23.30 -2.86 17.86
N ARG B 63 -23.01 -3.39 19.05
CA ARG B 63 -21.71 -3.12 19.71
C ARG B 63 -20.90 -4.41 19.61
N ASN B 64 -19.67 -4.30 19.11
CA ASN B 64 -18.88 -5.52 18.82
C ASN B 64 -17.95 -5.92 19.96
N THR B 65 -17.75 -5.05 20.94
CA THR B 65 -16.74 -5.34 21.98
C THR B 65 -17.40 -5.86 23.26
N GLY B 66 -16.90 -6.99 23.78
CA GLY B 66 -17.43 -7.58 25.02
C GLY B 66 -17.23 -6.69 26.23
N ILE B 67 -18.26 -6.59 27.06
CA ILE B 67 -18.16 -5.74 28.29
C ILE B 67 -18.12 -6.65 29.52
N ILE B 68 -16.97 -6.69 30.18
CA ILE B 68 -16.81 -7.52 31.40
C ILE B 68 -16.90 -6.61 32.62
N CYS B 69 -17.95 -6.81 33.42
CA CYS B 69 -18.18 -5.94 34.58
C CYS B 69 -17.97 -6.80 35.83
N THR B 70 -17.09 -6.37 36.72
CA THR B 70 -16.77 -7.13 37.94
C THR B 70 -17.93 -6.99 38.91
N ILE B 71 -18.45 -8.11 39.40
CA ILE B 71 -19.65 -8.08 40.27
C ILE B 71 -19.23 -7.91 41.72
N GLY B 72 -20.12 -7.41 42.55
CA GLY B 72 -19.76 -7.16 43.95
C GLY B 72 -20.80 -6.35 44.70
N PRO B 73 -20.42 -5.58 45.72
CA PRO B 73 -21.38 -4.87 46.56
C PRO B 73 -22.36 -3.94 45.83
N ALA B 74 -21.90 -3.26 44.78
CA ALA B 74 -22.76 -2.30 44.06
C ALA B 74 -23.41 -2.96 42.85
N SER B 75 -23.01 -4.17 42.50
CA SER B 75 -23.51 -4.78 41.25
C SER B 75 -24.31 -6.05 41.52
N ARG B 76 -24.12 -6.69 42.67
CA ARG B 76 -24.75 -8.01 42.93
C ARG B 76 -26.26 -7.87 42.97
N SER B 77 -26.76 -6.66 43.21
CA SER B 77 -28.21 -6.44 43.33
C SER B 77 -28.86 -6.94 42.05
N VAL B 78 -29.92 -7.73 42.17
CA VAL B 78 -30.55 -8.34 40.96
C VAL B 78 -31.09 -7.21 40.10
N GLU B 79 -31.69 -6.21 40.73
CA GLU B 79 -32.27 -5.08 39.98
C GLU B 79 -31.15 -4.35 39.25
N THR B 80 -30.01 -4.15 39.94
CA THR B 80 -28.85 -3.45 39.34
C THR B 80 -28.29 -4.27 38.17
N LEU B 81 -28.20 -5.58 38.32
CA LEU B 81 -27.66 -6.49 37.27
C LEU B 81 -28.61 -6.51 36.07
N LYS B 82 -29.92 -6.51 36.32
CA LYS B 82 -30.90 -6.61 35.20
C LYS B 82 -30.83 -5.32 34.38
N GLU B 83 -30.37 -4.25 35.01
CA GLU B 83 -30.22 -2.98 34.26
C GLU B 83 -28.88 -2.99 33.52
N MET B 84 -27.86 -3.65 34.08
CA MET B 84 -26.52 -3.73 33.44
C MET B 84 -26.58 -4.49 32.12
N ILE B 85 -27.33 -5.59 32.06
CA ILE B 85 -27.50 -6.38 30.81
C ILE B 85 -28.17 -5.50 29.75
N LYS B 86 -29.21 -4.76 30.11
CA LYS B 86 -29.93 -3.88 29.15
C LYS B 86 -28.93 -2.84 28.67
N SER B 87 -28.14 -2.30 29.59
CA SER B 87 -27.14 -1.26 29.27
C SER B 87 -26.07 -1.78 28.29
N GLY B 88 -25.63 -3.04 28.41
CA GLY B 88 -24.68 -3.59 27.44
C GLY B 88 -23.73 -4.62 28.01
N MET B 89 -23.95 -5.04 29.25
CA MET B 89 -23.06 -6.05 29.88
C MET B 89 -23.22 -7.37 29.16
N ASN B 90 -22.11 -8.08 28.99
CA ASN B 90 -22.12 -9.36 28.25
C ASN B 90 -21.53 -10.43 29.16
N VAL B 91 -20.61 -10.04 30.03
CA VAL B 91 -19.89 -11.02 30.90
C VAL B 91 -19.80 -10.47 32.33
N ALA B 92 -19.91 -11.35 33.32
CA ALA B 92 -19.80 -10.94 34.74
C ALA B 92 -18.51 -11.51 35.33
N ARG B 93 -17.62 -10.68 35.83
CA ARG B 93 -16.32 -11.19 36.36
C ARG B 93 -16.38 -11.29 37.88
N LEU B 94 -16.08 -12.46 38.41
CA LEU B 94 -16.00 -12.60 39.88
C LEU B 94 -14.53 -12.60 40.26
N ASN B 95 -14.15 -11.75 41.22
CA ASN B 95 -12.74 -11.69 41.67
C ASN B 95 -12.60 -12.60 42.88
N PHE B 96 -11.74 -13.61 42.77
CA PHE B 96 -11.51 -14.53 43.89
C PHE B 96 -10.29 -14.04 44.65
N SER B 97 -9.79 -12.85 44.31
CA SER B 97 -8.72 -12.24 45.15
C SER B 97 -9.36 -11.99 46.51
N HIS B 98 -10.57 -11.48 46.50
CA HIS B 98 -11.31 -11.20 47.75
C HIS B 98 -12.60 -12.01 47.68
N GLY B 99 -13.24 -12.25 48.82
CA GLY B 99 -14.55 -12.89 48.79
C GLY B 99 -14.53 -14.35 49.17
N THR B 100 -15.68 -14.85 49.65
CA THR B 100 -15.80 -16.27 50.00
C THR B 100 -16.61 -16.96 48.90
N HIS B 101 -16.52 -18.27 48.85
CA HIS B 101 -17.28 -19.01 47.82
C HIS B 101 -18.77 -18.72 48.03
N GLU B 102 -19.22 -18.68 49.27
CA GLU B 102 -20.67 -18.50 49.56
C GLU B 102 -21.14 -17.19 48.95
N TYR B 103 -20.33 -16.14 49.08
CA TYR B 103 -20.71 -14.83 48.51
C TYR B 103 -20.79 -14.95 47.00
N HIS B 104 -19.77 -15.55 46.39
CA HIS B 104 -19.74 -15.59 44.91
C HIS B 104 -20.91 -16.39 44.38
N ALA B 105 -21.24 -17.49 45.05
CA ALA B 105 -22.34 -18.36 44.60
C ALA B 105 -23.65 -17.60 44.59
N GLU B 106 -23.87 -16.75 45.59
CA GLU B 106 -25.09 -15.92 45.66
C GLU B 106 -25.08 -14.95 44.47
N THR B 107 -23.90 -14.44 44.12
CA THR B 107 -23.76 -13.53 42.96
C THR B 107 -24.09 -14.28 41.65
N ILE B 108 -23.59 -15.51 41.49
CA ILE B 108 -23.91 -16.33 40.28
C ILE B 108 -25.40 -16.66 40.28
N LYS B 109 -25.97 -16.94 41.45
CA LYS B 109 -27.41 -17.20 41.56
C LYS B 109 -28.11 -15.94 41.10
N ASN B 110 -27.67 -14.81 41.61
CA ASN B 110 -28.32 -13.53 41.25
C ASN B 110 -28.12 -13.26 39.77
N VAL B 111 -26.90 -13.42 39.26
CA VAL B 111 -26.63 -13.04 37.85
C VAL B 111 -27.51 -13.89 36.97
N ARG B 112 -27.56 -15.19 37.25
CA ARG B 112 -28.33 -16.11 36.38
C ARG B 112 -29.82 -15.80 36.50
N THR B 113 -30.27 -15.52 37.71
CA THR B 113 -31.71 -15.21 37.93
C THR B 113 -32.00 -13.94 37.13
N ALA B 114 -31.03 -13.05 37.06
CA ALA B 114 -31.22 -11.75 36.38
C ALA B 114 -31.05 -11.88 34.86
N THR B 115 -30.37 -12.93 34.41
CA THR B 115 -30.16 -13.13 32.96
C THR B 115 -31.41 -13.74 32.35
N GLU B 116 -32.04 -14.66 33.07
CA GLU B 116 -33.24 -15.37 32.53
C GLU B 116 -34.45 -14.47 32.74
N SER B 117 -34.26 -13.28 33.31
CA SER B 117 -35.34 -12.29 33.45
C SER B 117 -35.82 -11.83 32.07
N PHE B 118 -34.91 -11.78 31.10
CA PHE B 118 -35.25 -11.37 29.72
C PHE B 118 -35.65 -12.58 28.89
N ALA B 119 -35.70 -13.76 29.49
CA ALA B 119 -35.98 -15.01 28.74
C ALA B 119 -37.43 -15.08 28.29
N SER B 120 -38.27 -14.15 28.72
CA SER B 120 -39.71 -14.22 28.39
C SER B 120 -39.86 -14.28 26.87
N ASP B 121 -39.08 -13.49 26.14
CA ASP B 121 -39.05 -13.64 24.67
C ASP B 121 -37.65 -14.11 24.35
N PRO B 122 -37.48 -15.28 23.72
CA PRO B 122 -36.15 -15.75 23.31
C PRO B 122 -35.49 -14.78 22.32
N ILE B 123 -36.30 -14.12 21.49
CA ILE B 123 -35.78 -13.17 20.45
C ILE B 123 -35.03 -12.04 21.14
N LEU B 124 -35.48 -11.58 22.29
CA LEU B 124 -34.82 -10.44 22.92
C LEU B 124 -33.83 -10.91 23.98
N TYR B 125 -33.68 -12.23 24.16
CA TYR B 125 -32.83 -12.73 25.29
C TYR B 125 -31.34 -12.61 25.02
N ARG B 126 -30.65 -11.95 25.93
CA ARG B 126 -29.19 -11.78 25.81
C ARG B 126 -28.52 -12.77 26.74
N PRO B 127 -27.74 -13.72 26.21
CA PRO B 127 -26.98 -14.61 27.07
C PRO B 127 -25.94 -13.83 27.88
N VAL B 128 -25.80 -14.14 29.18
CA VAL B 128 -24.77 -13.49 30.03
C VAL B 128 -23.84 -14.53 30.63
N ALA B 129 -22.54 -14.36 30.42
CA ALA B 129 -21.53 -15.34 30.88
C ALA B 129 -20.96 -14.94 32.22
N VAL B 130 -20.39 -15.92 32.92
CA VAL B 130 -19.83 -15.69 34.28
C VAL B 130 -18.35 -16.08 34.26
N ALA B 131 -17.48 -15.21 34.77
CA ALA B 131 -16.03 -15.48 34.78
C ALA B 131 -15.45 -15.59 36.20
N LEU B 132 -14.45 -16.46 36.39
CA LEU B 132 -13.74 -16.58 37.69
C LEU B 132 -12.33 -15.99 37.53
N ASP B 133 -12.02 -14.90 38.24
CA ASP B 133 -10.67 -14.28 38.19
C ASP B 133 -9.90 -14.79 39.41
N THR B 134 -8.87 -15.60 39.19
CA THR B 134 -8.15 -16.28 40.30
C THR B 134 -7.44 -15.29 41.22
N LYS B 135 -7.31 -15.65 42.51
CA LYS B 135 -6.51 -14.81 43.43
C LYS B 135 -5.07 -14.82 42.96
N GLY B 136 -4.55 -15.99 42.59
CA GLY B 136 -3.20 -16.09 42.02
C GLY B 136 -2.09 -16.02 43.06
N PRO B 137 -0.79 -16.02 42.66
CA PRO B 137 0.31 -15.81 43.61
C PRO B 137 0.44 -14.34 44.01
N GLU B 138 -0.28 -13.92 45.05
CA GLU B 138 -0.29 -12.50 45.45
C GLU B 138 0.44 -12.31 46.77
N ILE B 139 1.10 -11.17 46.96
CA ILE B 139 1.76 -10.87 48.27
C ILE B 139 1.01 -9.65 48.84
N ARG B 140 0.36 -9.80 50.00
CA ARG B 140 -0.49 -8.69 50.52
C ARG B 140 -0.15 -8.41 51.99
N THR B 141 -0.52 -7.23 52.49
CA THR B 141 -0.16 -6.83 53.87
C THR B 141 -1.11 -7.49 54.86
N GLU B 153 -1.87 6.37 57.07
CA GLU B 153 -1.13 7.55 57.60
C GLU B 153 0.37 7.27 57.51
N LEU B 154 0.96 7.51 56.34
CA LEU B 154 2.42 7.30 56.17
C LEU B 154 3.01 8.61 55.64
N LYS B 155 4.31 8.84 55.84
CA LYS B 155 4.95 10.13 55.46
C LYS B 155 6.29 9.83 54.80
N LYS B 156 6.85 10.79 54.07
CA LYS B 156 8.09 10.51 53.30
C LYS B 156 9.24 10.18 54.26
N GLY B 157 9.96 9.10 54.02
CA GLY B 157 11.12 8.72 54.84
C GLY B 157 10.70 8.24 56.21
N ALA B 158 9.42 7.93 56.42
CA ALA B 158 8.91 7.54 57.76
C ALA B 158 9.32 6.10 58.12
N THR B 159 9.21 5.72 59.39
CA THR B 159 9.72 4.40 59.82
C THR B 159 8.97 3.24 59.18
N LEU B 160 9.70 2.17 58.82
CA LEU B 160 9.11 0.96 58.21
C LEU B 160 9.88 -0.25 58.70
N LYS B 161 9.45 -0.88 59.80
CA LYS B 161 10.11 -2.14 60.26
C LYS B 161 9.16 -3.30 59.97
N ILE B 162 9.43 -4.07 58.90
CA ILE B 162 8.52 -5.18 58.47
C ILE B 162 8.51 -6.31 59.53
N THR B 163 7.36 -6.95 59.77
CA THR B 163 7.31 -8.10 60.71
C THR B 163 6.77 -9.37 60.04
N LEU B 164 7.48 -10.48 60.14
CA LEU B 164 6.93 -11.76 59.60
C LEU B 164 6.39 -12.52 60.82
N ASP B 165 6.02 -11.77 61.85
CA ASP B 165 5.39 -12.38 63.04
C ASP B 165 3.91 -12.54 62.68
N ASN B 166 3.45 -13.77 62.46
CA ASN B 166 2.06 -14.02 61.97
C ASN B 166 1.06 -13.70 63.10
N ALA B 167 1.55 -13.54 64.31
CA ALA B 167 0.66 -13.14 65.44
C ALA B 167 0.10 -11.76 65.11
N TYR B 168 0.79 -11.02 64.23
CA TYR B 168 0.33 -9.68 63.80
C TYR B 168 -0.38 -9.79 62.45
N MET B 169 -0.88 -10.97 62.09
CA MET B 169 -1.69 -11.05 60.85
C MET B 169 -2.89 -10.16 61.10
N GLU B 170 -3.44 -10.21 62.32
CA GLU B 170 -4.55 -9.29 62.68
C GLU B 170 -4.01 -7.86 62.79
N LYS B 171 -2.78 -7.68 63.27
CA LYS B 171 -2.28 -6.31 63.56
C LYS B 171 -1.34 -5.73 62.50
N CYS B 172 -1.77 -4.69 61.78
CA CYS B 172 -0.86 -3.98 60.82
C CYS B 172 -0.87 -2.50 61.19
N ASP B 173 0.31 -1.89 61.37
CA ASP B 173 0.40 -0.47 61.82
C ASP B 173 1.33 0.34 60.91
N GLU B 174 1.78 1.51 61.35
CA GLU B 174 2.70 2.38 60.56
C GLU B 174 4.04 1.68 60.36
N ASN B 175 4.53 0.98 61.39
CA ASN B 175 5.79 0.21 61.26
C ASN B 175 5.51 -1.26 61.60
N ILE B 176 4.24 -1.69 61.62
CA ILE B 176 3.93 -3.13 61.82
C ILE B 176 3.24 -3.63 60.56
N LEU B 177 3.70 -4.74 60.00
CA LEU B 177 3.13 -5.21 58.71
C LEU B 177 3.44 -6.69 58.54
N TRP B 178 2.95 -7.31 57.47
CA TRP B 178 3.35 -8.70 57.13
C TRP B 178 3.22 -8.88 55.62
N LEU B 179 4.05 -9.72 55.01
CA LEU B 179 3.99 -9.93 53.55
C LEU B 179 3.88 -11.45 53.34
N ASP B 180 3.09 -11.87 52.35
CA ASP B 180 2.87 -13.32 52.18
C ASP B 180 4.22 -13.98 51.91
N TYR B 181 5.09 -13.33 51.15
CA TYR B 181 6.36 -13.97 50.74
C TYR B 181 7.28 -14.29 51.91
N LYS B 182 7.86 -15.49 51.88
CA LYS B 182 8.86 -15.87 52.89
C LYS B 182 10.20 -15.90 52.16
N ASN B 183 10.18 -15.70 50.83
CA ASN B 183 11.42 -15.75 50.02
C ASN B 183 11.58 -14.42 49.27
N GLU B 189 17.73 -7.90 46.32
CA GLU B 189 19.15 -7.49 46.19
C GLU B 189 19.32 -6.06 46.76
N VAL B 190 20.51 -5.75 47.25
CA VAL B 190 20.76 -4.43 47.89
C VAL B 190 20.63 -3.33 46.83
N GLY B 191 20.03 -2.19 47.18
CA GLY B 191 19.84 -1.07 46.24
C GLY B 191 18.53 -1.15 45.48
N SER B 192 17.68 -2.10 45.83
CA SER B 192 16.40 -2.29 45.09
C SER B 192 15.26 -1.48 45.70
N LYS B 193 14.02 -1.71 45.25
CA LYS B 193 12.86 -0.91 45.71
C LYS B 193 11.63 -1.81 45.94
N ILE B 194 10.68 -1.35 46.77
CA ILE B 194 9.44 -2.12 47.04
C ILE B 194 8.27 -1.15 46.83
N TYR B 195 7.11 -1.66 46.42
CA TYR B 195 5.92 -0.81 46.20
C TYR B 195 4.73 -1.44 46.94
N VAL B 196 3.88 -0.62 47.54
CA VAL B 196 2.73 -1.13 48.35
C VAL B 196 1.45 -0.37 47.95
N ASP B 197 0.28 -0.93 48.23
CA ASP B 197 -1.03 -0.25 47.97
C ASP B 197 -1.11 0.24 46.53
N ASP B 198 -0.97 -0.70 45.58
CA ASP B 198 -1.10 -0.37 44.14
C ASP B 198 0.13 0.42 43.70
N GLY B 199 1.23 0.31 44.44
CA GLY B 199 2.48 0.97 44.03
C GLY B 199 2.37 2.47 44.21
N LEU B 200 1.27 2.93 44.83
CA LEU B 200 1.06 4.37 45.12
C LEU B 200 2.05 4.78 46.21
N ILE B 201 2.25 3.92 47.21
CA ILE B 201 3.29 4.19 48.25
C ILE B 201 4.51 3.37 47.87
N SER B 202 5.70 3.98 47.85
CA SER B 202 6.91 3.24 47.39
C SER B 202 7.94 3.19 48.51
N LEU B 203 8.89 2.26 48.42
CA LEU B 203 9.97 2.19 49.43
C LEU B 203 11.32 1.96 48.75
N GLN B 204 12.38 2.60 49.25
CA GLN B 204 13.75 2.33 48.74
C GLN B 204 14.41 1.42 49.77
N VAL B 205 14.86 0.23 49.33
CA VAL B 205 15.38 -0.80 50.30
C VAL B 205 16.90 -0.96 50.15
N LYS B 206 17.65 0.01 50.66
CA LYS B 206 19.12 -0.13 50.65
C LYS B 206 19.47 -1.30 51.57
N GLN B 207 18.73 -1.45 52.67
CA GLN B 207 19.05 -2.53 53.64
C GLN B 207 18.14 -3.72 53.38
N LYS B 208 18.70 -4.79 52.78
CA LYS B 208 17.94 -6.02 52.44
C LYS B 208 18.78 -7.18 52.98
N GLY B 209 18.20 -8.36 53.25
CA GLY B 209 19.08 -9.44 53.73
C GLY B 209 18.45 -10.77 54.08
N ALA B 210 18.81 -11.36 55.21
CA ALA B 210 18.38 -12.73 55.59
C ALA B 210 16.87 -12.91 55.81
N ASP B 211 16.20 -12.00 56.53
CA ASP B 211 14.77 -12.23 56.86
C ASP B 211 13.93 -10.99 56.54
N PHE B 212 14.05 -9.95 57.38
CA PHE B 212 13.29 -8.69 57.18
C PHE B 212 14.24 -7.53 56.97
N LEU B 213 13.84 -6.61 56.11
CA LEU B 213 14.72 -5.48 55.75
C LEU B 213 14.01 -4.17 56.13
N VAL B 214 14.67 -3.31 56.93
CA VAL B 214 14.01 -2.08 57.46
C VAL B 214 14.46 -0.88 56.62
N THR B 215 13.52 -0.22 55.94
CA THR B 215 13.93 0.86 55.00
C THR B 215 12.93 2.02 54.97
N GLU B 216 13.39 3.22 54.55
CA GLU B 216 12.54 4.44 54.61
C GLU B 216 11.51 4.48 53.49
N VAL B 217 10.30 4.96 53.81
CA VAL B 217 9.23 5.08 52.78
C VAL B 217 9.69 6.10 51.72
N GLU B 218 9.49 5.80 50.43
CA GLU B 218 9.93 6.71 49.34
C GLU B 218 8.83 7.73 49.07
N ASN B 219 7.70 7.62 49.76
CA ASN B 219 6.55 8.52 49.55
C ASN B 219 5.56 8.36 50.70
N GLY B 220 4.33 8.84 50.55
CA GLY B 220 3.31 8.59 51.57
C GLY B 220 1.94 8.46 50.93
N GLY B 221 1.05 7.64 51.50
CA GLY B 221 -0.32 7.53 50.97
C GLY B 221 -1.38 7.15 51.99
N SER B 222 -2.67 7.44 51.73
CA SER B 222 -3.76 6.95 52.61
C SER B 222 -3.73 5.42 52.55
N LEU B 223 -3.86 4.71 53.69
CA LEU B 223 -3.65 3.23 53.61
C LEU B 223 -4.80 2.38 54.14
N GLY B 224 -4.96 1.17 53.60
CA GLY B 224 -5.94 0.19 54.08
C GLY B 224 -5.19 -1.14 54.18
N SER B 225 -5.67 -2.13 54.93
CA SER B 225 -4.86 -3.37 55.11
C SER B 225 -4.93 -4.31 53.90
N LYS B 226 -4.12 -5.37 53.89
CA LYS B 226 -4.19 -6.39 52.81
C LYS B 226 -3.97 -5.72 51.45
N LYS B 227 -2.75 -5.21 51.20
CA LYS B 227 -2.51 -4.41 49.97
C LYS B 227 -1.42 -4.98 49.07
N GLY B 228 -1.46 -4.64 47.79
CA GLY B 228 -0.50 -5.22 46.83
C GLY B 228 0.93 -4.79 47.07
N VAL B 229 1.85 -5.74 47.07
CA VAL B 229 3.30 -5.44 47.18
C VAL B 229 3.97 -6.13 46.00
N ASN B 230 4.76 -5.42 45.19
CA ASN B 230 5.31 -6.04 43.96
C ASN B 230 6.80 -5.75 43.87
N LEU B 231 7.52 -6.64 43.17
CA LEU B 231 9.00 -6.55 43.09
C LEU B 231 9.40 -6.64 41.62
N PRO B 232 9.71 -5.52 40.95
CA PRO B 232 10.04 -5.54 39.54
C PRO B 232 11.31 -6.36 39.27
N GLY B 233 12.22 -6.45 40.24
CA GLY B 233 13.52 -7.10 40.08
C GLY B 233 13.58 -8.61 39.81
N ALA B 234 12.74 -9.43 40.45
CA ALA B 234 12.94 -10.90 40.30
C ALA B 234 11.84 -11.66 39.57
N ALA B 235 12.19 -12.75 38.88
CA ALA B 235 11.16 -13.63 38.28
C ALA B 235 10.50 -14.35 39.48
N VAL B 236 9.18 -14.45 39.50
CA VAL B 236 8.51 -14.96 40.72
C VAL B 236 8.87 -16.40 41.05
N ASP B 237 8.87 -17.31 40.09
CA ASP B 237 9.13 -18.74 40.44
C ASP B 237 8.13 -19.11 41.55
N LEU B 238 6.90 -18.59 41.48
CA LEU B 238 5.92 -18.82 42.56
C LEU B 238 4.74 -19.52 41.93
N PRO B 239 3.97 -20.33 42.67
CA PRO B 239 2.90 -21.11 42.05
C PRO B 239 1.79 -20.28 41.41
N ALA B 240 1.70 -20.28 40.07
CA ALA B 240 0.59 -19.59 39.42
C ALA B 240 -0.70 -20.15 39.99
N VAL B 241 -0.74 -21.46 40.22
CA VAL B 241 -1.92 -22.03 40.89
C VAL B 241 -1.53 -22.45 42.30
N SER B 242 -2.09 -21.79 43.31
CA SER B 242 -1.87 -22.16 44.72
C SER B 242 -2.85 -23.27 45.10
N GLU B 243 -2.82 -23.74 46.35
CA GLU B 243 -3.86 -24.69 46.82
C GLU B 243 -5.20 -23.97 46.83
N LYS B 244 -5.22 -22.70 47.19
CA LYS B 244 -6.48 -21.90 47.21
C LYS B 244 -7.06 -21.84 45.82
N ASP B 245 -6.21 -21.53 44.84
CA ASP B 245 -6.68 -21.38 43.44
C ASP B 245 -7.28 -22.69 42.98
N ILE B 246 -6.70 -23.83 43.38
CA ILE B 246 -7.22 -25.17 42.98
C ILE B 246 -8.63 -25.35 43.55
N GLN B 247 -8.82 -24.98 44.81
CA GLN B 247 -10.16 -25.07 45.45
C GLN B 247 -11.13 -24.14 44.74
N ASP B 248 -10.68 -22.95 44.35
CA ASP B 248 -11.55 -21.97 43.64
C ASP B 248 -11.93 -22.48 42.25
N LEU B 249 -10.97 -23.04 41.53
CA LEU B 249 -11.20 -23.54 40.16
C LEU B 249 -12.22 -24.68 40.18
N LYS B 250 -12.13 -25.57 41.15
CA LYS B 250 -13.08 -26.71 41.28
C LYS B 250 -14.47 -26.15 41.55
N PHE B 251 -14.55 -25.11 42.37
CA PHE B 251 -15.85 -24.48 42.69
C PHE B 251 -16.41 -23.91 41.41
N GLY B 252 -15.54 -23.38 40.56
CA GLY B 252 -16.00 -22.84 39.27
C GLY B 252 -16.63 -23.91 38.43
N VAL B 253 -15.99 -25.07 38.37
CA VAL B 253 -16.51 -26.16 37.50
C VAL B 253 -17.88 -26.58 38.01
N GLU B 254 -18.03 -26.70 39.33
CA GLU B 254 -19.33 -27.11 39.93
C GLU B 254 -20.31 -25.97 39.70
N GLN B 255 -19.79 -24.75 39.52
CA GLN B 255 -20.65 -23.56 39.29
C GLN B 255 -20.88 -23.28 37.80
N ASP B 256 -20.38 -24.13 36.91
CA ASP B 256 -20.52 -23.94 35.44
C ASP B 256 -19.98 -22.58 34.98
N VAL B 257 -18.73 -22.27 35.33
CA VAL B 257 -18.11 -21.01 34.82
C VAL B 257 -17.71 -21.20 33.34
N ASP B 258 -18.10 -20.28 32.47
CA ASP B 258 -17.77 -20.33 31.02
C ASP B 258 -16.29 -20.01 30.80
N MET B 259 -15.78 -19.00 31.48
CA MET B 259 -14.38 -18.58 31.31
C MET B 259 -13.71 -18.44 32.68
N VAL B 260 -12.41 -18.72 32.72
CA VAL B 260 -11.62 -18.58 33.96
C VAL B 260 -10.53 -17.55 33.65
N PHE B 261 -10.32 -16.60 34.56
CA PHE B 261 -9.29 -15.55 34.37
C PHE B 261 -8.06 -15.92 35.21
N ALA B 262 -7.08 -16.55 34.59
CA ALA B 262 -5.85 -17.02 35.27
C ALA B 262 -4.94 -15.85 35.63
N SER B 263 -4.39 -15.85 36.84
CA SER B 263 -3.64 -14.66 37.31
C SER B 263 -2.12 -14.91 37.39
N PHE B 264 -1.32 -13.86 37.18
CA PHE B 264 0.16 -13.92 37.28
C PHE B 264 0.75 -15.02 36.39
N ILE B 265 0.24 -15.13 35.17
CA ILE B 265 0.81 -16.12 34.22
C ILE B 265 2.14 -15.62 33.69
N ARG B 266 3.19 -16.42 33.82
CA ARG B 266 4.53 -16.04 33.37
C ARG B 266 4.95 -17.01 32.26
N LYS B 267 4.41 -18.23 32.29
CA LYS B 267 4.85 -19.25 31.32
C LYS B 267 3.71 -20.17 30.89
N ALA B 268 3.88 -20.90 29.80
CA ALA B 268 2.90 -21.87 29.29
C ALA B 268 2.71 -22.98 30.32
N SER B 269 3.75 -23.24 31.10
CA SER B 269 3.67 -24.27 32.17
C SER B 269 2.54 -23.88 33.10
N ASP B 270 2.42 -22.59 33.39
CA ASP B 270 1.35 -22.06 34.28
C ASP B 270 -0.02 -22.25 33.62
N VAL B 271 -0.13 -22.03 32.32
CA VAL B 271 -1.42 -22.14 31.59
C VAL B 271 -1.92 -23.60 31.58
N HIS B 272 -1.00 -24.55 31.46
CA HIS B 272 -1.37 -25.99 31.48
C HIS B 272 -1.88 -26.39 32.86
N GLU B 273 -1.26 -25.85 33.91
CA GLU B 273 -1.64 -26.22 35.29
C GLU B 273 -3.11 -25.86 35.52
N VAL B 274 -3.54 -24.67 35.10
CA VAL B 274 -4.96 -24.27 35.25
C VAL B 274 -5.83 -25.23 34.42
N ARG B 275 -5.49 -25.44 33.16
CA ARG B 275 -6.25 -26.35 32.27
C ARG B 275 -6.47 -27.70 32.93
N LYS B 276 -5.40 -28.39 33.31
CA LYS B 276 -5.52 -29.77 33.85
C LYS B 276 -6.28 -29.81 35.17
N VAL B 277 -6.06 -28.84 36.04
CA VAL B 277 -6.79 -28.76 37.35
C VAL B 277 -8.29 -28.59 37.07
N LEU B 278 -8.67 -27.81 36.06
CA LEU B 278 -10.11 -27.72 35.68
C LEU B 278 -10.58 -29.11 35.23
N GLY B 279 -9.76 -29.81 34.46
CA GLY B 279 -10.07 -31.22 34.14
C GLY B 279 -11.02 -31.46 33.01
N GLU B 280 -11.36 -32.73 32.75
CA GLU B 280 -12.29 -33.11 31.65
C GLU B 280 -13.69 -32.58 31.95
N LYS B 281 -14.08 -32.59 33.21
CA LYS B 281 -15.38 -32.00 33.56
C LYS B 281 -15.31 -30.52 33.16
N GLY B 282 -14.10 -29.96 33.11
CA GLY B 282 -13.92 -28.54 32.76
C GLY B 282 -13.01 -28.31 31.59
N LYS B 283 -12.92 -29.25 30.67
CA LYS B 283 -12.11 -29.07 29.45
C LYS B 283 -12.66 -27.93 28.61
N ASN B 284 -13.97 -27.81 28.49
CA ASN B 284 -14.58 -26.82 27.57
C ASN B 284 -14.65 -25.46 28.22
N ILE B 285 -14.18 -25.33 29.46
CA ILE B 285 -14.09 -23.99 30.09
C ILE B 285 -12.95 -23.24 29.40
N LYS B 286 -13.20 -21.99 29.00
CA LYS B 286 -12.17 -21.17 28.33
C LYS B 286 -11.15 -20.69 29.38
N ILE B 287 -9.86 -20.74 29.06
CA ILE B 287 -8.81 -20.26 29.99
C ILE B 287 -8.18 -19.00 29.42
N ILE B 288 -8.26 -17.90 30.17
CA ILE B 288 -7.66 -16.60 29.75
C ILE B 288 -6.48 -16.33 30.68
N SER B 289 -5.30 -16.07 30.13
CA SER B 289 -4.08 -15.81 30.93
C SER B 289 -3.90 -14.30 31.12
N LYS B 290 -3.69 -13.85 32.35
CA LYS B 290 -3.56 -12.40 32.63
C LYS B 290 -2.09 -12.06 32.76
N ILE B 291 -1.61 -11.14 31.92
CA ILE B 291 -0.17 -10.76 31.93
C ILE B 291 0.00 -9.53 32.80
N GLU B 292 0.69 -9.68 33.93
CA GLU B 292 0.88 -8.58 34.91
C GLU B 292 2.36 -8.44 35.26
N ASN B 293 3.25 -9.11 34.53
CA ASN B 293 4.71 -9.03 34.79
C ASN B 293 5.55 -9.05 33.51
N HIS B 294 6.86 -8.80 33.63
CA HIS B 294 7.82 -8.77 32.50
C HIS B 294 8.05 -10.13 31.85
N GLU B 295 8.10 -11.21 32.63
CA GLU B 295 8.37 -12.56 32.08
C GLU B 295 7.26 -12.93 31.11
N GLY B 296 6.02 -12.63 31.48
CA GLY B 296 4.88 -12.89 30.61
C GLY B 296 4.96 -12.12 29.31
N VAL B 297 5.36 -10.85 29.36
CA VAL B 297 5.54 -10.06 28.12
C VAL B 297 6.66 -10.70 27.30
N ARG B 298 7.74 -11.10 27.96
CA ARG B 298 8.86 -11.78 27.27
C ARG B 298 8.41 -13.14 26.73
N ARG B 299 7.64 -13.90 27.51
CA ARG B 299 7.24 -15.29 27.16
C ARG B 299 5.81 -15.29 26.62
N PHE B 300 5.34 -14.16 26.10
CA PHE B 300 3.95 -14.04 25.61
C PHE B 300 3.68 -15.03 24.48
N ASP B 301 4.61 -15.20 23.56
CA ASP B 301 4.32 -16.06 22.40
C ASP B 301 3.99 -17.45 22.92
N GLU B 302 4.80 -17.95 23.84
CA GLU B 302 4.58 -19.31 24.41
C GLU B 302 3.25 -19.39 25.15
N ILE B 303 2.91 -18.38 25.94
CA ILE B 303 1.63 -18.34 26.70
C ILE B 303 0.44 -18.31 25.74
N LEU B 304 0.52 -17.52 24.66
CA LEU B 304 -0.62 -17.33 23.74
C LEU B 304 -1.03 -18.66 23.10
N GLU B 305 -0.06 -19.47 22.69
CA GLU B 305 -0.36 -20.76 22.01
C GLU B 305 -1.10 -21.65 22.99
N ALA B 306 -0.67 -21.64 24.26
CA ALA B 306 -1.35 -22.41 25.31
C ALA B 306 -2.73 -21.85 25.66
N SER B 307 -2.84 -20.52 25.82
CA SER B 307 -4.08 -19.86 26.26
C SER B 307 -5.12 -19.70 25.17
N ASP B 308 -6.40 -19.76 25.54
CA ASP B 308 -7.52 -19.60 24.59
C ASP B 308 -7.69 -18.10 24.36
N GLY B 309 -7.20 -17.31 25.30
CA GLY B 309 -7.37 -15.85 25.22
C GLY B 309 -6.43 -15.17 26.18
N ILE B 310 -6.34 -13.85 26.09
CA ILE B 310 -5.36 -13.10 26.91
C ILE B 310 -6.01 -11.89 27.59
N MET B 311 -5.57 -11.56 28.80
CA MET B 311 -6.01 -10.30 29.42
C MET B 311 -4.77 -9.44 29.66
N VAL B 312 -4.79 -8.22 29.16
CA VAL B 312 -3.68 -7.28 29.47
C VAL B 312 -4.05 -6.67 30.82
N ALA B 313 -3.59 -7.32 31.89
CA ALA B 313 -3.80 -6.85 33.27
C ALA B 313 -2.85 -5.69 33.52
N ARG B 314 -3.28 -4.48 33.20
CA ARG B 314 -2.41 -3.28 33.27
C ARG B 314 -1.97 -2.85 34.66
N GLY B 315 -2.84 -2.91 35.66
CA GLY B 315 -2.51 -2.30 36.96
C GLY B 315 -1.29 -2.88 37.61
N ASP B 316 -1.18 -4.21 37.66
CA ASP B 316 0.03 -4.85 38.22
C ASP B 316 1.21 -4.73 37.24
N LEU B 317 0.94 -4.71 35.94
CA LEU B 317 2.01 -4.58 34.91
C LEU B 317 2.71 -3.22 35.03
N GLY B 318 1.97 -2.16 35.30
CA GLY B 318 2.56 -0.82 35.49
C GLY B 318 3.48 -0.74 36.68
N ILE B 319 3.17 -1.45 37.76
CA ILE B 319 4.10 -1.53 38.92
C ILE B 319 5.32 -2.34 38.50
N GLU B 320 5.09 -3.48 37.85
CA GLU B 320 6.17 -4.42 37.48
C GLU B 320 7.11 -3.85 36.44
N ILE B 321 6.55 -3.17 35.45
CA ILE B 321 7.38 -2.59 34.38
C ILE B 321 7.32 -1.08 34.54
N PRO B 322 8.19 -0.30 33.89
CA PRO B 322 8.02 1.12 33.93
C PRO B 322 6.63 1.37 33.32
N ALA B 323 5.79 2.19 33.96
CA ALA B 323 4.37 2.39 33.53
C ALA B 323 4.21 3.09 32.18
N GLU B 324 5.14 3.96 31.82
CA GLU B 324 5.10 4.67 30.53
C GLU B 324 5.19 3.66 29.38
N LYS B 325 5.75 2.48 29.62
CA LYS B 325 5.93 1.44 28.59
C LYS B 325 4.74 0.46 28.53
N VAL B 326 3.70 0.68 29.33
CA VAL B 326 2.53 -0.25 29.40
C VAL B 326 1.75 -0.24 28.09
N PHE B 327 1.59 0.91 27.45
CA PHE B 327 0.81 1.02 26.19
C PHE B 327 1.47 0.17 25.11
N LEU B 328 2.80 0.13 25.08
CA LEU B 328 3.55 -0.68 24.12
C LEU B 328 3.23 -2.16 24.33
N ALA B 329 3.18 -2.62 25.57
CA ALA B 329 2.88 -4.03 25.90
C ALA B 329 1.46 -4.40 25.50
N GLN B 330 0.51 -3.47 25.63
CA GLN B 330 -0.88 -3.69 25.19
C GLN B 330 -1.03 -3.77 23.67
N LYS B 331 -0.43 -2.84 22.92
CA LYS B 331 -0.58 -2.79 21.44
C LYS B 331 0.18 -3.96 20.88
N MET B 332 1.22 -4.36 21.57
CA MET B 332 1.96 -5.59 21.23
C MET B 332 0.98 -6.77 21.35
N MET B 333 0.54 -7.10 22.57
CA MET B 333 -0.31 -8.29 22.82
C MET B 333 -1.61 -8.31 22.01
N ILE B 334 -2.33 -7.19 21.96
CA ILE B 334 -3.59 -7.11 21.18
C ILE B 334 -3.31 -7.42 19.72
N GLY B 335 -2.27 -6.84 19.13
CA GLY B 335 -1.95 -7.07 17.71
C GLY B 335 -1.60 -8.50 17.38
N ARG B 336 -0.75 -9.13 18.19
CA ARG B 336 -0.37 -10.54 18.00
C ARG B 336 -1.61 -11.40 18.21
N CYS B 337 -2.46 -11.03 19.16
CA CYS B 337 -3.71 -11.78 19.46
C CYS B 337 -4.64 -11.71 18.26
N ASN B 338 -4.71 -10.56 17.60
CA ASN B 338 -5.50 -10.44 16.35
C ASN B 338 -4.84 -11.30 15.27
N ARG B 339 -3.51 -11.28 15.19
CA ARG B 339 -2.77 -12.09 14.20
C ARG B 339 -3.02 -13.57 14.49
N ALA B 340 -3.06 -13.97 15.77
CA ALA B 340 -3.35 -15.35 16.15
C ALA B 340 -4.86 -15.65 16.09
N GLY B 341 -5.71 -14.65 16.27
CA GLY B 341 -7.16 -14.84 16.20
C GLY B 341 -7.73 -15.25 17.53
N LYS B 342 -6.99 -15.01 18.61
CA LYS B 342 -7.42 -15.45 19.97
C LYS B 342 -7.90 -14.23 20.76
N PRO B 343 -8.94 -14.36 21.61
CA PRO B 343 -9.51 -13.21 22.33
C PRO B 343 -8.56 -12.41 23.25
N VAL B 344 -8.71 -11.09 23.28
CA VAL B 344 -7.86 -10.21 24.13
C VAL B 344 -8.72 -9.29 25.00
N ILE B 345 -8.34 -9.12 26.27
CA ILE B 345 -9.06 -8.19 27.18
C ILE B 345 -8.13 -7.07 27.68
N CYS B 346 -8.49 -5.81 27.48
CA CYS B 346 -7.75 -4.66 28.09
C CYS B 346 -8.51 -4.44 29.39
N ALA B 347 -7.82 -4.39 30.52
CA ALA B 347 -8.62 -4.44 31.75
C ALA B 347 -8.58 -3.38 32.85
N THR B 348 -7.53 -2.60 33.05
CA THR B 348 -7.54 -1.80 34.30
C THR B 348 -7.58 -0.28 34.22
N GLN B 349 -8.47 0.37 35.00
CA GLN B 349 -8.51 1.85 35.14
C GLN B 349 -9.17 2.55 33.96
N MET B 350 -9.85 1.79 33.11
CA MET B 350 -10.45 2.33 31.87
C MET B 350 -11.45 3.47 32.14
N LEU B 351 -12.20 3.43 33.25
CA LEU B 351 -13.13 4.53 33.67
C LEU B 351 -13.02 4.67 35.18
N GLU B 352 -11.81 4.71 35.75
CA GLU B 352 -11.60 4.66 37.23
C GLU B 352 -12.33 5.78 37.99
N SER B 353 -12.41 6.97 37.42
CA SER B 353 -13.06 8.13 38.05
C SER B 353 -14.53 7.83 38.33
N MET B 354 -15.17 6.95 37.55
CA MET B 354 -16.63 6.67 37.65
C MET B 354 -17.01 5.91 38.94
N ILE B 355 -16.05 5.44 39.72
CA ILE B 355 -16.35 4.83 41.03
C ILE B 355 -17.01 5.92 41.88
N LYS B 356 -16.53 7.16 41.77
CA LYS B 356 -17.13 8.31 42.50
C LYS B 356 -17.79 9.31 41.56
N LYS B 357 -17.56 9.24 40.25
CA LYS B 357 -18.06 10.31 39.34
C LYS B 357 -19.04 9.80 38.28
N PRO B 358 -20.18 10.50 38.08
CA PRO B 358 -21.20 10.06 37.13
C PRO B 358 -20.73 10.06 35.67
N ARG B 359 -19.68 10.83 35.38
CA ARG B 359 -19.14 10.90 34.00
C ARG B 359 -17.67 10.56 34.02
N PRO B 360 -17.11 10.00 32.92
CA PRO B 360 -15.68 9.74 32.83
C PRO B 360 -14.78 10.93 32.46
N THR B 361 -13.47 10.79 32.67
CA THR B 361 -12.50 11.82 32.22
C THR B 361 -12.27 11.67 30.71
N ARG B 362 -11.72 12.68 30.06
CA ARG B 362 -11.42 12.63 28.61
C ARG B 362 -10.38 11.53 28.33
N ALA B 363 -9.37 11.38 29.17
CA ALA B 363 -8.36 10.31 29.03
C ALA B 363 -9.01 8.94 29.16
N GLU B 364 -9.96 8.82 30.07
CA GLU B 364 -10.69 7.55 30.25
C GLU B 364 -11.47 7.21 28.99
N GLY B 365 -12.14 8.17 28.38
CA GLY B 365 -12.85 7.95 27.11
C GLY B 365 -11.91 7.55 26.00
N SER B 366 -10.75 8.20 25.90
CA SER B 366 -9.74 7.90 24.85
C SER B 366 -9.17 6.48 25.01
N ASP B 367 -8.91 6.03 26.23
CA ASP B 367 -8.30 4.69 26.45
C ASP B 367 -9.24 3.62 25.93
N VAL B 368 -10.53 3.77 26.20
CA VAL B 368 -11.52 2.74 25.81
C VAL B 368 -11.55 2.68 24.29
N ALA B 369 -11.57 3.83 23.64
CA ALA B 369 -11.64 3.92 22.18
C ALA B 369 -10.36 3.40 21.57
N ASN B 370 -9.25 3.75 22.19
CA ASN B 370 -7.94 3.32 21.67
C ASN B 370 -7.79 1.81 21.83
N ALA B 371 -8.29 1.22 22.88
CA ALA B 371 -8.27 -0.27 22.98
C ALA B 371 -9.05 -0.87 21.81
N VAL B 372 -10.28 -0.42 21.61
CA VAL B 372 -11.13 -0.93 20.51
C VAL B 372 -10.45 -0.62 19.17
N LEU B 373 -9.85 0.55 19.03
CA LEU B 373 -9.10 0.88 17.80
C LEU B 373 -7.90 -0.05 17.63
N ASP B 374 -7.17 -0.35 18.70
CA ASP B 374 -5.98 -1.24 18.67
C ASP B 374 -6.41 -2.63 18.22
N GLY B 375 -7.66 -3.01 18.48
CA GLY B 375 -8.18 -4.30 18.04
C GLY B 375 -8.66 -5.18 19.17
N ALA B 376 -8.84 -4.62 20.36
CA ALA B 376 -9.26 -5.42 21.54
C ALA B 376 -10.62 -6.08 21.39
N ASP B 377 -10.71 -7.35 21.74
CA ASP B 377 -11.98 -8.10 21.70
C ASP B 377 -12.94 -7.62 22.80
N CYS B 378 -12.43 -7.42 24.02
CA CYS B 378 -13.31 -7.10 25.17
C CYS B 378 -12.75 -5.92 25.98
N ILE B 379 -13.62 -5.11 26.58
CA ILE B 379 -13.20 -3.98 27.47
C ILE B 379 -13.69 -4.29 28.89
N MET B 380 -12.88 -4.00 29.91
CA MET B 380 -13.25 -4.42 31.29
C MET B 380 -13.57 -3.29 32.25
N LEU B 381 -14.60 -3.52 33.07
CA LEU B 381 -14.95 -2.58 34.14
C LEU B 381 -14.66 -3.33 35.42
N SER B 382 -13.90 -2.72 36.33
CA SER B 382 -13.49 -3.41 37.57
C SER B 382 -14.31 -2.85 38.76
N GLY B 383 -13.77 -1.89 39.48
CA GLY B 383 -14.47 -1.29 40.64
C GLY B 383 -15.60 -0.42 40.18
N GLU B 384 -15.54 0.02 38.94
CA GLU B 384 -16.56 0.91 38.37
C GLU B 384 -17.91 0.24 38.55
N THR B 385 -17.92 -1.09 38.50
CA THR B 385 -19.17 -1.86 38.68
C THR B 385 -19.21 -2.51 40.06
N ALA B 386 -18.09 -3.04 40.54
CA ALA B 386 -18.05 -3.80 41.81
C ALA B 386 -18.34 -2.98 43.06
N LYS B 387 -17.73 -1.81 43.22
CA LYS B 387 -17.88 -0.99 44.46
C LYS B 387 -18.16 0.45 44.05
N GLY B 388 -18.61 0.66 42.84
CA GLY B 388 -18.80 2.02 42.32
C GLY B 388 -20.06 2.68 42.81
N ASP B 389 -20.21 3.95 42.51
CA ASP B 389 -21.47 4.65 42.84
C ASP B 389 -22.27 4.76 41.55
N TYR B 390 -21.67 4.37 40.43
CA TYR B 390 -22.34 4.47 39.10
C TYR B 390 -22.03 3.25 38.25
N PRO B 391 -22.45 2.04 38.66
CA PRO B 391 -22.22 0.84 37.86
C PRO B 391 -22.91 0.89 36.49
N LEU B 392 -24.16 1.32 36.46
CA LEU B 392 -24.94 1.36 35.20
C LEU B 392 -24.36 2.40 34.25
N GLU B 393 -24.00 3.55 34.77
CA GLU B 393 -23.55 4.67 33.91
C GLU B 393 -22.27 4.30 33.16
N ALA B 394 -21.35 3.62 33.83
CA ALA B 394 -20.09 3.19 33.21
C ALA B 394 -20.34 2.25 32.04
N VAL B 395 -21.19 1.25 32.23
CA VAL B 395 -21.47 0.25 31.18
C VAL B 395 -22.08 0.99 30.00
N ARG B 396 -22.93 1.96 30.28
CA ARG B 396 -23.58 2.77 29.23
C ARG B 396 -22.54 3.58 28.48
N MET B 397 -21.58 4.14 29.19
CA MET B 397 -20.47 4.89 28.54
C MET B 397 -19.61 3.95 27.71
N GLN B 398 -19.27 2.80 28.27
CA GLN B 398 -18.35 1.89 27.57
C GLN B 398 -19.02 1.42 26.29
N HIS B 399 -20.30 1.11 26.33
CA HIS B 399 -21.06 0.65 25.15
C HIS B 399 -21.07 1.74 24.09
N LEU B 400 -21.25 2.98 24.53
CA LEU B 400 -21.25 4.11 23.59
C LEU B 400 -19.87 4.36 22.98
N ILE B 401 -18.82 4.37 23.80
CA ILE B 401 -17.45 4.67 23.28
C ILE B 401 -17.05 3.52 22.34
N ALA B 402 -17.32 2.28 22.76
CA ALA B 402 -17.00 1.10 21.96
C ALA B 402 -17.69 1.18 20.61
N ARG B 403 -18.95 1.60 20.59
CA ARG B 403 -19.72 1.66 19.33
C ARG B 403 -19.09 2.67 18.39
N GLU B 404 -18.73 3.83 18.91
CA GLU B 404 -18.18 4.91 18.07
C GLU B 404 -16.84 4.47 17.49
N ALA B 405 -16.03 3.80 18.30
CA ALA B 405 -14.67 3.39 17.88
C ALA B 405 -14.72 2.36 16.76
N GLU B 406 -15.66 1.42 16.86
CA GLU B 406 -15.74 0.34 15.86
C GLU B 406 -16.06 1.00 14.52
N ALA B 407 -16.91 2.01 14.54
CA ALA B 407 -17.21 2.80 13.33
C ALA B 407 -15.93 3.50 12.85
N ALA B 408 -15.07 3.91 13.77
CA ALA B 408 -13.83 4.66 13.46
C ALA B 408 -12.63 3.77 13.17
N ILE B 409 -12.83 2.47 13.00
CA ILE B 409 -11.71 1.58 12.56
C ILE B 409 -11.47 1.77 11.06
N TYR B 410 -10.23 1.76 10.60
CA TYR B 410 -9.90 1.80 9.15
C TYR B 410 -9.87 0.35 8.68
N HIS B 411 -11.02 -0.21 8.36
CA HIS B 411 -11.11 -1.64 7.99
C HIS B 411 -10.31 -1.93 6.74
N LEU B 412 -10.24 -0.99 5.80
CA LEU B 412 -9.61 -1.29 4.50
C LEU B 412 -8.19 -1.80 4.73
N GLN B 413 -7.43 -1.13 5.61
CA GLN B 413 -6.07 -1.60 5.96
C GLN B 413 -6.11 -2.86 6.82
N LEU B 414 -6.99 -2.90 7.81
CA LEU B 414 -7.01 -4.03 8.77
C LEU B 414 -7.35 -5.35 8.08
N PHE B 415 -8.34 -5.35 7.21
CA PHE B 415 -8.70 -6.60 6.50
C PHE B 415 -7.55 -7.04 5.60
N GLU B 416 -6.99 -6.12 4.83
CA GLU B 416 -5.91 -6.50 3.89
C GLU B 416 -4.73 -7.01 4.70
N GLU B 417 -4.43 -6.33 5.81
CA GLU B 417 -3.28 -6.72 6.66
C GLU B 417 -3.52 -8.08 7.27
N LEU B 418 -4.75 -8.34 7.72
CA LEU B 418 -5.09 -9.62 8.38
C LEU B 418 -4.94 -10.78 7.40
N ARG B 419 -5.51 -10.65 6.21
CA ARG B 419 -5.40 -11.70 5.18
C ARG B 419 -3.94 -11.93 4.78
N ARG B 420 -3.21 -10.87 4.52
CA ARG B 420 -1.83 -11.07 3.99
C ARG B 420 -1.00 -11.80 5.03
N LEU B 421 -1.10 -11.37 6.29
CA LEU B 421 -0.38 -12.06 7.39
C LEU B 421 -0.93 -13.47 7.57
N ALA B 422 -2.24 -13.64 7.39
CA ALA B 422 -2.89 -14.95 7.62
C ALA B 422 -2.37 -15.99 6.65
N PRO B 423 -2.15 -17.23 7.10
CA PRO B 423 -1.71 -18.30 6.22
C PRO B 423 -2.76 -18.87 5.25
N ILE B 424 -2.32 -19.43 4.12
CA ILE B 424 -3.24 -20.13 3.16
C ILE B 424 -3.66 -21.43 3.84
N THR B 425 -4.93 -21.80 3.77
CA THR B 425 -5.40 -22.98 4.54
C THR B 425 -6.23 -23.99 3.77
N SER B 426 -6.09 -25.27 4.11
CA SER B 426 -6.94 -26.34 3.55
C SER B 426 -8.37 -26.18 4.09
N ASP B 427 -8.52 -25.69 5.31
CA ASP B 427 -9.85 -25.66 5.96
C ASP B 427 -10.84 -24.89 5.11
N PRO B 428 -11.94 -25.54 4.69
CA PRO B 428 -12.99 -24.89 3.95
C PRO B 428 -13.65 -23.81 4.82
N THR B 429 -13.76 -24.04 6.12
CA THR B 429 -14.43 -23.10 7.05
C THR B 429 -13.72 -21.74 7.11
N GLU B 430 -12.39 -21.74 7.20
CA GLU B 430 -11.60 -20.47 7.18
C GLU B 430 -11.77 -19.83 5.82
N ALA B 431 -11.75 -20.65 4.77
CA ALA B 431 -11.92 -20.14 3.39
C ALA B 431 -13.32 -19.56 3.20
N THR B 432 -14.32 -20.16 3.83
CA THR B 432 -15.70 -19.63 3.77
C THR B 432 -15.77 -18.28 4.47
N ALA B 433 -15.08 -18.16 5.60
CA ALA B 433 -15.14 -16.94 6.43
C ALA B 433 -14.49 -15.71 5.81
N VAL B 434 -13.31 -15.87 5.23
CA VAL B 434 -12.65 -14.72 4.56
C VAL B 434 -13.56 -14.27 3.42
N GLY B 435 -14.19 -15.22 2.74
CA GLY B 435 -15.14 -14.87 1.67
C GLY B 435 -16.33 -14.14 2.20
N ALA B 436 -16.89 -14.60 3.31
CA ALA B 436 -18.07 -13.97 3.92
C ALA B 436 -17.79 -12.54 4.40
N VAL B 437 -16.60 -12.27 4.95
CA VAL B 437 -16.21 -10.90 5.40
C VAL B 437 -16.01 -9.93 4.22
N GLU B 438 -15.34 -10.36 3.15
CA GLU B 438 -15.19 -9.50 1.94
C GLU B 438 -16.57 -9.29 1.34
N ALA B 439 -17.38 -10.33 1.35
CA ALA B 439 -18.75 -10.25 0.83
C ALA B 439 -19.54 -9.23 1.63
N SER B 440 -19.34 -9.19 2.94
CA SER B 440 -20.05 -8.25 3.84
C SER B 440 -19.71 -6.80 3.54
N PHE B 441 -18.45 -6.50 3.21
CA PHE B 441 -18.02 -5.14 2.85
C PHE B 441 -18.64 -4.69 1.51
N LYS B 442 -18.59 -5.53 0.49
CA LYS B 442 -19.09 -5.18 -0.85
C LYS B 442 -20.58 -4.93 -0.79
N CYS B 443 -21.29 -5.73 -0.02
CA CYS B 443 -22.77 -5.64 0.04
C CYS B 443 -23.23 -4.84 1.24
N CYS B 444 -22.30 -4.25 1.99
CA CYS B 444 -22.65 -3.50 3.22
C CYS B 444 -23.68 -4.32 3.98
N SER B 445 -23.28 -5.51 4.42
CA SER B 445 -24.24 -6.44 5.05
C SER B 445 -24.80 -5.88 6.34
N GLY B 446 -26.07 -6.16 6.61
CA GLY B 446 -26.65 -5.76 7.89
C GLY B 446 -25.95 -6.52 8.99
N ALA B 447 -25.64 -7.78 8.72
CA ALA B 447 -25.01 -8.64 9.72
C ALA B 447 -24.50 -9.91 9.06
N ILE B 448 -23.66 -10.66 9.79
CA ILE B 448 -23.25 -12.00 9.28
C ILE B 448 -23.93 -13.03 10.19
N ILE B 449 -24.81 -13.84 9.61
CA ILE B 449 -25.55 -14.87 10.38
C ILE B 449 -24.82 -16.20 10.19
N VAL B 450 -24.37 -16.80 11.29
CA VAL B 450 -23.56 -18.05 11.20
C VAL B 450 -24.14 -19.08 12.17
N LEU B 451 -24.41 -20.29 11.69
CA LEU B 451 -24.86 -21.37 12.59
C LEU B 451 -23.60 -22.07 13.10
N THR B 452 -23.46 -22.17 14.41
CA THR B 452 -22.28 -22.84 15.02
C THR B 452 -22.72 -23.70 16.21
N LYS B 453 -21.93 -24.73 16.54
CA LYS B 453 -22.21 -25.59 17.71
C LYS B 453 -21.18 -25.30 18.80
N SER B 454 -19.95 -24.98 18.42
CA SER B 454 -18.86 -24.78 19.40
C SER B 454 -18.38 -23.32 19.38
N GLY B 455 -18.78 -22.56 18.39
CA GLY B 455 -18.30 -21.18 18.22
C GLY B 455 -17.18 -21.09 17.20
N ARG B 456 -16.62 -22.23 16.79
CA ARG B 456 -15.40 -22.19 15.93
C ARG B 456 -15.70 -21.45 14.63
N SER B 457 -16.82 -21.75 14.00
CA SER B 457 -17.14 -21.12 12.71
C SER B 457 -17.26 -19.61 12.90
N ALA B 458 -17.95 -19.18 13.97
CA ALA B 458 -18.16 -17.75 14.28
C ALA B 458 -16.87 -17.07 14.69
N HIS B 459 -16.03 -17.77 15.44
CA HIS B 459 -14.71 -17.23 15.83
C HIS B 459 -13.90 -17.01 14.55
N GLN B 460 -14.04 -17.93 13.59
CA GLN B 460 -13.29 -17.86 12.32
C GLN B 460 -13.67 -16.62 11.52
N VAL B 461 -14.94 -16.18 11.57
CA VAL B 461 -15.35 -14.90 10.92
C VAL B 461 -14.77 -13.68 11.67
N ALA B 462 -14.73 -13.70 13.00
CA ALA B 462 -14.32 -12.56 13.85
C ALA B 462 -12.86 -12.14 13.69
N ARG B 463 -11.97 -13.10 13.45
CA ARG B 463 -10.52 -12.82 13.31
C ARG B 463 -10.31 -11.81 12.21
N TYR B 464 -11.20 -11.75 11.23
CA TYR B 464 -11.02 -10.88 10.04
C TYR B 464 -11.59 -9.50 10.34
N ARG B 465 -12.15 -9.32 11.52
CA ARG B 465 -12.65 -7.99 11.97
C ARG B 465 -13.66 -7.33 11.03
N PRO B 466 -14.80 -7.97 10.70
CA PRO B 466 -15.83 -7.30 9.91
C PRO B 466 -16.62 -6.18 10.62
N ARG B 467 -17.14 -5.21 9.86
CA ARG B 467 -17.94 -4.10 10.41
C ARG B 467 -19.31 -4.63 10.85
N ALA B 468 -19.93 -5.49 10.02
CA ALA B 468 -21.27 -6.04 10.29
C ALA B 468 -21.28 -6.95 11.52
N PRO B 469 -22.37 -6.89 12.31
CA PRO B 469 -22.51 -7.78 13.44
C PRO B 469 -22.48 -9.26 13.07
N ILE B 470 -21.80 -10.08 13.87
CA ILE B 470 -21.84 -11.56 13.64
C ILE B 470 -22.95 -12.12 14.51
N ILE B 471 -23.99 -12.68 13.90
CA ILE B 471 -25.08 -13.31 14.68
C ILE B 471 -24.79 -14.80 14.69
N ALA B 472 -24.31 -15.31 15.83
CA ALA B 472 -23.95 -16.72 15.94
C ALA B 472 -25.08 -17.48 16.63
N VAL B 473 -25.72 -18.40 15.90
CA VAL B 473 -26.91 -19.09 16.45
C VAL B 473 -26.52 -20.49 16.88
N THR B 474 -26.75 -20.77 18.17
CA THR B 474 -26.31 -22.06 18.74
C THR B 474 -27.36 -22.54 19.74
N ARG B 475 -27.49 -23.86 19.88
CA ARG B 475 -28.40 -24.43 20.89
C ARG B 475 -27.52 -24.77 22.09
N ASN B 476 -26.23 -24.43 21.99
CA ASN B 476 -25.30 -24.63 23.12
C ASN B 476 -25.24 -23.34 23.94
N PRO B 477 -25.74 -23.39 25.19
CA PRO B 477 -25.73 -22.23 26.07
C PRO B 477 -24.35 -21.68 26.50
N GLN B 478 -23.38 -22.55 26.80
CA GLN B 478 -22.01 -22.14 27.22
C GLN B 478 -21.29 -21.49 26.06
N THR B 479 -21.42 -22.09 24.88
CA THR B 479 -20.80 -21.55 23.66
C THR B 479 -21.34 -20.14 23.44
N ALA B 480 -22.64 -19.96 23.64
CA ALA B 480 -23.27 -18.64 23.49
C ALA B 480 -22.70 -17.65 24.51
N ARG B 481 -22.49 -18.09 25.74
CA ARG B 481 -21.87 -17.26 26.79
C ARG B 481 -20.40 -16.98 26.44
N GLN B 482 -19.67 -17.97 25.93
CA GLN B 482 -18.22 -17.83 25.63
C GLN B 482 -17.97 -17.07 24.32
N ALA B 483 -19.00 -16.89 23.49
CA ALA B 483 -18.86 -16.21 22.18
C ALA B 483 -18.70 -14.70 22.37
N HIS B 484 -19.03 -14.20 23.55
CA HIS B 484 -18.84 -12.76 23.86
C HIS B 484 -17.36 -12.39 23.77
N LEU B 485 -16.48 -13.27 24.23
CA LEU B 485 -15.02 -13.01 24.24
C LEU B 485 -14.51 -12.56 22.87
N TYR B 486 -15.24 -12.84 21.79
CA TYR B 486 -14.75 -12.54 20.42
C TYR B 486 -15.49 -11.36 19.81
N ARG B 487 -14.74 -10.44 19.20
CA ARG B 487 -15.32 -9.20 18.62
C ARG B 487 -16.30 -9.45 17.48
N GLY B 488 -17.47 -8.81 17.53
CA GLY B 488 -18.47 -8.87 16.46
C GLY B 488 -19.49 -9.95 16.67
N ILE B 489 -19.21 -10.90 17.56
CA ILE B 489 -20.13 -12.06 17.73
C ILE B 489 -21.23 -11.70 18.73
N PHE B 490 -22.47 -11.68 18.25
CA PHE B 490 -23.63 -11.36 19.11
C PHE B 490 -24.34 -12.67 19.34
N PRO B 491 -24.15 -13.32 20.52
CA PRO B 491 -24.72 -14.63 20.76
C PRO B 491 -26.24 -14.65 20.94
N VAL B 492 -26.87 -15.64 20.34
CA VAL B 492 -28.35 -15.74 20.40
C VAL B 492 -28.73 -17.19 20.69
N LEU B 493 -29.57 -17.45 21.70
CA LEU B 493 -29.86 -18.85 22.09
C LEU B 493 -31.17 -19.31 21.45
N CYS B 494 -31.08 -20.22 20.47
CA CYS B 494 -32.29 -20.78 19.83
C CYS B 494 -32.96 -21.71 20.83
N LYS B 495 -34.21 -21.39 21.18
CA LYS B 495 -34.93 -22.16 22.22
C LYS B 495 -35.97 -22.98 21.47
N ASP B 496 -35.71 -23.24 20.19
CA ASP B 496 -36.71 -23.95 19.37
C ASP B 496 -36.37 -25.44 19.28
N PRO B 497 -37.37 -26.35 19.28
CA PRO B 497 -37.13 -27.79 19.25
C PRO B 497 -36.40 -28.22 17.97
N VAL B 498 -35.47 -29.15 18.12
CA VAL B 498 -34.66 -29.56 16.93
C VAL B 498 -35.63 -30.17 15.93
N GLN B 499 -35.55 -29.74 14.68
CA GLN B 499 -36.53 -30.20 13.67
C GLN B 499 -36.13 -31.57 13.13
N GLU B 500 -37.11 -32.41 12.80
CA GLU B 500 -36.86 -33.79 12.33
C GLU B 500 -36.09 -33.72 11.01
N ALA B 501 -36.47 -32.77 10.15
CA ALA B 501 -35.76 -32.56 8.88
C ALA B 501 -34.65 -31.51 9.11
N TRP B 502 -33.42 -31.85 8.78
CA TRP B 502 -32.27 -30.94 9.06
C TRP B 502 -32.40 -29.65 8.26
N ALA B 503 -32.90 -29.74 7.03
CA ALA B 503 -33.00 -28.55 6.18
C ALA B 503 -33.89 -27.54 6.89
N GLU B 504 -34.98 -28.00 7.49
CA GLU B 504 -35.88 -27.11 8.26
C GLU B 504 -35.19 -26.56 9.52
N ASP B 505 -34.47 -27.39 10.26
CA ASP B 505 -33.81 -26.96 11.52
C ASP B 505 -32.77 -25.91 11.16
N VAL B 506 -32.11 -26.09 10.03
CA VAL B 506 -31.12 -25.09 9.57
C VAL B 506 -31.85 -23.78 9.33
N ASP B 507 -32.96 -23.82 8.59
CA ASP B 507 -33.67 -22.58 8.21
C ASP B 507 -34.43 -21.98 9.39
N LEU B 508 -34.71 -22.78 10.42
CA LEU B 508 -35.36 -22.22 11.64
C LEU B 508 -34.35 -21.31 12.33
N ARG B 509 -33.14 -21.80 12.57
CA ARG B 509 -32.07 -21.04 13.25
C ARG B 509 -31.67 -19.85 12.38
N VAL B 510 -31.68 -20.03 11.07
CA VAL B 510 -31.39 -18.90 10.12
C VAL B 510 -32.51 -17.87 10.19
N ASN B 511 -33.77 -18.30 10.26
CA ASN B 511 -34.91 -17.34 10.38
C ASN B 511 -34.87 -16.68 11.75
N PHE B 512 -34.51 -17.42 12.79
CA PHE B 512 -34.49 -16.88 14.17
C PHE B 512 -33.48 -15.74 14.21
N ALA B 513 -32.36 -15.93 13.55
CA ALA B 513 -31.30 -14.91 13.48
C ALA B 513 -31.87 -13.66 12.82
N MET B 514 -32.65 -13.86 11.78
CA MET B 514 -33.27 -12.74 11.04
C MET B 514 -34.22 -11.99 11.96
N ASN B 515 -35.01 -12.72 12.72
CA ASN B 515 -36.00 -12.09 13.63
C ASN B 515 -35.29 -11.30 14.72
N VAL B 516 -34.20 -11.82 15.27
CA VAL B 516 -33.43 -11.12 16.33
C VAL B 516 -32.83 -9.83 15.77
N GLY B 517 -32.26 -9.88 14.58
CA GLY B 517 -31.61 -8.69 14.01
C GLY B 517 -32.59 -7.58 13.78
N LYS B 518 -33.78 -7.92 13.29
CA LYS B 518 -34.83 -6.90 13.06
C LYS B 518 -35.30 -6.29 14.38
N ALA B 519 -35.47 -7.08 15.43
CA ALA B 519 -35.97 -6.58 16.73
C ALA B 519 -34.91 -5.73 17.44
N ARG B 520 -33.65 -6.18 17.41
CA ARG B 520 -32.53 -5.44 18.04
C ARG B 520 -32.32 -4.11 17.32
N GLY B 521 -32.64 -4.04 16.03
CA GLY B 521 -32.43 -2.81 15.24
C GLY B 521 -31.22 -2.92 14.35
N PHE B 522 -30.61 -4.09 14.28
CA PHE B 522 -29.39 -4.30 13.47
C PHE B 522 -29.68 -4.14 11.98
N PHE B 523 -30.77 -4.71 11.50
CA PHE B 523 -31.09 -4.69 10.05
C PHE B 523 -32.61 -4.60 9.88
N LYS B 524 -33.05 -4.25 8.67
CA LYS B 524 -34.50 -4.15 8.39
C LYS B 524 -34.81 -4.94 7.13
N LYS B 525 -36.09 -5.19 6.86
CA LYS B 525 -36.45 -5.86 5.59
C LYS B 525 -35.96 -4.97 4.45
N GLY B 526 -35.38 -5.56 3.41
CA GLY B 526 -34.78 -4.78 2.32
C GLY B 526 -33.28 -4.90 2.39
N ASP B 527 -32.77 -5.18 3.59
CA ASP B 527 -31.31 -5.32 3.79
C ASP B 527 -30.83 -6.68 3.28
N VAL B 528 -29.57 -6.77 2.86
CA VAL B 528 -28.99 -8.08 2.45
C VAL B 528 -28.02 -8.52 3.54
N VAL B 529 -28.07 -9.78 3.93
CA VAL B 529 -27.23 -10.28 5.06
C VAL B 529 -26.48 -11.54 4.62
N ILE B 530 -25.38 -11.85 5.31
CA ILE B 530 -24.54 -13.02 4.93
C ILE B 530 -24.87 -14.16 5.90
N VAL B 531 -25.14 -15.35 5.36
CA VAL B 531 -25.48 -16.53 6.21
C VAL B 531 -24.50 -17.67 5.92
N LEU B 532 -23.82 -18.15 6.96
CA LEU B 532 -22.89 -19.28 6.80
C LEU B 532 -23.55 -20.55 7.34
N THR B 533 -23.34 -21.67 6.65
CA THR B 533 -23.98 -22.96 7.01
C THR B 533 -23.05 -24.10 6.62
N GLY B 534 -23.49 -25.33 6.83
CA GLY B 534 -22.68 -26.49 6.47
C GLY B 534 -23.45 -27.51 5.64
N TRP B 535 -22.74 -28.43 5.01
CA TRP B 535 -23.36 -29.48 4.16
C TRP B 535 -24.01 -30.56 4.99
N ARG B 536 -23.71 -30.60 6.28
CA ARG B 536 -24.26 -31.65 7.17
C ARG B 536 -24.36 -31.09 8.57
N PRO B 537 -25.10 -31.74 9.50
CA PRO B 537 -25.08 -31.32 10.89
C PRO B 537 -23.74 -31.67 11.55
N GLY B 538 -23.40 -31.02 12.65
CA GLY B 538 -22.18 -31.39 13.39
C GLY B 538 -21.02 -30.44 13.20
N SER B 539 -19.97 -30.58 14.00
CA SER B 539 -18.83 -29.65 13.96
C SER B 539 -17.85 -29.99 12.84
N GLY B 540 -17.25 -28.98 12.22
CA GLY B 540 -16.21 -29.16 11.19
C GLY B 540 -16.71 -29.13 9.78
N PHE B 541 -17.97 -28.80 9.57
CA PHE B 541 -18.53 -28.92 8.20
C PHE B 541 -19.08 -27.60 7.64
N THR B 542 -18.61 -26.43 8.10
CA THR B 542 -19.18 -25.14 7.64
C THR B 542 -18.50 -24.70 6.34
N ASN B 543 -19.25 -24.70 5.24
CA ASN B 543 -18.66 -24.41 3.92
C ASN B 543 -19.71 -23.79 2.99
N THR B 544 -20.76 -23.19 3.53
CA THR B 544 -21.85 -22.65 2.68
C THR B 544 -22.05 -21.16 2.97
N MET B 545 -22.04 -20.33 1.94
CA MET B 545 -22.19 -18.86 2.08
C MET B 545 -23.39 -18.42 1.24
N ARG B 546 -24.42 -17.89 1.88
CA ARG B 546 -25.63 -17.50 1.15
C ARG B 546 -25.94 -16.02 1.39
N VAL B 547 -26.03 -15.23 0.32
CA VAL B 547 -26.35 -13.77 0.40
C VAL B 547 -27.85 -13.64 0.18
N VAL B 548 -28.62 -13.69 1.25
CA VAL B 548 -30.09 -13.75 1.15
C VAL B 548 -30.71 -12.41 1.59
N PRO B 549 -31.83 -11.97 0.97
CA PRO B 549 -32.55 -10.80 1.43
C PRO B 549 -33.19 -11.00 2.81
N VAL B 550 -33.13 -9.98 3.67
CA VAL B 550 -33.80 -10.13 4.99
C VAL B 550 -35.29 -10.31 4.71
N PRO B 551 -35.95 -11.33 5.31
CA PRO B 551 -37.36 -11.49 5.16
C PRO B 551 -38.08 -10.58 6.15
N ILE C 33 -4.90 19.91 -19.28
CA ILE C 33 -3.95 19.57 -20.38
C ILE C 33 -2.53 19.60 -19.79
N GLN C 34 -1.80 18.48 -19.84
CA GLN C 34 -0.49 18.43 -19.12
C GLN C 34 0.49 17.43 -19.73
N THR C 35 1.70 17.33 -19.16
CA THR C 35 2.77 16.51 -19.77
C THR C 35 3.36 15.45 -18.83
N GLN C 36 4.28 14.62 -19.36
CA GLN C 36 5.01 13.59 -18.57
C GLN C 36 4.07 12.61 -17.88
N GLN C 37 2.87 12.39 -18.43
CA GLN C 37 1.95 11.37 -17.86
C GLN C 37 1.75 11.68 -16.39
N LEU C 38 1.63 12.96 -16.06
CA LEU C 38 1.53 13.39 -14.64
C LEU C 38 0.18 13.04 -14.01
N HIS C 39 -0.89 12.97 -14.79
CA HIS C 39 -2.20 12.53 -14.22
C HIS C 39 -2.06 11.09 -13.72
N ALA C 40 -1.41 10.23 -14.50
CA ALA C 40 -1.13 8.84 -14.09
C ALA C 40 -0.17 8.82 -12.91
N ALA C 41 0.78 9.72 -12.91
CA ALA C 41 1.85 9.73 -11.90
C ALA C 41 1.26 9.85 -10.51
N MET C 42 0.18 10.60 -10.36
CA MET C 42 -0.39 10.85 -9.01
C MET C 42 -1.57 9.93 -8.74
N ALA C 43 -1.80 8.96 -9.63
CA ALA C 43 -2.87 7.97 -9.40
C ALA C 43 -2.55 7.12 -8.18
N ASP C 44 -3.53 6.88 -7.32
CA ASP C 44 -3.30 6.17 -6.04
C ASP C 44 -3.19 4.67 -6.26
N THR C 45 -3.59 4.21 -7.44
CA THR C 45 -3.52 2.77 -7.78
C THR C 45 -2.77 2.62 -9.12
N PHE C 46 -2.00 1.55 -9.29
CA PHE C 46 -1.29 1.24 -10.56
C PHE C 46 -2.29 1.02 -11.69
N LEU C 47 -3.41 0.37 -11.38
CA LEU C 47 -4.47 0.16 -12.39
C LEU C 47 -5.01 1.51 -12.86
N GLU C 48 -5.27 2.42 -11.92
CA GLU C 48 -5.75 3.77 -12.27
C GLU C 48 -4.66 4.47 -13.08
N HIS C 49 -3.41 4.23 -12.74
CA HIS C 49 -2.28 4.89 -13.42
C HIS C 49 -2.30 4.56 -14.90
N MET C 50 -2.56 3.30 -15.23
CA MET C 50 -2.68 2.85 -16.63
C MET C 50 -3.89 3.49 -17.31
N CYS C 51 -5.02 3.56 -16.62
CA CYS C 51 -6.28 4.12 -17.18
C CYS C 51 -6.04 5.57 -17.59
N ARG C 52 -5.06 6.23 -16.99
CA ARG C 52 -4.82 7.67 -17.23
C ARG C 52 -3.59 7.89 -18.12
N LEU C 53 -3.03 6.83 -18.70
CA LEU C 53 -1.89 7.08 -19.61
C LEU C 53 -2.43 7.83 -20.82
N ASP C 54 -1.78 8.91 -21.21
CA ASP C 54 -2.32 9.78 -22.26
C ASP C 54 -1.38 9.86 -23.44
N ILE C 55 -1.87 9.53 -24.62
CA ILE C 55 -1.05 9.58 -25.86
C ILE C 55 -1.10 11.04 -26.28
N ASP C 56 -1.81 11.84 -25.50
CA ASP C 56 -1.89 13.28 -25.79
C ASP C 56 -1.16 14.03 -24.67
N SER C 57 -0.35 13.33 -23.88
CA SER C 57 0.50 14.02 -22.87
C SER C 57 1.93 13.97 -23.39
N PRO C 58 2.39 14.93 -24.23
CA PRO C 58 3.73 14.86 -24.81
C PRO C 58 4.83 14.66 -23.76
N PRO C 59 5.87 13.87 -24.08
CA PRO C 59 6.93 13.58 -23.11
C PRO C 59 7.98 14.68 -22.91
N ILE C 60 8.74 14.61 -21.82
CA ILE C 60 9.86 15.57 -21.60
C ILE C 60 10.97 15.26 -22.61
N THR C 61 11.82 16.23 -22.87
CA THR C 61 12.89 16.06 -23.88
C THR C 61 13.92 14.99 -23.49
N ALA C 62 14.43 14.98 -22.27
CA ALA C 62 15.55 14.08 -21.93
C ALA C 62 15.21 12.60 -21.92
N ARG C 63 16.10 11.78 -22.46
CA ARG C 63 15.90 10.31 -22.51
C ARG C 63 16.87 9.67 -21.53
N ASN C 64 16.36 8.82 -20.65
CA ASN C 64 17.17 8.27 -19.56
C ASN C 64 17.77 6.90 -19.90
N THR C 65 16.97 6.00 -20.45
CA THR C 65 17.44 4.64 -20.79
C THR C 65 18.51 4.74 -21.88
N GLY C 66 19.65 4.05 -21.69
CA GLY C 66 20.76 4.08 -22.65
C GLY C 66 20.52 3.21 -23.86
N ILE C 67 20.98 3.66 -25.02
CA ILE C 67 20.83 2.88 -26.29
C ILE C 67 22.19 2.34 -26.68
N ILE C 68 22.30 1.01 -26.74
CA ILE C 68 23.57 0.35 -27.14
C ILE C 68 23.38 -0.17 -28.55
N CYS C 69 24.25 0.22 -29.47
CA CYS C 69 24.08 -0.17 -30.88
C CYS C 69 25.29 -0.98 -31.36
N THR C 70 25.07 -2.23 -31.75
CA THR C 70 26.16 -3.11 -32.24
C THR C 70 26.66 -2.60 -33.59
N ILE C 71 27.97 -2.49 -33.74
CA ILE C 71 28.54 -1.90 -34.98
C ILE C 71 29.14 -2.99 -35.87
N GLY C 72 28.93 -2.85 -37.17
CA GLY C 72 29.38 -3.85 -38.15
C GLY C 72 29.21 -3.31 -39.54
N PRO C 73 28.98 -4.15 -40.56
CA PRO C 73 28.96 -3.69 -41.95
C PRO C 73 28.00 -2.53 -42.22
N ALA C 74 26.80 -2.57 -41.65
CA ALA C 74 25.79 -1.50 -41.81
C ALA C 74 26.21 -0.17 -41.16
N SER C 75 26.88 -0.20 -40.01
CA SER C 75 27.15 1.04 -39.24
C SER C 75 28.61 1.50 -39.13
N ARG C 76 29.58 0.68 -39.51
CA ARG C 76 31.05 0.98 -39.31
C ARG C 76 31.49 2.28 -39.99
N SER C 77 30.65 2.84 -40.84
CA SER C 77 30.99 4.07 -41.58
C SER C 77 30.89 5.26 -40.64
N VAL C 78 31.87 6.15 -40.63
CA VAL C 78 31.85 7.33 -39.74
C VAL C 78 30.61 8.12 -40.12
N GLU C 79 30.23 8.07 -41.39
CA GLU C 79 28.99 8.76 -41.82
C GLU C 79 27.79 8.17 -41.07
N THR C 80 27.67 6.85 -41.03
CA THR C 80 26.58 6.22 -40.24
C THR C 80 26.82 6.47 -38.75
N LEU C 81 28.07 6.36 -38.30
CA LEU C 81 28.41 6.52 -36.86
C LEU C 81 28.09 7.93 -36.38
N LYS C 82 28.38 8.95 -37.18
CA LYS C 82 28.06 10.34 -36.77
C LYS C 82 26.55 10.45 -36.63
N GLU C 83 25.82 9.84 -37.55
CA GLU C 83 24.35 9.98 -37.55
C GLU C 83 23.72 9.12 -36.45
N MET C 84 24.39 8.04 -36.03
CA MET C 84 23.91 7.18 -34.91
C MET C 84 24.00 7.96 -33.60
N ILE C 85 25.08 8.70 -33.40
CA ILE C 85 25.20 9.56 -32.19
C ILE C 85 24.08 10.59 -32.23
N LYS C 86 23.83 11.13 -33.42
CA LYS C 86 22.76 12.13 -33.59
C LYS C 86 21.41 11.50 -33.25
N SER C 87 21.23 10.22 -33.59
CA SER C 87 19.91 9.57 -33.41
C SER C 87 19.78 9.00 -32.00
N GLY C 88 20.81 9.19 -31.16
CA GLY C 88 20.73 8.78 -29.74
C GLY C 88 21.56 7.58 -29.34
N MET C 89 22.41 7.05 -30.22
CA MET C 89 23.31 5.95 -29.80
C MET C 89 24.25 6.46 -28.71
N ASN C 90 24.36 5.72 -27.63
CA ASN C 90 25.16 6.17 -26.47
C ASN C 90 26.40 5.29 -26.34
N VAL C 91 26.29 3.99 -26.66
CA VAL C 91 27.41 3.02 -26.54
C VAL C 91 27.52 2.25 -27.87
N ALA C 92 28.74 1.80 -28.22
CA ALA C 92 28.96 0.98 -29.43
C ALA C 92 29.46 -0.40 -29.01
N ARG C 93 28.73 -1.46 -29.40
CA ARG C 93 29.10 -2.84 -29.01
C ARG C 93 29.82 -3.53 -30.17
N LEU C 94 30.88 -4.26 -29.87
CA LEU C 94 31.71 -4.94 -30.91
C LEU C 94 31.60 -6.44 -30.64
N ASN C 95 31.23 -7.22 -31.65
CA ASN C 95 31.00 -8.66 -31.38
C ASN C 95 32.17 -9.49 -31.89
N PHE C 96 32.96 -10.02 -30.97
CA PHE C 96 34.16 -10.81 -31.32
C PHE C 96 33.72 -12.25 -31.58
N SER C 97 32.43 -12.54 -31.39
CA SER C 97 31.89 -13.88 -31.75
C SER C 97 32.03 -13.96 -33.27
N HIS C 98 32.11 -12.81 -33.93
CA HIS C 98 32.34 -12.73 -35.39
C HIS C 98 33.54 -11.80 -35.61
N GLY C 99 34.10 -11.75 -36.81
CA GLY C 99 35.13 -10.73 -37.10
C GLY C 99 36.56 -11.05 -36.70
N THR C 100 37.43 -10.06 -36.79
CA THR C 100 38.87 -10.22 -36.47
C THR C 100 39.31 -8.99 -35.65
N HIS C 101 40.52 -9.00 -35.08
CA HIS C 101 40.99 -7.86 -34.27
C HIS C 101 41.14 -6.61 -35.17
N GLU C 102 41.63 -6.79 -36.39
CA GLU C 102 41.82 -5.66 -37.32
C GLU C 102 40.48 -5.03 -37.70
N TYR C 103 39.47 -5.86 -37.92
CA TYR C 103 38.14 -5.35 -38.34
C TYR C 103 37.59 -4.43 -37.25
N HIS C 104 37.55 -4.90 -36.01
CA HIS C 104 36.97 -4.14 -34.88
C HIS C 104 37.75 -2.86 -34.62
N ALA C 105 39.08 -2.91 -34.69
CA ALA C 105 39.94 -1.76 -34.41
C ALA C 105 39.63 -0.66 -35.41
N GLU C 106 39.40 -1.06 -36.65
CA GLU C 106 39.05 -0.07 -37.70
C GLU C 106 37.73 0.57 -37.28
N THR C 107 36.80 -0.24 -36.79
CA THR C 107 35.52 0.31 -36.28
C THR C 107 35.73 1.18 -35.02
N ILE C 108 36.58 0.76 -34.07
CA ILE C 108 36.75 1.51 -32.78
C ILE C 108 37.36 2.87 -33.09
N LYS C 109 38.33 2.89 -33.99
CA LYS C 109 38.90 4.18 -34.44
C LYS C 109 37.78 4.96 -35.13
N ASN C 110 37.01 4.28 -35.96
CA ASN C 110 35.94 4.94 -36.73
C ASN C 110 34.87 5.52 -35.80
N VAL C 111 34.51 4.79 -34.75
CA VAL C 111 33.51 5.30 -33.78
C VAL C 111 34.08 6.52 -33.05
N ARG C 112 35.35 6.48 -32.69
CA ARG C 112 36.01 7.56 -31.90
C ARG C 112 36.19 8.82 -32.76
N THR C 113 36.51 8.67 -34.04
CA THR C 113 36.60 9.79 -35.02
C THR C 113 35.26 10.52 -35.10
N ALA C 114 34.15 9.76 -35.13
CA ALA C 114 32.76 10.28 -35.22
C ALA C 114 32.41 11.08 -33.96
N THR C 115 32.83 10.60 -32.80
CA THR C 115 32.46 11.22 -31.49
C THR C 115 33.21 12.54 -31.29
N GLU C 116 34.46 12.60 -31.70
CA GLU C 116 35.28 13.82 -31.52
C GLU C 116 34.80 14.92 -32.46
N SER C 117 34.08 14.56 -33.51
CA SER C 117 33.56 15.53 -34.51
C SER C 117 32.61 16.51 -33.84
N PHE C 118 31.81 16.05 -32.87
CA PHE C 118 30.79 16.91 -32.24
C PHE C 118 31.37 17.57 -30.98
N ALA C 119 32.69 17.51 -30.81
CA ALA C 119 33.33 18.03 -29.58
C ALA C 119 33.74 19.52 -29.69
N SER C 120 33.50 20.18 -30.83
CA SER C 120 33.80 21.63 -30.90
C SER C 120 32.93 22.32 -29.88
N ASP C 121 31.69 21.85 -29.76
CA ASP C 121 30.80 22.38 -28.71
C ASP C 121 30.74 21.34 -27.61
N PRO C 122 31.41 21.57 -26.46
CA PRO C 122 31.40 20.64 -25.34
C PRO C 122 29.98 20.46 -24.80
N ILE C 123 29.20 21.54 -24.83
CA ILE C 123 27.79 21.47 -24.36
C ILE C 123 27.00 20.52 -25.26
N LEU C 124 27.21 20.58 -26.57
CA LEU C 124 26.45 19.73 -27.51
C LEU C 124 27.14 18.38 -27.62
N TYR C 125 28.30 18.23 -26.98
CA TYR C 125 29.07 16.98 -27.09
C TYR C 125 28.45 15.84 -26.30
N ARG C 126 28.53 14.65 -26.88
CA ARG C 126 28.05 13.46 -26.17
C ARG C 126 29.19 12.46 -26.19
N PRO C 127 29.68 12.01 -25.02
CA PRO C 127 30.67 10.95 -24.99
C PRO C 127 30.01 9.65 -25.50
N VAL C 128 30.76 8.81 -26.20
CA VAL C 128 30.20 7.52 -26.70
C VAL C 128 31.12 6.38 -26.27
N ALA C 129 30.56 5.35 -25.66
CA ALA C 129 31.39 4.25 -25.10
C ALA C 129 31.67 3.13 -26.10
N VAL C 130 32.75 2.38 -25.84
CA VAL C 130 33.11 1.22 -26.70
C VAL C 130 33.01 -0.01 -25.82
N ALA C 131 32.22 -1.01 -26.24
CA ALA C 131 32.07 -2.26 -25.46
C ALA C 131 32.50 -3.49 -26.27
N LEU C 132 33.08 -4.49 -25.61
CA LEU C 132 33.57 -5.72 -26.28
C LEU C 132 32.71 -6.93 -25.89
N ASP C 133 32.32 -7.73 -26.88
CA ASP C 133 31.48 -8.92 -26.62
C ASP C 133 32.26 -10.19 -26.97
N THR C 134 32.51 -11.04 -25.98
CA THR C 134 33.29 -12.28 -26.14
C THR C 134 32.52 -13.34 -26.91
N LYS C 135 33.21 -14.14 -27.72
CA LYS C 135 32.56 -15.26 -28.41
C LYS C 135 32.08 -16.24 -27.35
N GLY C 136 32.90 -16.48 -26.33
CA GLY C 136 32.52 -17.37 -25.22
C GLY C 136 32.55 -18.83 -25.64
N PRO C 137 32.02 -19.74 -24.82
CA PRO C 137 31.95 -21.12 -25.25
C PRO C 137 30.85 -21.32 -26.30
N GLU C 138 31.24 -21.69 -27.52
CA GLU C 138 30.26 -21.90 -28.61
C GLU C 138 30.51 -23.20 -29.36
N ILE C 139 29.45 -23.83 -29.85
CA ILE C 139 29.58 -25.03 -30.72
C ILE C 139 29.14 -24.52 -32.09
N ARG C 140 30.00 -24.63 -33.10
CA ARG C 140 29.67 -24.06 -34.42
C ARG C 140 29.74 -25.17 -35.47
N THR C 141 28.88 -25.10 -36.49
CA THR C 141 28.87 -26.12 -37.57
C THR C 141 30.02 -25.85 -38.55
N GLY C 142 30.39 -26.86 -39.33
CA GLY C 142 31.41 -26.67 -40.39
C GLY C 142 30.88 -25.91 -41.58
N LEU C 143 31.76 -25.39 -42.43
CA LEU C 143 31.33 -24.66 -43.65
C LEU C 143 30.10 -25.34 -44.26
N ALA C 150 25.88 -22.12 -49.80
CA ALA C 150 25.25 -23.23 -49.07
C ALA C 150 23.91 -23.57 -49.73
N GLU C 151 23.83 -24.71 -50.41
CA GLU C 151 22.60 -25.09 -51.16
C GLU C 151 22.01 -26.40 -50.61
N VAL C 152 22.39 -26.80 -49.39
CA VAL C 152 21.79 -28.02 -48.75
C VAL C 152 20.64 -27.63 -47.83
N GLU C 153 19.45 -28.16 -48.10
CA GLU C 153 18.31 -27.92 -47.19
C GLU C 153 18.00 -29.25 -46.50
N LEU C 154 17.85 -29.22 -45.18
CA LEU C 154 17.57 -30.45 -44.42
C LEU C 154 16.07 -30.70 -44.47
N LYS C 155 15.64 -31.90 -44.86
CA LYS C 155 14.19 -32.16 -45.01
C LYS C 155 13.69 -32.93 -43.79
N LYS C 156 12.44 -32.68 -43.40
CA LYS C 156 11.86 -33.50 -42.32
C LYS C 156 11.84 -34.94 -42.82
N GLY C 157 12.14 -35.90 -41.94
CA GLY C 157 12.14 -37.32 -42.33
C GLY C 157 13.48 -37.77 -42.85
N ALA C 158 14.49 -36.90 -42.77
CA ALA C 158 15.82 -37.25 -43.28
C ALA C 158 16.70 -37.72 -42.14
N THR C 159 17.86 -38.27 -42.47
CA THR C 159 18.86 -38.66 -41.44
C THR C 159 20.02 -37.69 -41.55
N LEU C 160 20.62 -37.31 -40.43
CA LEU C 160 21.83 -36.47 -40.47
C LEU C 160 22.84 -37.16 -39.55
N LYS C 161 24.06 -37.39 -40.02
CA LYS C 161 25.06 -37.97 -39.09
C LYS C 161 26.06 -36.88 -38.71
N ILE C 162 26.26 -36.68 -37.41
CA ILE C 162 27.19 -35.62 -36.97
C ILE C 162 28.60 -36.21 -36.92
N THR C 163 29.26 -36.23 -38.07
CA THR C 163 30.62 -36.81 -38.16
C THR C 163 31.61 -35.99 -37.35
N LEU C 164 32.61 -36.64 -36.75
CA LEU C 164 33.65 -35.84 -36.07
C LEU C 164 34.98 -35.97 -36.81
N ASP C 165 34.92 -36.35 -38.09
CA ASP C 165 36.15 -36.33 -38.92
C ASP C 165 36.34 -34.83 -39.20
N ASN C 166 37.53 -34.31 -39.01
CA ASN C 166 37.71 -32.83 -39.09
C ASN C 166 37.99 -32.39 -40.51
N ALA C 167 37.75 -33.27 -41.49
CA ALA C 167 37.93 -32.90 -42.90
C ALA C 167 36.61 -32.37 -43.47
N TYR C 168 35.56 -32.36 -42.65
CA TYR C 168 34.27 -31.77 -43.11
C TYR C 168 34.15 -30.34 -42.56
N MET C 169 35.21 -29.83 -41.94
CA MET C 169 35.21 -28.45 -41.39
C MET C 169 35.03 -27.44 -42.53
N GLU C 170 35.64 -27.71 -43.69
CA GLU C 170 35.50 -26.82 -44.88
C GLU C 170 34.48 -27.40 -45.87
N LYS C 171 34.24 -28.72 -45.82
CA LYS C 171 33.35 -29.34 -46.84
C LYS C 171 32.31 -30.22 -46.16
N CYS C 172 31.22 -29.63 -45.66
CA CYS C 172 30.24 -30.42 -44.86
C CYS C 172 29.08 -30.88 -45.73
N ASP C 173 28.78 -32.17 -45.71
CA ASP C 173 27.65 -32.76 -46.48
C ASP C 173 26.39 -32.69 -45.63
N GLU C 174 25.23 -32.92 -46.22
CA GLU C 174 24.01 -32.97 -45.38
C GLU C 174 24.11 -34.13 -44.38
N ASN C 175 24.38 -35.35 -44.85
CA ASN C 175 24.34 -36.51 -43.93
C ASN C 175 25.66 -36.59 -43.17
N ILE C 176 26.64 -35.78 -43.54
CA ILE C 176 27.91 -35.78 -42.78
C ILE C 176 28.12 -34.40 -42.15
N LEU C 177 27.90 -34.25 -40.84
CA LEU C 177 27.99 -32.90 -40.22
C LEU C 177 29.12 -32.85 -39.18
N TRP C 178 30.02 -31.87 -39.29
CA TRP C 178 31.14 -31.71 -38.32
C TRP C 178 30.85 -30.52 -37.41
N LEU C 179 31.05 -30.69 -36.10
CA LEU C 179 30.71 -29.62 -35.13
C LEU C 179 31.98 -29.26 -34.35
N ASP C 180 32.17 -27.99 -33.96
CA ASP C 180 33.44 -27.64 -33.29
C ASP C 180 33.32 -27.98 -31.80
N TYR C 181 32.83 -29.19 -31.50
CA TYR C 181 32.70 -29.66 -30.10
C TYR C 181 33.04 -31.14 -30.10
N LYS C 182 33.54 -31.66 -28.98
CA LYS C 182 33.96 -33.08 -28.95
C LYS C 182 33.02 -33.90 -28.05
N ASN C 183 32.20 -33.27 -27.22
CA ASN C 183 31.37 -34.08 -26.28
C ASN C 183 29.88 -34.03 -26.61
N ILE C 184 29.49 -33.66 -27.83
CA ILE C 184 28.04 -33.70 -28.19
C ILE C 184 27.52 -35.13 -28.14
N CYS C 185 28.18 -36.04 -28.84
CA CYS C 185 27.73 -37.46 -28.90
C CYS C 185 27.94 -38.10 -27.54
N LYS C 186 29.05 -37.74 -26.91
CA LYS C 186 29.40 -38.32 -25.61
C LYS C 186 28.38 -37.95 -24.53
N VAL C 187 27.94 -36.69 -24.47
CA VAL C 187 27.01 -36.30 -23.35
C VAL C 187 25.57 -36.16 -23.86
N VAL C 188 25.33 -36.24 -25.17
CA VAL C 188 23.92 -36.24 -25.69
C VAL C 188 23.64 -37.65 -26.20
N GLU C 189 22.62 -38.31 -25.62
CA GLU C 189 22.33 -39.72 -25.96
C GLU C 189 21.04 -39.83 -26.78
N VAL C 190 20.64 -41.04 -27.15
CA VAL C 190 19.45 -41.26 -28.02
C VAL C 190 18.24 -40.62 -27.34
N GLY C 191 17.38 -39.94 -28.10
CA GLY C 191 16.19 -39.28 -27.53
C GLY C 191 16.43 -37.83 -27.20
N SER C 192 17.65 -37.34 -27.44
CA SER C 192 17.98 -35.91 -27.21
C SER C 192 17.66 -35.12 -28.48
N LYS C 193 17.87 -33.80 -28.46
CA LYS C 193 17.61 -32.93 -29.64
C LYS C 193 18.76 -31.93 -29.79
N ILE C 194 18.98 -31.39 -30.99
CA ILE C 194 20.09 -30.43 -31.24
C ILE C 194 19.54 -29.24 -32.05
N TYR C 195 20.08 -28.03 -31.83
CA TYR C 195 19.61 -26.81 -32.54
C TYR C 195 20.77 -26.16 -33.28
N VAL C 196 20.53 -25.71 -34.51
CA VAL C 196 21.57 -25.06 -35.35
C VAL C 196 20.94 -23.80 -35.97
N ASP C 197 21.73 -22.75 -36.24
CA ASP C 197 21.22 -21.49 -36.85
C ASP C 197 20.14 -20.85 -35.98
N ASP C 198 20.48 -20.33 -34.80
CA ASP C 198 19.50 -19.61 -33.95
C ASP C 198 18.38 -20.56 -33.57
N GLY C 199 18.69 -21.86 -33.47
CA GLY C 199 17.68 -22.84 -33.06
C GLY C 199 16.54 -22.86 -34.04
N LEU C 200 16.84 -22.58 -35.32
CA LEU C 200 15.79 -22.58 -36.37
C LEU C 200 15.72 -23.95 -37.04
N ILE C 201 16.83 -24.71 -37.05
CA ILE C 201 16.84 -26.09 -37.61
C ILE C 201 16.98 -27.09 -36.46
N SER C 202 15.85 -27.63 -35.99
CA SER C 202 15.86 -28.62 -34.89
C SER C 202 16.15 -30.03 -35.40
N LEU C 203 16.63 -30.92 -34.53
CA LEU C 203 16.98 -32.32 -34.91
C LEU C 203 16.54 -33.24 -33.77
N GLN C 204 16.47 -34.55 -33.98
CA GLN C 204 16.21 -35.50 -32.87
C GLN C 204 17.27 -36.60 -32.91
N VAL C 205 17.81 -37.01 -31.77
CA VAL C 205 18.96 -37.96 -31.74
C VAL C 205 18.50 -39.41 -31.66
N LYS C 206 19.07 -40.30 -32.50
CA LYS C 206 18.70 -41.74 -32.51
C LYS C 206 19.96 -42.61 -32.36
N GLN C 207 21.12 -41.99 -32.14
CA GLN C 207 22.36 -42.79 -31.92
C GLN C 207 23.35 -42.08 -30.98
N LYS C 208 24.09 -42.83 -30.16
CA LYS C 208 25.15 -42.26 -29.28
C LYS C 208 26.42 -43.08 -29.47
N GLY C 209 27.58 -42.50 -29.19
CA GLY C 209 28.86 -43.21 -29.47
C GLY C 209 30.04 -42.26 -29.49
N ALA C 210 31.05 -42.57 -30.29
CA ALA C 210 32.22 -41.68 -30.42
C ALA C 210 32.34 -41.06 -31.81
N ASP C 211 32.23 -39.73 -31.91
CA ASP C 211 32.47 -39.00 -33.18
C ASP C 211 31.32 -39.07 -34.19
N PHE C 212 30.15 -39.63 -33.83
CA PHE C 212 29.07 -39.76 -34.85
C PHE C 212 27.68 -39.57 -34.23
N LEU C 213 26.75 -38.96 -34.96
CA LEU C 213 25.37 -38.85 -34.39
C LEU C 213 24.29 -38.93 -35.46
N VAL C 214 23.53 -40.03 -35.47
CA VAL C 214 22.40 -40.18 -36.42
C VAL C 214 21.25 -39.35 -35.86
N THR C 215 20.72 -38.44 -36.67
CA THR C 215 19.66 -37.53 -36.17
C THR C 215 18.52 -37.45 -37.16
N GLU C 216 17.34 -37.06 -36.68
CA GLU C 216 16.20 -36.80 -37.58
C GLU C 216 16.14 -35.28 -37.70
N VAL C 217 15.54 -34.75 -38.75
CA VAL C 217 15.34 -33.28 -38.80
C VAL C 217 13.86 -32.99 -38.49
N GLU C 218 13.56 -32.57 -37.25
CA GLU C 218 12.16 -32.24 -36.84
C GLU C 218 11.67 -30.96 -37.51
N ASN C 219 12.50 -29.91 -37.52
CA ASN C 219 12.15 -28.68 -38.27
C ASN C 219 13.30 -28.49 -39.24
N GLY C 220 13.00 -28.47 -40.54
CA GLY C 220 14.09 -28.44 -41.54
C GLY C 220 14.22 -27.09 -42.22
N GLY C 221 15.27 -26.92 -43.02
CA GLY C 221 15.52 -25.61 -43.63
C GLY C 221 16.86 -25.52 -44.30
N SER C 222 17.29 -24.32 -44.67
CA SER C 222 18.54 -24.15 -45.43
C SER C 222 19.72 -24.00 -44.48
N LEU C 223 20.56 -25.02 -44.39
CA LEU C 223 21.71 -24.99 -43.45
C LEU C 223 22.67 -23.88 -43.84
N GLY C 224 23.21 -23.15 -42.88
CA GLY C 224 24.13 -22.02 -43.17
C GLY C 224 25.53 -22.33 -42.68
N SER C 225 26.54 -21.64 -43.21
CA SER C 225 27.93 -22.05 -42.85
C SER C 225 28.37 -21.54 -41.48
N LYS C 226 28.96 -22.42 -40.67
CA LYS C 226 29.49 -22.04 -39.33
C LYS C 226 28.39 -21.42 -38.48
N LYS C 227 27.20 -22.01 -38.49
CA LYS C 227 26.09 -21.48 -37.67
C LYS C 227 26.13 -22.09 -36.26
N GLY C 228 25.62 -21.37 -35.27
CA GLY C 228 25.71 -21.79 -33.86
C GLY C 228 24.91 -23.01 -33.51
N VAL C 229 25.50 -23.90 -32.70
CA VAL C 229 24.80 -25.14 -32.28
C VAL C 229 24.38 -24.96 -30.83
N ASN C 230 23.12 -25.26 -30.54
CA ASN C 230 22.58 -25.05 -29.18
C ASN C 230 21.98 -26.36 -28.65
N LEU C 231 22.29 -26.68 -27.40
CA LEU C 231 21.73 -27.90 -26.79
C LEU C 231 20.94 -27.50 -25.55
N PRO C 232 19.59 -27.64 -25.55
CA PRO C 232 18.78 -27.34 -24.39
C PRO C 232 19.03 -28.24 -23.17
N GLY C 233 19.40 -29.50 -23.40
CA GLY C 233 19.53 -30.46 -22.28
C GLY C 233 20.92 -30.60 -21.69
N ALA C 234 21.87 -29.75 -22.05
CA ALA C 234 23.19 -29.85 -21.38
C ALA C 234 23.82 -28.49 -21.09
N ALA C 235 24.68 -28.43 -20.08
CA ALA C 235 25.47 -27.20 -19.85
C ALA C 235 26.80 -27.50 -20.51
N VAL C 236 27.17 -26.70 -21.50
CA VAL C 236 28.41 -27.01 -22.27
C VAL C 236 29.59 -27.18 -21.33
N ASP C 237 30.53 -28.05 -21.71
CA ASP C 237 31.73 -28.29 -20.88
C ASP C 237 32.86 -27.44 -21.46
N LEU C 238 32.55 -26.65 -22.49
CA LEU C 238 33.56 -25.81 -23.17
C LEU C 238 34.01 -24.68 -22.24
N PRO C 239 35.25 -24.18 -22.37
CA PRO C 239 35.72 -23.12 -21.47
C PRO C 239 34.91 -21.82 -21.52
N ALA C 240 34.49 -21.31 -20.35
CA ALA C 240 33.73 -20.04 -20.27
C ALA C 240 34.63 -18.94 -20.79
N VAL C 241 35.90 -18.98 -20.42
CA VAL C 241 36.86 -18.04 -21.04
C VAL C 241 37.86 -18.94 -21.77
N SER C 242 37.79 -18.95 -23.09
CA SER C 242 38.72 -19.77 -23.91
C SER C 242 40.01 -19.00 -24.14
N GLU C 243 40.92 -19.59 -24.92
CA GLU C 243 42.18 -18.91 -25.28
C GLU C 243 41.90 -17.74 -26.22
N LYS C 244 40.97 -17.90 -27.15
CA LYS C 244 40.56 -16.80 -28.07
C LYS C 244 39.99 -15.68 -27.22
N ASP C 245 39.22 -16.05 -26.21
CA ASP C 245 38.59 -15.06 -25.31
C ASP C 245 39.69 -14.28 -24.58
N ILE C 246 40.75 -14.96 -24.17
CA ILE C 246 41.87 -14.29 -23.44
C ILE C 246 42.54 -13.29 -24.39
N GLN C 247 42.73 -13.66 -25.66
CA GLN C 247 43.29 -12.74 -26.67
C GLN C 247 42.31 -11.60 -26.95
N ASP C 248 41.02 -11.92 -27.01
CA ASP C 248 39.96 -10.91 -27.30
C ASP C 248 39.86 -9.87 -26.17
N LEU C 249 39.88 -10.33 -24.92
CA LEU C 249 39.82 -9.40 -23.76
C LEU C 249 41.10 -8.60 -23.70
N LYS C 250 42.23 -9.23 -24.03
CA LYS C 250 43.54 -8.56 -24.02
C LYS C 250 43.55 -7.43 -25.04
N PHE C 251 42.93 -7.65 -26.19
CA PHE C 251 42.88 -6.62 -27.25
C PHE C 251 42.16 -5.38 -26.74
N GLY C 252 41.08 -5.57 -25.97
CA GLY C 252 40.31 -4.43 -25.44
C GLY C 252 41.11 -3.54 -24.50
N VAL C 253 41.94 -4.13 -23.65
CA VAL C 253 42.79 -3.35 -22.73
C VAL C 253 43.74 -2.48 -23.54
N GLU C 254 44.21 -2.99 -24.68
CA GLU C 254 45.09 -2.20 -25.56
C GLU C 254 44.23 -1.15 -26.26
N GLN C 255 42.92 -1.37 -26.33
CA GLN C 255 42.03 -0.45 -27.10
C GLN C 255 41.31 0.59 -26.23
N ASP C 256 41.46 0.56 -24.90
CA ASP C 256 40.76 1.49 -23.98
C ASP C 256 39.24 1.33 -24.03
N VAL C 257 38.74 0.10 -24.09
CA VAL C 257 37.26 -0.14 -24.02
C VAL C 257 36.77 0.22 -22.61
N ASP C 258 35.59 0.78 -22.49
CA ASP C 258 35.05 1.24 -21.19
C ASP C 258 34.29 0.09 -20.51
N MET C 259 33.76 -0.83 -21.30
CA MET C 259 33.00 -1.98 -20.76
C MET C 259 33.27 -3.24 -21.58
N VAL C 260 32.92 -4.40 -21.04
CA VAL C 260 33.09 -5.70 -21.73
C VAL C 260 31.84 -6.53 -21.49
N PHE C 261 31.41 -7.33 -22.48
CA PHE C 261 30.20 -8.18 -22.34
C PHE C 261 30.60 -9.66 -22.35
N ALA C 262 30.62 -10.29 -21.18
CA ALA C 262 31.07 -11.69 -21.03
C ALA C 262 29.96 -12.67 -21.41
N SER C 263 30.23 -13.56 -22.36
CA SER C 263 29.19 -14.48 -22.90
C SER C 263 29.19 -15.84 -22.21
N PHE C 264 27.99 -16.43 -22.06
CA PHE C 264 27.85 -17.76 -21.42
C PHE C 264 28.46 -17.80 -20.02
N ILE C 265 28.01 -16.88 -19.17
CA ILE C 265 28.54 -16.81 -17.77
C ILE C 265 27.60 -17.61 -16.87
N ARG C 266 28.11 -18.67 -16.24
CA ARG C 266 27.25 -19.61 -15.47
C ARG C 266 27.58 -19.57 -13.97
N LYS C 267 28.63 -18.84 -13.58
CA LYS C 267 28.99 -18.70 -12.15
C LYS C 267 29.88 -17.48 -11.98
N ALA C 268 30.08 -17.03 -10.76
CA ALA C 268 30.99 -15.90 -10.48
C ALA C 268 32.42 -16.31 -10.86
N SER C 269 32.70 -17.61 -10.85
CA SER C 269 34.04 -18.12 -11.19
C SER C 269 34.38 -17.69 -12.61
N ASP C 270 33.38 -17.70 -13.49
CA ASP C 270 33.59 -17.29 -14.90
C ASP C 270 34.02 -15.83 -14.96
N VAL C 271 33.38 -14.96 -14.20
CA VAL C 271 33.66 -13.50 -14.23
C VAL C 271 35.07 -13.21 -13.72
N HIS C 272 35.47 -13.89 -12.65
CA HIS C 272 36.77 -13.60 -12.01
C HIS C 272 37.87 -13.90 -13.02
N GLU C 273 37.68 -14.95 -13.80
CA GLU C 273 38.67 -15.31 -14.83
C GLU C 273 38.78 -14.13 -15.80
N VAL C 274 37.65 -13.49 -16.13
CA VAL C 274 37.65 -12.34 -17.08
C VAL C 274 38.43 -11.19 -16.47
N ARG C 275 38.25 -10.94 -15.17
CA ARG C 275 38.90 -9.77 -14.51
C ARG C 275 40.42 -9.92 -14.49
N LYS C 276 40.90 -11.11 -14.16
CA LYS C 276 42.35 -11.36 -14.10
C LYS C 276 42.96 -11.11 -15.46
N VAL C 277 42.24 -11.46 -16.53
CA VAL C 277 42.70 -11.20 -17.91
C VAL C 277 42.72 -9.69 -18.17
N LEU C 278 41.71 -8.95 -17.71
CA LEU C 278 41.72 -7.46 -17.85
C LEU C 278 42.86 -6.93 -17.00
N GLY C 279 43.02 -7.45 -15.78
CA GLY C 279 44.21 -7.10 -14.98
C GLY C 279 44.22 -5.73 -14.39
N GLU C 280 45.42 -5.25 -14.04
CA GLU C 280 45.59 -3.93 -13.40
C GLU C 280 45.26 -2.81 -14.39
N LYS C 281 45.57 -2.99 -15.67
CA LYS C 281 45.39 -1.90 -16.66
C LYS C 281 43.92 -1.83 -17.08
N GLY C 282 43.14 -2.85 -16.75
CA GLY C 282 41.71 -2.87 -17.08
C GLY C 282 40.86 -3.01 -15.85
N LYS C 283 41.41 -2.65 -14.71
CA LYS C 283 40.67 -2.78 -13.44
C LYS C 283 39.41 -1.93 -13.51
N ASN C 284 39.52 -0.76 -14.12
CA ASN C 284 38.38 0.20 -14.19
C ASN C 284 37.43 -0.15 -15.34
N ILE C 285 37.82 -1.09 -16.21
CA ILE C 285 36.94 -1.53 -17.32
C ILE C 285 35.77 -2.28 -16.70
N LYS C 286 34.55 -1.80 -16.94
CA LYS C 286 33.36 -2.44 -16.34
C LYS C 286 33.07 -3.78 -16.98
N ILE C 287 32.71 -4.76 -16.15
CA ILE C 287 32.35 -6.10 -16.67
C ILE C 287 30.85 -6.23 -16.63
N ILE C 288 30.24 -6.52 -17.76
CA ILE C 288 28.80 -6.82 -17.74
C ILE C 288 28.72 -8.30 -18.14
N SER C 289 28.12 -9.11 -17.28
CA SER C 289 27.97 -10.54 -17.57
C SER C 289 26.70 -10.79 -18.37
N LYS C 290 26.83 -11.50 -19.48
CA LYS C 290 25.67 -11.85 -20.33
C LYS C 290 25.10 -13.17 -19.83
N ILE C 291 23.82 -13.18 -19.49
CA ILE C 291 23.16 -14.41 -18.98
C ILE C 291 22.35 -15.05 -20.11
N GLU C 292 22.77 -16.24 -20.56
CA GLU C 292 22.12 -16.92 -21.70
C GLU C 292 21.97 -18.41 -21.41
N ASN C 293 22.00 -18.82 -20.15
CA ASN C 293 22.01 -20.26 -19.82
C ASN C 293 21.29 -20.53 -18.50
N HIS C 294 20.80 -21.76 -18.30
CA HIS C 294 20.04 -22.14 -17.09
C HIS C 294 20.92 -22.03 -15.84
N GLU C 295 22.18 -22.44 -15.95
CA GLU C 295 23.12 -22.39 -14.79
C GLU C 295 23.29 -20.94 -14.33
N GLY C 296 23.46 -20.05 -15.27
CA GLY C 296 23.53 -18.64 -14.85
C GLY C 296 22.25 -18.20 -14.19
N VAL C 297 21.10 -18.60 -14.71
CA VAL C 297 19.85 -18.07 -14.11
C VAL C 297 19.77 -18.58 -12.67
N ARG C 298 20.17 -19.83 -12.43
CA ARG C 298 20.19 -20.41 -11.05
C ARG C 298 21.23 -19.74 -10.16
N ARG C 299 22.43 -19.49 -10.69
CA ARG C 299 23.52 -18.94 -9.86
C ARG C 299 23.59 -17.43 -10.05
N PHE C 300 22.51 -16.84 -10.60
CA PHE C 300 22.48 -15.40 -10.93
C PHE C 300 22.88 -14.52 -9.75
N ASP C 301 22.40 -14.85 -8.55
CA ASP C 301 22.66 -13.94 -7.40
C ASP C 301 24.17 -13.85 -7.15
N GLU C 302 24.87 -14.97 -7.25
CA GLU C 302 26.35 -15.00 -7.10
C GLU C 302 26.99 -14.21 -8.24
N ILE C 303 26.46 -14.36 -9.45
CA ILE C 303 27.02 -13.66 -10.63
C ILE C 303 26.86 -12.14 -10.48
N LEU C 304 25.75 -11.66 -9.93
CA LEU C 304 25.49 -10.18 -9.86
C LEU C 304 26.45 -9.47 -8.91
N GLU C 305 26.73 -10.06 -7.74
CA GLU C 305 27.61 -9.41 -6.74
C GLU C 305 28.99 -9.32 -7.35
N ALA C 306 29.38 -10.34 -8.11
CA ALA C 306 30.68 -10.39 -8.78
C ALA C 306 30.82 -9.42 -9.94
N SER C 307 29.79 -9.29 -10.77
CA SER C 307 29.87 -8.48 -12.00
C SER C 307 29.56 -7.02 -11.75
N ASP C 308 29.88 -6.15 -12.71
CA ASP C 308 29.61 -4.70 -12.57
C ASP C 308 28.21 -4.42 -13.12
N GLY C 309 27.67 -5.37 -13.87
CA GLY C 309 26.32 -5.25 -14.42
C GLY C 309 25.84 -6.56 -14.99
N ILE C 310 24.61 -6.58 -15.52
CA ILE C 310 24.04 -7.81 -16.16
C ILE C 310 23.42 -7.45 -17.52
N MET C 311 23.45 -8.36 -18.48
CA MET C 311 22.76 -8.17 -19.79
C MET C 311 21.95 -9.42 -20.09
N VAL C 312 20.66 -9.25 -20.36
CA VAL C 312 19.81 -10.45 -20.58
C VAL C 312 19.96 -10.84 -22.05
N ALA C 313 20.71 -11.92 -22.32
CA ALA C 313 20.95 -12.41 -23.70
C ALA C 313 19.81 -13.35 -24.07
N ARG C 314 18.70 -12.79 -24.54
CA ARG C 314 17.47 -13.57 -24.79
C ARG C 314 17.60 -14.60 -25.91
N GLY C 315 18.27 -14.26 -27.01
CA GLY C 315 18.37 -15.16 -28.17
C GLY C 315 19.04 -16.47 -27.84
N ASP C 316 19.90 -16.46 -26.84
CA ASP C 316 20.59 -17.69 -26.40
C ASP C 316 19.83 -18.28 -25.22
N LEU C 317 19.35 -17.41 -24.32
CA LEU C 317 18.62 -17.85 -23.09
C LEU C 317 17.34 -18.60 -23.46
N GLY C 318 16.65 -18.16 -24.51
CA GLY C 318 15.43 -18.84 -24.99
C GLY C 318 15.64 -20.24 -25.51
N ILE C 319 16.78 -20.52 -26.16
CA ILE C 319 17.08 -21.89 -26.66
C ILE C 319 17.34 -22.83 -25.49
N GLU C 320 18.08 -22.37 -24.50
CA GLU C 320 18.45 -23.21 -23.34
C GLU C 320 17.24 -23.52 -22.45
N ILE C 321 16.41 -22.52 -22.18
CA ILE C 321 15.20 -22.70 -21.33
C ILE C 321 14.02 -22.62 -22.29
N PRO C 322 12.80 -23.09 -21.97
CA PRO C 322 11.69 -22.93 -22.90
C PRO C 322 11.40 -21.45 -23.13
N ALA C 323 11.09 -21.08 -24.36
CA ALA C 323 10.90 -19.65 -24.73
C ALA C 323 9.80 -18.95 -23.92
N GLU C 324 8.73 -19.65 -23.56
CA GLU C 324 7.56 -19.06 -22.85
C GLU C 324 7.95 -18.72 -21.42
N LYS C 325 9.15 -19.13 -21.00
CA LYS C 325 9.65 -18.80 -19.64
C LYS C 325 10.64 -17.63 -19.67
N VAL C 326 11.00 -17.11 -20.84
CA VAL C 326 12.06 -16.05 -20.95
C VAL C 326 11.66 -14.73 -20.28
N PHE C 327 10.38 -14.36 -20.33
CA PHE C 327 9.95 -13.04 -19.81
C PHE C 327 10.18 -13.01 -18.31
N LEU C 328 9.98 -14.15 -17.66
CA LEU C 328 10.17 -14.25 -16.21
C LEU C 328 11.64 -13.93 -15.93
N ALA C 329 12.53 -14.52 -16.72
CA ALA C 329 13.98 -14.35 -16.47
C ALA C 329 14.39 -12.89 -16.66
N GLN C 330 13.87 -12.23 -17.69
CA GLN C 330 14.17 -10.80 -17.92
C GLN C 330 13.63 -9.96 -16.77
N LYS C 331 12.39 -10.18 -16.39
CA LYS C 331 11.76 -9.44 -15.28
C LYS C 331 12.40 -9.80 -13.93
N MET C 332 12.81 -11.06 -13.75
CA MET C 332 13.51 -11.47 -12.51
C MET C 332 14.85 -10.75 -12.40
N MET C 333 15.63 -10.76 -13.48
CA MET C 333 16.99 -10.16 -13.46
C MET C 333 16.97 -8.63 -13.42
N ILE C 334 16.10 -7.98 -14.18
CA ILE C 334 16.00 -6.50 -14.17
C ILE C 334 15.62 -6.08 -12.75
N GLY C 335 14.72 -6.82 -12.11
CA GLY C 335 14.29 -6.52 -10.75
C GLY C 335 15.37 -6.68 -9.71
N ARG C 336 16.11 -7.78 -9.79
CA ARG C 336 17.20 -8.04 -8.84
C ARG C 336 18.29 -7.00 -9.05
N CYS C 337 18.55 -6.65 -10.31
CA CYS C 337 19.59 -5.66 -10.66
C CYS C 337 19.23 -4.29 -10.11
N ASN C 338 17.96 -3.94 -10.13
CA ASN C 338 17.46 -2.64 -9.61
C ASN C 338 17.61 -2.58 -8.08
N ARG C 339 17.33 -3.68 -7.40
CA ARG C 339 17.39 -3.75 -5.92
C ARG C 339 18.85 -3.77 -5.48
N ALA C 340 19.76 -4.00 -6.42
CA ALA C 340 21.21 -3.96 -6.09
C ALA C 340 21.89 -2.79 -6.76
N GLY C 341 21.14 -1.93 -7.46
CA GLY C 341 21.73 -0.75 -8.11
C GLY C 341 22.84 -1.14 -9.04
N LYS C 342 22.66 -2.25 -9.73
CA LYS C 342 23.67 -2.73 -10.71
C LYS C 342 23.08 -2.60 -12.11
N PRO C 343 23.82 -2.06 -13.09
CA PRO C 343 23.27 -1.84 -14.42
C PRO C 343 22.82 -3.09 -15.21
N VAL C 344 21.58 -3.08 -15.70
CA VAL C 344 20.99 -4.22 -16.49
C VAL C 344 20.67 -3.77 -17.92
N ILE C 345 20.99 -4.61 -18.89
CA ILE C 345 20.71 -4.30 -20.31
C ILE C 345 19.74 -5.33 -20.90
N CYS C 346 18.72 -4.91 -21.67
CA CYS C 346 17.87 -5.87 -22.42
C CYS C 346 18.53 -5.96 -23.80
N ALA C 347 18.68 -7.16 -24.36
CA ALA C 347 19.52 -7.24 -25.58
C ALA C 347 19.03 -7.77 -26.92
N THR C 348 18.35 -8.91 -27.01
CA THR C 348 18.22 -9.51 -28.38
C THR C 348 16.89 -9.45 -29.11
N GLN C 349 16.93 -9.22 -30.43
CA GLN C 349 15.72 -9.27 -31.31
C GLN C 349 14.64 -8.36 -30.78
N MET C 350 15.02 -7.17 -30.31
CA MET C 350 14.02 -6.21 -29.84
C MET C 350 13.24 -5.64 -31.03
N LEU C 351 13.93 -5.21 -32.09
CA LEU C 351 13.28 -4.57 -33.27
C LEU C 351 13.79 -5.33 -34.49
N GLU C 352 13.76 -6.66 -34.45
CA GLU C 352 14.37 -7.53 -35.50
C GLU C 352 13.78 -7.29 -36.89
N SER C 353 12.51 -6.94 -37.01
CA SER C 353 11.86 -6.80 -38.34
C SER C 353 12.60 -5.72 -39.12
N MET C 354 13.24 -4.80 -38.41
CA MET C 354 13.92 -3.64 -39.05
C MET C 354 15.21 -4.05 -39.74
N ILE C 355 15.62 -5.30 -39.61
CA ILE C 355 16.78 -5.80 -40.43
C ILE C 355 16.33 -5.70 -41.89
N LYS C 356 15.05 -5.99 -42.15
CA LYS C 356 14.50 -5.96 -43.53
C LYS C 356 13.42 -4.89 -43.69
N LYS C 357 12.89 -4.32 -42.61
CA LYS C 357 11.73 -3.38 -42.72
C LYS C 357 11.97 -1.99 -42.12
N PRO C 358 11.49 -0.88 -42.75
CA PRO C 358 11.72 0.48 -42.26
C PRO C 358 10.91 0.91 -41.02
N ARG C 359 9.86 0.17 -40.68
CA ARG C 359 9.05 0.45 -39.46
C ARG C 359 8.96 -0.85 -38.65
N PRO C 360 8.95 -0.79 -37.31
CA PRO C 360 8.89 -1.97 -36.48
C PRO C 360 7.51 -2.59 -36.23
N THR C 361 7.47 -3.87 -35.87
CA THR C 361 6.19 -4.54 -35.52
C THR C 361 5.72 -4.06 -34.15
N ARG C 362 4.47 -4.33 -33.81
CA ARG C 362 3.89 -3.79 -32.55
C ARG C 362 4.41 -4.61 -31.38
N ALA C 363 4.66 -5.89 -31.60
CA ALA C 363 5.27 -6.73 -30.55
C ALA C 363 6.63 -6.18 -30.20
N GLU C 364 7.34 -5.70 -31.21
CA GLU C 364 8.67 -5.08 -30.99
C GLU C 364 8.55 -3.76 -30.23
N GLY C 365 7.62 -2.90 -30.64
CA GLY C 365 7.48 -1.59 -30.00
C GLY C 365 7.09 -1.76 -28.56
N SER C 366 6.19 -2.70 -28.31
CA SER C 366 5.73 -2.95 -26.94
C SER C 366 6.91 -3.43 -26.09
N ASP C 367 7.73 -4.33 -26.63
CA ASP C 367 8.84 -4.92 -25.85
C ASP C 367 9.85 -3.85 -25.42
N VAL C 368 10.21 -2.93 -26.30
CA VAL C 368 11.24 -1.91 -25.99
C VAL C 368 10.73 -1.06 -24.83
N ALA C 369 9.45 -0.65 -24.88
CA ALA C 369 8.83 0.16 -23.83
C ALA C 369 8.67 -0.64 -22.54
N ASN C 370 8.23 -1.88 -22.65
CA ASN C 370 8.02 -2.76 -21.48
C ASN C 370 9.36 -2.99 -20.80
N ALA C 371 10.43 -3.00 -21.57
CA ALA C 371 11.78 -3.15 -20.99
C ALA C 371 12.11 -1.93 -20.13
N VAL C 372 11.91 -0.73 -20.66
CA VAL C 372 12.11 0.52 -19.88
C VAL C 372 11.13 0.53 -18.70
N LEU C 373 9.88 0.12 -18.94
CA LEU C 373 8.86 0.02 -17.86
C LEU C 373 9.29 -1.00 -16.80
N ASP C 374 10.01 -2.04 -17.20
CA ASP C 374 10.49 -3.10 -16.28
C ASP C 374 11.66 -2.62 -15.43
N GLY C 375 12.42 -1.63 -15.90
CA GLY C 375 13.61 -1.16 -15.15
C GLY C 375 14.91 -1.44 -15.85
N ALA C 376 14.88 -1.67 -17.15
CA ALA C 376 16.14 -1.86 -17.90
C ALA C 376 16.89 -0.53 -18.00
N ASP C 377 18.17 -0.55 -17.64
CA ASP C 377 18.98 0.68 -17.64
C ASP C 377 19.33 1.01 -19.08
N CYS C 378 19.63 -0.03 -19.85
CA CYS C 378 20.03 0.15 -21.26
C CYS C 378 19.23 -0.79 -22.18
N ILE C 379 18.93 -0.35 -23.40
CA ILE C 379 18.21 -1.16 -24.43
C ILE C 379 19.16 -1.30 -25.63
N MET C 380 19.29 -2.50 -26.19
CA MET C 380 20.33 -2.75 -27.23
C MET C 380 19.76 -3.13 -28.59
N LEU C 381 20.59 -2.98 -29.63
CA LEU C 381 20.23 -3.41 -30.99
C LEU C 381 21.37 -4.30 -31.45
N SER C 382 21.07 -5.39 -32.14
CA SER C 382 22.12 -6.35 -32.60
C SER C 382 22.26 -6.29 -34.13
N GLY C 383 21.63 -7.23 -34.84
CA GLY C 383 21.65 -7.25 -36.31
C GLY C 383 21.00 -6.03 -36.95
N GLU C 384 20.06 -5.42 -36.25
CA GLU C 384 19.33 -4.24 -36.76
C GLU C 384 20.33 -3.15 -37.08
N THR C 385 21.38 -3.03 -36.26
CA THR C 385 22.41 -1.97 -36.44
C THR C 385 23.68 -2.54 -37.08
N ALA C 386 24.00 -3.80 -36.78
CA ALA C 386 25.27 -4.40 -37.27
C ALA C 386 25.29 -4.75 -38.75
N LYS C 387 24.26 -5.43 -39.24
CA LYS C 387 24.16 -5.82 -40.67
C LYS C 387 22.74 -5.50 -41.12
N GLY C 388 22.33 -4.25 -41.01
CA GLY C 388 20.90 -3.96 -41.28
C GLY C 388 20.60 -3.01 -42.41
N ASP C 389 19.41 -3.11 -42.97
CA ASP C 389 18.93 -2.19 -44.03
C ASP C 389 18.63 -0.82 -43.42
N TYR C 390 18.16 -0.81 -42.17
CA TYR C 390 17.77 0.46 -41.50
C TYR C 390 18.37 0.52 -40.10
N PRO C 391 19.69 0.72 -39.94
CA PRO C 391 20.27 0.92 -38.60
C PRO C 391 19.84 2.24 -37.93
N LEU C 392 19.88 3.35 -38.67
CA LEU C 392 19.52 4.67 -38.12
C LEU C 392 18.04 4.68 -37.73
N GLU C 393 17.21 4.06 -38.55
CA GLU C 393 15.76 4.04 -38.28
C GLU C 393 15.51 3.31 -36.97
N ALA C 394 16.26 2.24 -36.70
CA ALA C 394 16.10 1.45 -35.45
C ALA C 394 16.48 2.26 -34.22
N VAL C 395 17.58 3.00 -34.30
CA VAL C 395 18.07 3.76 -33.12
C VAL C 395 17.02 4.81 -32.79
N ARG C 396 16.47 5.45 -33.81
CA ARG C 396 15.49 6.53 -33.59
C ARG C 396 14.24 5.96 -32.93
N MET C 397 13.82 4.78 -33.35
CA MET C 397 12.61 4.17 -32.75
C MET C 397 12.87 3.91 -31.29
N GLN C 398 14.04 3.35 -30.98
CA GLN C 398 14.43 3.04 -29.59
C GLN C 398 14.57 4.35 -28.82
N HIS C 399 14.87 5.45 -29.50
CA HIS C 399 14.91 6.77 -28.82
C HIS C 399 13.50 7.24 -28.48
N LEU C 400 12.57 7.08 -29.42
CA LEU C 400 11.19 7.57 -29.17
C LEU C 400 10.53 6.67 -28.12
N ILE C 401 10.36 5.38 -28.41
CA ILE C 401 9.59 4.46 -27.50
C ILE C 401 10.15 4.53 -26.07
N ALA C 402 11.46 4.67 -25.92
CA ALA C 402 12.07 4.75 -24.58
C ALA C 402 11.61 6.00 -23.83
N ARG C 403 11.60 7.15 -24.50
CA ARG C 403 11.27 8.45 -23.86
C ARG C 403 9.83 8.39 -23.38
N GLU C 404 8.97 7.79 -24.19
CA GLU C 404 7.55 7.70 -23.83
C GLU C 404 7.36 6.81 -22.59
N ALA C 405 8.06 5.69 -22.51
CA ALA C 405 7.93 4.72 -21.40
C ALA C 405 8.40 5.31 -20.08
N GLU C 406 9.44 6.13 -20.13
CA GLU C 406 10.02 6.72 -18.92
C GLU C 406 8.94 7.58 -18.25
N ALA C 407 8.14 8.26 -19.06
CA ALA C 407 7.00 9.04 -18.55
C ALA C 407 5.97 8.12 -17.91
N ALA C 408 5.72 6.97 -18.51
CA ALA C 408 4.68 6.01 -18.06
C ALA C 408 4.98 5.31 -16.74
N ILE C 409 6.21 5.35 -16.24
CA ILE C 409 6.57 4.59 -15.01
C ILE C 409 5.78 5.06 -13.80
N TYR C 410 5.37 4.15 -12.91
CA TYR C 410 4.70 4.51 -11.63
C TYR C 410 5.79 4.80 -10.61
N HIS C 411 6.35 6.00 -10.66
CA HIS C 411 7.49 6.38 -9.81
C HIS C 411 7.10 6.37 -8.33
N LEU C 412 5.89 6.82 -8.03
CA LEU C 412 5.48 6.94 -6.62
C LEU C 412 5.55 5.56 -5.97
N GLN C 413 5.03 4.53 -6.65
CA GLN C 413 5.17 3.15 -6.14
C GLN C 413 6.62 2.69 -6.17
N LEU C 414 7.31 2.95 -7.27
CA LEU C 414 8.69 2.43 -7.43
C LEU C 414 9.61 3.04 -6.38
N PHE C 415 9.52 4.35 -6.18
CA PHE C 415 10.38 5.04 -5.20
C PHE C 415 10.04 4.52 -3.80
N GLU C 416 8.77 4.31 -3.56
CA GLU C 416 8.34 3.81 -2.24
C GLU C 416 9.02 2.47 -1.97
N GLU C 417 9.06 1.59 -2.95
CA GLU C 417 9.61 0.23 -2.76
C GLU C 417 11.13 0.24 -2.66
N LEU C 418 11.80 1.01 -3.50
CA LEU C 418 13.27 1.06 -3.46
C LEU C 418 13.71 1.63 -2.12
N ARG C 419 13.04 2.67 -1.63
CA ARG C 419 13.34 3.18 -0.26
C ARG C 419 12.92 2.15 0.79
N ARG C 420 11.74 1.58 0.67
CA ARG C 420 11.25 0.65 1.72
C ARG C 420 12.22 -0.52 1.76
N LEU C 421 12.75 -0.92 0.61
CA LEU C 421 13.67 -2.07 0.53
C LEU C 421 15.12 -1.60 0.61
N ALA C 422 15.34 -0.30 0.81
CA ALA C 422 16.71 0.23 1.01
C ALA C 422 17.23 -0.18 2.39
N PRO C 423 18.53 -0.51 2.57
CA PRO C 423 19.08 -0.79 3.89
C PRO C 423 19.71 0.43 4.57
N ILE C 424 19.41 0.65 5.85
CA ILE C 424 19.93 1.86 6.54
C ILE C 424 21.44 1.76 6.55
N THR C 425 22.12 2.83 6.13
CA THR C 425 23.60 2.85 6.11
C THR C 425 24.05 4.15 6.76
N SER C 426 25.30 4.21 7.23
CA SER C 426 25.85 5.46 7.79
C SER C 426 26.60 6.20 6.69
N ASP C 427 26.51 5.72 5.45
CA ASP C 427 27.23 6.37 4.34
C ASP C 427 26.67 7.76 4.10
N PRO C 428 27.49 8.85 4.10
CA PRO C 428 26.99 10.19 3.76
C PRO C 428 26.40 10.33 2.36
N THR C 429 27.09 9.80 1.35
CA THR C 429 26.65 9.95 -0.05
C THR C 429 25.30 9.27 -0.23
N GLU C 430 25.10 8.12 0.38
CA GLU C 430 23.84 7.36 0.23
C GLU C 430 22.64 8.15 0.75
N ALA C 431 22.77 8.78 1.92
CA ALA C 431 21.71 9.63 2.49
C ALA C 431 21.45 10.84 1.61
N THR C 432 22.52 11.50 1.14
CA THR C 432 22.41 12.70 0.28
C THR C 432 21.72 12.31 -1.03
N ALA C 433 22.06 11.15 -1.56
CA ALA C 433 21.49 10.69 -2.85
C ALA C 433 19.99 10.43 -2.77
N VAL C 434 19.55 9.75 -1.72
CA VAL C 434 18.12 9.45 -1.52
C VAL C 434 17.38 10.76 -1.25
N GLY C 435 18.00 11.67 -0.50
CA GLY C 435 17.40 12.98 -0.23
C GLY C 435 17.23 13.80 -1.48
N ALA C 436 18.22 13.76 -2.37
CA ALA C 436 18.16 14.53 -3.63
C ALA C 436 17.01 14.04 -4.50
N VAL C 437 16.82 12.73 -4.61
CA VAL C 437 15.72 12.14 -5.43
C VAL C 437 14.36 12.49 -4.83
N GLU C 438 14.24 12.45 -3.50
CA GLU C 438 12.97 12.81 -2.83
C GLU C 438 12.67 14.28 -3.11
N ALA C 439 13.70 15.11 -3.15
CA ALA C 439 13.49 16.55 -3.36
C ALA C 439 13.22 16.80 -4.83
N SER C 440 13.79 15.97 -5.71
CA SER C 440 13.50 16.06 -7.16
C SER C 440 12.03 15.76 -7.39
N PHE C 441 11.51 14.76 -6.67
CA PHE C 441 10.08 14.41 -6.78
C PHE C 441 9.18 15.51 -6.19
N LYS C 442 9.58 16.11 -5.07
CA LYS C 442 8.79 17.18 -4.38
C LYS C 442 8.67 18.49 -5.17
N CYS C 443 9.76 18.94 -5.80
CA CYS C 443 9.78 20.22 -6.55
C CYS C 443 9.68 19.98 -8.05
N CYS C 444 9.58 18.72 -8.46
CA CYS C 444 9.59 18.39 -9.91
C CYS C 444 10.78 19.04 -10.60
N SER C 445 11.98 18.71 -10.15
CA SER C 445 13.23 19.30 -10.70
C SER C 445 13.40 18.98 -12.18
N GLY C 446 14.15 19.81 -12.87
CA GLY C 446 14.44 19.55 -14.28
C GLY C 446 15.77 18.85 -14.39
N ALA C 447 16.41 18.62 -13.24
CA ALA C 447 17.66 17.84 -13.24
C ALA C 447 18.13 17.49 -11.85
N ILE C 448 19.11 16.59 -11.78
CA ILE C 448 19.85 16.34 -10.52
C ILE C 448 21.30 16.47 -11.01
N ILE C 449 22.04 17.47 -10.51
CA ILE C 449 23.40 17.74 -11.03
C ILE C 449 24.43 17.20 -10.05
N VAL C 450 25.25 16.26 -10.52
CA VAL C 450 26.24 15.60 -9.63
C VAL C 450 27.65 15.89 -10.11
N LEU C 451 28.51 16.25 -9.18
CA LEU C 451 29.94 16.37 -9.54
C LEU C 451 30.50 15.01 -9.19
N THR C 452 30.93 14.26 -10.18
CA THR C 452 31.40 12.88 -9.96
C THR C 452 32.74 12.67 -10.68
N LYS C 453 33.73 12.07 -10.01
CA LYS C 453 35.03 11.75 -10.64
C LYS C 453 35.07 10.29 -11.07
N SER C 454 34.34 9.41 -10.37
CA SER C 454 34.29 7.96 -10.67
C SER C 454 32.88 7.55 -11.09
N GLY C 455 31.92 8.47 -10.98
CA GLY C 455 30.51 8.18 -11.34
C GLY C 455 29.74 7.61 -10.18
N ARG C 456 30.43 7.17 -9.13
CA ARG C 456 29.76 6.44 -8.01
C ARG C 456 28.71 7.31 -7.32
N SER C 457 28.99 8.58 -7.18
CA SER C 457 27.99 9.47 -6.58
C SER C 457 26.72 9.48 -7.44
N ALA C 458 26.85 9.67 -8.75
CA ALA C 458 25.67 9.74 -9.66
C ALA C 458 24.99 8.39 -9.75
N HIS C 459 25.78 7.33 -9.62
CA HIS C 459 25.25 5.96 -9.72
C HIS C 459 24.22 5.74 -8.61
N GLN C 460 24.50 6.20 -7.39
CA GLN C 460 23.60 5.95 -6.23
C GLN C 460 22.28 6.68 -6.39
N VAL C 461 22.30 7.88 -6.98
CA VAL C 461 21.06 8.67 -7.25
C VAL C 461 20.20 7.91 -8.25
N ALA C 462 20.84 7.29 -9.25
CA ALA C 462 20.14 6.51 -10.30
C ALA C 462 19.43 5.29 -9.75
N ARG C 463 20.03 4.60 -8.78
CA ARG C 463 19.43 3.37 -8.18
C ARG C 463 18.09 3.75 -7.57
N TYR C 464 17.97 5.00 -7.12
CA TYR C 464 16.72 5.51 -6.48
C TYR C 464 15.73 5.91 -7.58
N ARG C 465 16.12 5.80 -8.84
CA ARG C 465 15.21 5.95 -10.02
C ARG C 465 14.41 7.24 -10.10
N PRO C 466 15.06 8.41 -10.25
CA PRO C 466 14.35 9.66 -10.40
C PRO C 466 13.66 9.89 -11.75
N ARG C 467 12.70 10.81 -11.79
CA ARG C 467 12.11 11.20 -13.10
C ARG C 467 13.04 12.29 -13.61
N ALA C 468 13.67 12.99 -12.69
CA ALA C 468 14.61 14.07 -13.04
C ALA C 468 15.84 13.53 -13.75
N PRO C 469 16.24 14.12 -14.89
CA PRO C 469 17.46 13.72 -15.57
C PRO C 469 18.73 14.00 -14.77
N ILE C 470 19.60 13.01 -14.65
CA ILE C 470 20.84 13.17 -13.84
C ILE C 470 21.97 13.63 -14.75
N ILE C 471 22.54 14.80 -14.45
CA ILE C 471 23.68 15.33 -15.24
C ILE C 471 24.94 15.17 -14.39
N ALA C 472 25.68 14.09 -14.64
CA ALA C 472 26.96 13.84 -13.95
C ALA C 472 28.09 14.67 -14.57
N VAL C 473 28.55 15.72 -13.88
CA VAL C 473 29.66 16.57 -14.39
C VAL C 473 30.98 15.93 -13.98
N THR C 474 31.76 15.53 -14.97
CA THR C 474 33.02 14.82 -14.68
C THR C 474 34.17 15.38 -15.51
N ARG C 475 35.40 15.14 -15.07
CA ARG C 475 36.57 15.47 -15.91
C ARG C 475 37.21 14.15 -16.35
N ASN C 476 36.87 13.04 -15.67
CA ASN C 476 37.36 11.69 -16.07
C ASN C 476 36.54 11.21 -17.26
N PRO C 477 37.12 11.17 -18.46
CA PRO C 477 36.35 10.83 -19.65
C PRO C 477 35.76 9.42 -19.65
N GLN C 478 36.49 8.42 -19.19
CA GLN C 478 36.03 7.01 -19.19
C GLN C 478 34.77 6.97 -18.35
N THR C 479 34.74 7.73 -17.26
CA THR C 479 33.56 7.79 -16.35
C THR C 479 32.37 8.30 -17.16
N ALA C 480 32.60 9.30 -18.00
CA ALA C 480 31.52 9.89 -18.80
C ALA C 480 30.95 8.82 -19.73
N ARG C 481 31.82 8.01 -20.31
CA ARG C 481 31.36 6.92 -21.20
C ARG C 481 30.68 5.79 -20.42
N GLN C 482 31.29 5.31 -19.35
CA GLN C 482 30.74 4.18 -18.56
C GLN C 482 29.42 4.58 -17.87
N ALA C 483 29.23 5.86 -17.57
CA ALA C 483 28.01 6.39 -16.91
C ALA C 483 26.78 6.16 -17.76
N HIS C 484 26.96 6.00 -19.07
CA HIS C 484 25.85 5.74 -20.03
C HIS C 484 25.11 4.45 -19.67
N LEU C 485 25.76 3.50 -19.01
CA LEU C 485 25.15 2.21 -18.59
C LEU C 485 23.99 2.41 -17.61
N TYR C 486 24.06 3.44 -16.77
CA TYR C 486 23.03 3.70 -15.74
C TYR C 486 21.86 4.47 -16.35
N ARG C 487 20.68 4.37 -15.74
CA ARG C 487 19.46 5.03 -16.28
C ARG C 487 19.32 6.44 -15.73
N GLY C 488 19.13 7.42 -16.61
CA GLY C 488 18.91 8.81 -16.20
C GLY C 488 20.15 9.66 -16.27
N ILE C 489 21.32 9.04 -16.31
CA ILE C 489 22.57 9.84 -16.27
C ILE C 489 22.87 10.36 -17.66
N PHE C 490 22.93 11.69 -17.81
CA PHE C 490 23.35 12.30 -19.08
C PHE C 490 24.75 12.82 -18.80
N PRO C 491 25.83 12.04 -19.09
CA PRO C 491 27.18 12.45 -18.73
C PRO C 491 27.73 13.65 -19.53
N VAL C 492 28.36 14.59 -18.83
CA VAL C 492 28.87 15.83 -19.48
C VAL C 492 30.37 16.00 -19.18
N LEU C 493 31.19 16.17 -20.22
CA LEU C 493 32.66 16.24 -19.98
C LEU C 493 33.13 17.69 -19.96
N CYS C 494 33.64 18.14 -18.82
CA CYS C 494 34.10 19.53 -18.66
C CYS C 494 35.57 19.56 -19.09
N LYS C 495 35.83 20.13 -20.26
CA LYS C 495 37.22 20.25 -20.76
C LYS C 495 37.74 21.58 -20.25
N ASP C 496 36.89 22.30 -19.51
CA ASP C 496 37.30 23.59 -18.89
C ASP C 496 38.38 23.28 -17.85
N PRO C 497 39.44 24.10 -17.73
CA PRO C 497 40.53 23.84 -16.80
C PRO C 497 40.24 24.08 -15.31
N VAL C 498 41.11 23.56 -14.43
CA VAL C 498 40.96 23.76 -12.96
C VAL C 498 41.22 25.23 -12.61
N GLN C 499 40.33 25.85 -11.84
CA GLN C 499 40.45 27.30 -11.49
C GLN C 499 41.40 27.49 -10.30
N GLU C 500 41.79 26.39 -9.65
CA GLU C 500 42.77 26.43 -8.53
C GLU C 500 42.05 26.88 -7.26
N ALA C 501 40.75 27.13 -7.36
CA ALA C 501 39.95 27.41 -6.16
C ALA C 501 38.81 26.41 -6.24
N TRP C 502 38.70 25.51 -5.26
CA TRP C 502 37.70 24.42 -5.37
C TRP C 502 36.33 25.07 -5.50
N ALA C 503 36.08 26.10 -4.69
CA ALA C 503 34.75 26.75 -4.72
C ALA C 503 34.52 27.33 -6.10
N GLU C 504 35.53 27.98 -6.67
CA GLU C 504 35.37 28.48 -8.05
C GLU C 504 35.27 27.30 -9.02
N ASP C 505 36.11 26.28 -8.85
CA ASP C 505 36.16 25.15 -9.80
C ASP C 505 34.83 24.40 -9.76
N VAL C 506 34.28 24.20 -8.57
CA VAL C 506 33.01 23.44 -8.43
C VAL C 506 31.90 24.21 -9.14
N ASP C 507 31.82 25.51 -8.90
CA ASP C 507 30.73 26.32 -9.49
C ASP C 507 30.91 26.36 -11.01
N LEU C 508 32.15 26.38 -11.46
CA LEU C 508 32.43 26.43 -12.92
C LEU C 508 31.80 25.18 -13.53
N ARG C 509 31.94 24.06 -12.83
CA ARG C 509 31.41 22.79 -13.34
C ARG C 509 29.89 22.83 -13.26
N VAL C 510 29.36 23.35 -12.16
CA VAL C 510 27.89 23.39 -11.99
C VAL C 510 27.31 24.26 -13.10
N ASN C 511 27.99 25.34 -13.47
CA ASN C 511 27.52 26.21 -14.57
C ASN C 511 27.53 25.49 -15.92
N PHE C 512 28.50 24.60 -16.13
CA PHE C 512 28.56 23.83 -17.39
C PHE C 512 27.30 22.98 -17.52
N ALA C 513 26.90 22.32 -16.44
CA ALA C 513 25.68 21.47 -16.42
C ALA C 513 24.43 22.32 -16.67
N MET C 514 24.38 23.49 -16.06
CA MET C 514 23.21 24.38 -16.19
C MET C 514 23.06 24.77 -17.65
N ASN C 515 24.16 25.10 -18.29
CA ASN C 515 24.14 25.52 -19.71
C ASN C 515 23.70 24.36 -20.61
N VAL C 516 24.19 23.15 -20.36
CA VAL C 516 23.86 21.97 -21.21
C VAL C 516 22.36 21.68 -21.15
N GLY C 517 21.77 21.64 -19.95
CA GLY C 517 20.34 21.34 -19.80
C GLY C 517 19.50 22.40 -20.45
N LYS C 518 19.97 23.64 -20.44
CA LYS C 518 19.26 24.71 -21.15
C LYS C 518 19.41 24.52 -22.66
N ALA C 519 20.64 24.34 -23.13
CA ALA C 519 20.89 24.24 -24.58
C ALA C 519 20.17 23.04 -25.19
N ARG C 520 20.11 21.94 -24.45
CA ARG C 520 19.41 20.73 -24.92
C ARG C 520 17.93 20.84 -24.58
N GLY C 521 17.54 21.87 -23.85
CA GLY C 521 16.11 22.09 -23.55
C GLY C 521 15.55 21.25 -22.43
N PHE C 522 16.40 20.66 -21.61
CA PHE C 522 15.97 19.85 -20.45
C PHE C 522 15.32 20.76 -19.41
N PHE C 523 15.89 21.94 -19.22
CA PHE C 523 15.38 22.88 -18.20
C PHE C 523 15.55 24.31 -18.68
N LYS C 524 15.05 25.25 -17.90
CA LYS C 524 15.10 26.67 -18.29
C LYS C 524 15.56 27.50 -17.10
N LYS C 525 16.04 28.71 -17.36
CA LYS C 525 16.48 29.63 -16.28
C LYS C 525 15.29 29.97 -15.37
N GLY C 526 15.51 29.92 -14.07
CA GLY C 526 14.45 30.17 -13.09
C GLY C 526 13.81 28.88 -12.63
N ASP C 527 14.05 27.81 -13.38
CA ASP C 527 13.53 26.48 -12.98
C ASP C 527 14.45 25.92 -11.88
N VAL C 528 13.91 25.11 -10.97
CA VAL C 528 14.70 24.55 -9.85
C VAL C 528 15.53 23.36 -10.31
N VAL C 529 16.67 23.12 -9.67
CA VAL C 529 17.51 21.93 -9.96
C VAL C 529 18.07 21.41 -8.64
N ILE C 530 18.56 20.17 -8.62
CA ILE C 530 19.23 19.62 -7.42
C ILE C 530 20.71 19.58 -7.77
N VAL C 531 21.58 20.05 -6.89
CA VAL C 531 23.05 19.94 -7.12
C VAL C 531 23.68 19.15 -5.97
N LEU C 532 24.38 18.08 -6.31
CA LEU C 532 25.08 17.26 -5.30
C LEU C 532 26.57 17.55 -5.38
N THR C 533 27.18 17.82 -4.24
CA THR C 533 28.62 18.15 -4.16
C THR C 533 29.15 17.61 -2.85
N GLY C 534 30.45 17.75 -2.61
CA GLY C 534 31.06 17.28 -1.36
C GLY C 534 31.77 18.40 -0.65
N TRP C 535 32.65 18.08 0.29
CA TRP C 535 33.38 19.11 1.06
C TRP C 535 34.86 19.11 0.67
N ARG C 536 35.52 17.98 0.89
CA ARG C 536 36.96 17.84 0.58
C ARG C 536 37.10 17.58 -0.92
N PRO C 537 38.19 18.03 -1.59
CA PRO C 537 38.40 17.60 -2.96
C PRO C 537 38.72 16.10 -3.00
N GLY C 538 38.28 15.41 -4.05
CA GLY C 538 38.51 13.97 -4.14
C GLY C 538 37.24 13.15 -4.07
N SER C 539 37.28 11.92 -4.55
CA SER C 539 36.11 11.03 -4.57
C SER C 539 35.68 10.55 -3.18
N GLY C 540 34.37 10.37 -2.97
CA GLY C 540 33.87 9.80 -1.70
C GLY C 540 33.55 10.81 -0.63
N PHE C 541 33.55 12.09 -0.99
CA PHE C 541 33.33 13.16 0.02
C PHE C 541 32.01 13.88 -0.28
N THR C 542 31.07 13.19 -0.93
CA THR C 542 29.78 13.84 -1.34
C THR C 542 28.80 13.86 -0.17
N ASN C 543 28.42 15.06 0.27
CA ASN C 543 27.52 15.23 1.44
C ASN C 543 26.65 16.48 1.27
N THR C 544 26.77 17.18 0.14
CA THR C 544 26.10 18.50 -0.01
C THR C 544 24.92 18.47 -0.98
N MET C 545 23.75 18.85 -0.51
CA MET C 545 22.53 18.86 -1.36
C MET C 545 22.03 20.29 -1.51
N ARG C 546 21.93 20.77 -2.74
CA ARG C 546 21.50 22.17 -3.00
C ARG C 546 20.31 22.20 -3.97
N VAL C 547 19.17 22.74 -3.54
CA VAL C 547 18.03 22.92 -4.47
C VAL C 547 18.13 24.37 -4.93
N VAL C 548 18.39 24.61 -6.22
CA VAL C 548 18.71 25.99 -6.65
C VAL C 548 18.00 26.37 -7.95
N PRO C 549 17.57 27.63 -8.15
CA PRO C 549 17.06 28.08 -9.45
C PRO C 549 18.19 28.20 -10.48
N VAL C 550 17.87 28.22 -11.77
CA VAL C 550 18.92 28.18 -12.82
C VAL C 550 19.26 29.57 -13.33
N PRO C 551 20.56 29.90 -13.51
CA PRO C 551 20.97 31.15 -14.12
C PRO C 551 20.56 31.27 -15.60
N GLN D 34 6.65 -24.29 -4.51
CA GLN D 34 7.39 -23.65 -5.63
C GLN D 34 6.68 -23.97 -6.93
N THR D 35 5.43 -23.56 -7.05
CA THR D 35 4.67 -23.75 -8.31
C THR D 35 3.82 -22.50 -8.50
N GLN D 36 3.47 -22.15 -9.73
CA GLN D 36 2.50 -21.04 -9.97
C GLN D 36 3.08 -19.70 -9.51
N GLN D 37 4.41 -19.60 -9.39
CA GLN D 37 5.08 -18.36 -8.96
C GLN D 37 4.46 -17.90 -7.63
N LEU D 38 4.18 -18.85 -6.74
CA LEU D 38 3.54 -18.53 -5.45
C LEU D 38 4.50 -17.74 -4.56
N HIS D 39 5.81 -17.85 -4.79
CA HIS D 39 6.80 -17.05 -4.05
C HIS D 39 6.57 -15.57 -4.38
N ALA D 40 6.44 -15.22 -5.66
CA ALA D 40 6.25 -13.83 -6.10
C ALA D 40 4.85 -13.37 -5.70
N ALA D 41 3.91 -14.29 -5.62
CA ALA D 41 2.51 -13.97 -5.31
C ALA D 41 2.37 -13.35 -3.93
N MET D 42 3.21 -13.78 -2.99
CA MET D 42 3.13 -13.30 -1.60
C MET D 42 4.11 -12.15 -1.34
N ALA D 43 4.88 -11.72 -2.34
CA ALA D 43 5.90 -10.68 -2.10
C ALA D 43 5.23 -9.37 -1.71
N ASP D 44 5.79 -8.66 -0.73
CA ASP D 44 5.15 -7.43 -0.18
C ASP D 44 5.22 -6.29 -1.19
N THR D 45 6.16 -6.36 -2.13
CA THR D 45 6.34 -5.29 -3.13
C THR D 45 6.36 -5.91 -4.54
N PHE D 46 6.00 -5.15 -5.57
CA PHE D 46 6.05 -5.61 -6.97
C PHE D 46 7.49 -5.89 -7.41
N LEU D 47 8.44 -5.07 -6.95
CA LEU D 47 9.87 -5.25 -7.31
C LEU D 47 10.38 -6.57 -6.74
N GLU D 48 10.01 -6.89 -5.50
CA GLU D 48 10.38 -8.18 -4.90
C GLU D 48 9.68 -9.28 -5.67
N HIS D 49 8.43 -9.04 -6.05
CA HIS D 49 7.62 -10.04 -6.76
C HIS D 49 8.33 -10.41 -8.04
N MET D 50 8.85 -9.42 -8.76
CA MET D 50 9.58 -9.64 -10.03
C MET D 50 10.85 -10.43 -9.74
N CYS D 51 11.54 -10.09 -8.66
CA CYS D 51 12.81 -10.78 -8.34
C CYS D 51 12.51 -12.26 -8.14
N ARG D 52 11.34 -12.56 -7.56
CA ARG D 52 10.93 -13.98 -7.38
C ARG D 52 10.15 -14.52 -8.58
N LEU D 53 10.71 -14.49 -9.79
CA LEU D 53 10.08 -15.11 -11.00
C LEU D 53 10.97 -16.28 -11.42
N ASP D 54 10.46 -17.51 -11.36
CA ASP D 54 11.31 -18.69 -11.59
C ASP D 54 11.05 -19.36 -12.94
N ILE D 55 12.13 -19.62 -13.68
CA ILE D 55 12.01 -20.35 -14.97
C ILE D 55 11.68 -21.79 -14.57
N ASP D 56 11.87 -22.11 -13.31
CA ASP D 56 11.62 -23.48 -12.80
C ASP D 56 10.39 -23.49 -11.89
N SER D 57 9.54 -22.48 -11.94
CA SER D 57 8.25 -22.57 -11.20
C SER D 57 7.24 -23.06 -12.21
N PRO D 58 6.89 -24.36 -12.22
CA PRO D 58 5.98 -24.85 -13.25
C PRO D 58 4.55 -24.36 -13.03
N PRO D 59 3.84 -23.92 -14.10
CA PRO D 59 2.51 -23.36 -13.95
C PRO D 59 1.42 -24.40 -13.73
N ILE D 60 0.17 -23.95 -13.61
CA ILE D 60 -0.95 -24.93 -13.51
C ILE D 60 -1.35 -25.36 -14.91
N THR D 61 -2.10 -26.45 -15.03
CA THR D 61 -2.52 -27.01 -16.34
C THR D 61 -3.45 -26.04 -17.08
N ALA D 62 -4.29 -25.31 -16.34
CA ALA D 62 -5.30 -24.42 -16.98
C ALA D 62 -4.75 -23.09 -17.49
N ARG D 63 -5.13 -22.71 -18.72
CA ARG D 63 -4.77 -21.41 -19.32
C ARG D 63 -6.04 -20.56 -19.30
N ASN D 64 -5.95 -19.30 -18.89
CA ASN D 64 -7.13 -18.45 -18.67
C ASN D 64 -7.33 -17.42 -19.80
N THR D 65 -6.27 -17.03 -20.49
CA THR D 65 -6.37 -15.96 -21.52
C THR D 65 -6.87 -16.57 -22.83
N GLY D 66 -8.00 -16.10 -23.31
CA GLY D 66 -8.61 -16.65 -24.52
C GLY D 66 -7.72 -16.49 -25.74
N ILE D 67 -7.66 -17.52 -26.58
CA ILE D 67 -6.85 -17.43 -27.81
C ILE D 67 -7.80 -17.34 -29.00
N ILE D 68 -7.76 -16.20 -29.67
CA ILE D 68 -8.60 -15.97 -30.87
C ILE D 68 -7.73 -16.14 -32.10
N CYS D 69 -7.95 -17.21 -32.85
CA CYS D 69 -7.30 -17.41 -34.16
C CYS D 69 -8.09 -16.63 -35.22
N THR D 70 -7.39 -16.13 -36.24
CA THR D 70 -8.08 -15.57 -37.41
C THR D 70 -8.09 -16.69 -38.43
N ILE D 71 -9.22 -16.98 -39.06
CA ILE D 71 -9.26 -18.17 -39.96
C ILE D 71 -9.22 -17.68 -41.41
N GLY D 72 -8.53 -18.44 -42.26
CA GLY D 72 -8.40 -18.02 -43.67
C GLY D 72 -7.68 -19.03 -44.52
N PRO D 73 -7.11 -18.61 -45.67
CA PRO D 73 -6.45 -19.53 -46.60
C PRO D 73 -5.44 -20.48 -45.97
N ALA D 74 -4.75 -20.05 -44.91
CA ALA D 74 -3.82 -20.95 -44.19
C ALA D 74 -4.52 -22.12 -43.47
N SER D 75 -5.65 -21.90 -42.79
CA SER D 75 -6.28 -23.01 -42.01
C SER D 75 -7.81 -23.08 -42.14
N ARG D 76 -8.39 -22.87 -43.33
CA ARG D 76 -9.85 -23.08 -43.51
C ARG D 76 -10.10 -24.55 -43.29
N SER D 77 -9.08 -25.37 -43.57
CA SER D 77 -9.22 -26.83 -43.52
C SER D 77 -9.61 -27.36 -42.15
N VAL D 78 -10.50 -28.35 -42.14
CA VAL D 78 -10.99 -29.00 -40.90
C VAL D 78 -9.81 -29.76 -40.30
N GLU D 79 -8.95 -30.33 -41.14
CA GLU D 79 -7.87 -31.15 -40.55
C GLU D 79 -7.04 -30.25 -39.65
N THR D 80 -6.68 -29.08 -40.16
CA THR D 80 -5.89 -28.12 -39.34
C THR D 80 -6.75 -27.58 -38.19
N LEU D 81 -8.01 -27.21 -38.46
CA LEU D 81 -8.92 -26.64 -37.43
C LEU D 81 -9.13 -27.67 -36.30
N LYS D 82 -9.15 -28.95 -36.65
CA LYS D 82 -9.31 -30.03 -35.64
C LYS D 82 -8.14 -30.02 -34.67
N GLU D 83 -6.92 -29.86 -35.19
CA GLU D 83 -5.72 -29.88 -34.33
C GLU D 83 -5.70 -28.64 -33.42
N MET D 84 -6.17 -27.51 -33.92
CA MET D 84 -6.18 -26.24 -33.15
C MET D 84 -6.94 -26.41 -31.85
N ILE D 85 -8.08 -27.07 -31.90
CA ILE D 85 -8.92 -27.14 -30.68
C ILE D 85 -8.12 -27.84 -29.59
N LYS D 86 -7.36 -28.87 -29.93
CA LYS D 86 -6.46 -29.51 -28.95
C LYS D 86 -5.36 -28.52 -28.62
N SER D 87 -4.90 -27.82 -29.65
CA SER D 87 -3.77 -26.87 -29.46
C SER D 87 -4.17 -25.76 -28.48
N GLY D 88 -5.40 -25.25 -28.56
CA GLY D 88 -5.87 -24.26 -27.58
C GLY D 88 -6.86 -23.24 -28.09
N MET D 89 -7.04 -23.13 -29.41
CA MET D 89 -7.93 -22.09 -29.97
C MET D 89 -9.30 -22.20 -29.33
N ASN D 90 -9.86 -21.05 -28.93
CA ASN D 90 -11.18 -21.02 -28.27
C ASN D 90 -12.12 -20.26 -29.19
N VAL D 91 -11.58 -19.34 -29.97
CA VAL D 91 -12.40 -18.52 -30.89
C VAL D 91 -11.82 -18.56 -32.30
N ALA D 92 -12.66 -18.82 -33.30
CA ALA D 92 -12.23 -18.77 -34.70
C ALA D 92 -12.79 -17.50 -35.35
N ARG D 93 -11.96 -16.48 -35.55
CA ARG D 93 -12.36 -15.21 -36.20
C ARG D 93 -12.41 -15.39 -37.71
N LEU D 94 -13.25 -14.62 -38.39
CA LEU D 94 -13.33 -14.64 -39.86
C LEU D 94 -13.11 -13.20 -40.33
N ASN D 95 -12.19 -12.99 -41.26
CA ASN D 95 -11.87 -11.62 -41.71
C ASN D 95 -12.66 -11.32 -42.98
N PHE D 96 -13.49 -10.27 -42.95
CA PHE D 96 -14.25 -9.84 -44.14
C PHE D 96 -13.35 -9.15 -45.16
N SER D 97 -12.24 -8.57 -44.73
CA SER D 97 -11.39 -7.80 -45.66
C SER D 97 -10.91 -8.70 -46.79
N HIS D 98 -10.76 -9.99 -46.50
CA HIS D 98 -10.40 -10.95 -47.56
C HIS D 98 -11.49 -12.02 -47.58
N GLY D 99 -12.69 -11.58 -47.94
CA GLY D 99 -13.84 -12.49 -48.00
C GLY D 99 -14.98 -11.90 -48.81
N THR D 100 -15.96 -12.73 -49.20
CA THR D 100 -17.20 -12.25 -49.86
C THR D 100 -18.28 -12.68 -48.88
N HIS D 101 -19.53 -12.34 -49.11
CA HIS D 101 -20.60 -12.67 -48.13
C HIS D 101 -20.87 -14.17 -48.14
N GLU D 102 -20.28 -14.89 -49.09
CA GLU D 102 -20.52 -16.34 -49.24
C GLU D 102 -19.20 -17.08 -49.10
N TYR D 103 -18.12 -16.36 -48.86
CA TYR D 103 -16.79 -17.00 -48.92
C TYR D 103 -16.49 -17.92 -47.73
N HIS D 104 -16.86 -17.55 -46.51
CA HIS D 104 -16.42 -18.28 -45.28
C HIS D 104 -17.27 -19.46 -44.82
N ALA D 105 -18.38 -19.75 -45.48
CA ALA D 105 -19.30 -20.80 -44.97
C ALA D 105 -18.61 -22.17 -44.85
N GLU D 106 -17.70 -22.51 -45.77
CA GLU D 106 -16.96 -23.80 -45.72
C GLU D 106 -16.12 -23.87 -44.44
N THR D 107 -15.47 -22.77 -44.06
CA THR D 107 -14.70 -22.74 -42.80
C THR D 107 -15.64 -22.91 -41.61
N ILE D 108 -16.80 -22.27 -41.65
CA ILE D 108 -17.75 -22.35 -40.51
C ILE D 108 -18.19 -23.80 -40.35
N LYS D 109 -18.49 -24.49 -41.44
CA LYS D 109 -18.84 -25.92 -41.29
C LYS D 109 -17.64 -26.65 -40.74
N ASN D 110 -16.46 -26.32 -41.22
CA ASN D 110 -15.24 -27.06 -40.82
C ASN D 110 -14.99 -26.90 -39.33
N VAL D 111 -15.13 -25.67 -38.84
CA VAL D 111 -14.88 -25.40 -37.41
C VAL D 111 -15.91 -26.21 -36.65
N ARG D 112 -17.15 -26.11 -37.08
CA ARG D 112 -18.23 -26.78 -36.32
C ARG D 112 -18.05 -28.28 -36.37
N THR D 113 -17.77 -28.84 -37.54
CA THR D 113 -17.67 -30.31 -37.64
C THR D 113 -16.49 -30.79 -36.79
N ALA D 114 -15.38 -30.05 -36.83
CA ALA D 114 -14.18 -30.40 -36.03
C ALA D 114 -14.51 -30.26 -34.55
N THR D 115 -15.20 -29.19 -34.18
CA THR D 115 -15.63 -29.02 -32.77
C THR D 115 -16.60 -30.14 -32.39
N GLU D 116 -17.50 -30.50 -33.30
CA GLU D 116 -18.57 -31.48 -32.95
C GLU D 116 -18.00 -32.89 -32.86
N SER D 117 -16.77 -33.10 -33.31
CA SER D 117 -16.12 -34.42 -33.27
C SER D 117 -15.98 -34.94 -31.83
N PHE D 118 -15.70 -34.06 -30.86
CA PHE D 118 -15.46 -34.48 -29.47
C PHE D 118 -16.75 -34.50 -28.67
N ALA D 119 -17.89 -34.21 -29.30
CA ALA D 119 -19.17 -34.07 -28.58
C ALA D 119 -19.53 -35.38 -27.89
N SER D 120 -18.94 -36.49 -28.34
CA SER D 120 -19.21 -37.82 -27.75
C SER D 120 -18.89 -37.77 -26.26
N ASP D 121 -17.76 -37.18 -25.88
CA ASP D 121 -17.47 -36.99 -24.43
C ASP D 121 -17.75 -35.53 -24.11
N PRO D 122 -18.85 -35.24 -23.39
CA PRO D 122 -19.21 -33.86 -23.01
C PRO D 122 -18.14 -33.31 -22.07
N ILE D 123 -17.55 -34.18 -21.27
CA ILE D 123 -16.50 -33.75 -20.32
C ILE D 123 -15.30 -33.22 -21.10
N LEU D 124 -14.85 -33.91 -22.15
CA LEU D 124 -13.63 -33.51 -22.87
C LEU D 124 -13.97 -32.52 -23.96
N TYR D 125 -15.26 -32.27 -24.19
CA TYR D 125 -15.69 -31.35 -25.27
C TYR D 125 -15.18 -29.95 -24.97
N ARG D 126 -14.70 -29.27 -26.01
CA ARG D 126 -14.26 -27.87 -25.84
C ARG D 126 -15.08 -26.96 -26.76
N PRO D 127 -15.91 -26.03 -26.23
CA PRO D 127 -16.64 -25.07 -27.07
C PRO D 127 -15.73 -24.14 -27.87
N VAL D 128 -16.16 -23.76 -29.07
CA VAL D 128 -15.37 -22.83 -29.91
C VAL D 128 -16.30 -21.73 -30.42
N ALA D 129 -15.93 -20.47 -30.23
CA ALA D 129 -16.75 -19.32 -30.65
C ALA D 129 -16.52 -18.96 -32.11
N VAL D 130 -17.45 -18.20 -32.68
CA VAL D 130 -17.28 -17.74 -34.08
C VAL D 130 -17.27 -16.21 -34.07
N ALA D 131 -16.22 -15.62 -34.60
CA ALA D 131 -16.09 -14.15 -34.61
C ALA D 131 -16.13 -13.61 -36.04
N LEU D 132 -16.93 -12.57 -36.25
CA LEU D 132 -16.95 -11.92 -37.56
C LEU D 132 -16.28 -10.54 -37.40
N ASP D 133 -15.21 -10.30 -38.17
CA ASP D 133 -14.58 -8.96 -38.16
C ASP D 133 -15.00 -8.30 -39.47
N THR D 134 -15.62 -7.14 -39.38
CA THR D 134 -16.11 -6.42 -40.58
C THR D 134 -14.94 -5.94 -41.41
N LYS D 135 -15.14 -5.69 -42.71
CA LYS D 135 -14.08 -5.05 -43.53
C LYS D 135 -13.91 -3.64 -42.98
N GLY D 136 -15.01 -2.97 -42.61
CA GLY D 136 -14.93 -1.67 -41.93
C GLY D 136 -14.69 -0.51 -42.85
N PRO D 137 -14.67 0.77 -42.38
CA PRO D 137 -14.32 1.91 -43.24
C PRO D 137 -12.86 1.78 -43.68
N GLU D 138 -12.63 1.50 -44.96
CA GLU D 138 -11.24 1.25 -45.41
C GLU D 138 -10.95 2.09 -46.65
N ILE D 139 -9.67 2.21 -47.06
CA ILE D 139 -9.32 2.90 -48.32
C ILE D 139 -8.33 2.00 -49.05
N ARG D 140 -8.39 1.95 -50.38
CA ARG D 140 -7.49 1.03 -51.15
C ARG D 140 -6.96 1.65 -52.45
N THR D 141 -5.73 1.30 -52.83
CA THR D 141 -5.06 1.82 -54.06
C THR D 141 -5.61 1.14 -55.33
N GLY D 142 -5.18 1.61 -56.49
CA GLY D 142 -5.71 1.08 -57.76
C GLY D 142 -5.22 -0.32 -58.05
N LEU D 143 -5.89 -1.06 -58.95
CA LEU D 143 -5.55 -2.48 -59.24
C LEU D 143 -4.73 -2.60 -60.52
N GLU D 153 6.12 -0.86 -58.25
CA GLU D 153 7.47 -0.30 -57.99
C GLU D 153 7.34 1.17 -57.52
N LEU D 154 8.06 1.54 -56.46
CA LEU D 154 8.01 2.93 -55.92
C LEU D 154 9.41 3.44 -55.62
N LYS D 155 9.54 4.76 -55.40
CA LYS D 155 10.87 5.40 -55.16
C LYS D 155 10.81 6.26 -53.89
N LYS D 156 11.96 6.73 -53.39
CA LYS D 156 12.02 7.45 -52.08
C LYS D 156 12.35 8.93 -52.26
N GLY D 157 12.03 9.76 -51.25
CA GLY D 157 12.35 11.19 -51.29
C GLY D 157 11.78 11.84 -52.52
N ALA D 158 10.61 11.40 -52.97
CA ALA D 158 10.09 11.90 -54.25
C ALA D 158 8.78 12.66 -54.11
N THR D 159 8.17 12.99 -55.24
CA THR D 159 6.86 13.68 -55.25
C THR D 159 5.90 12.80 -56.05
N LEU D 160 4.72 12.52 -55.51
CA LEU D 160 3.72 11.70 -56.24
C LEU D 160 2.36 12.38 -56.12
N LYS D 161 1.57 12.36 -57.19
CA LYS D 161 0.19 12.90 -57.10
C LYS D 161 -0.79 11.74 -56.93
N ILE D 162 -1.96 12.02 -56.35
CA ILE D 162 -3.01 10.99 -56.20
C ILE D 162 -4.24 11.55 -56.90
N THR D 163 -4.94 10.80 -57.76
CA THR D 163 -6.09 11.35 -58.53
C THR D 163 -7.32 10.46 -58.34
N LEU D 164 -8.46 10.88 -58.85
CA LEU D 164 -9.69 10.05 -58.77
C LEU D 164 -10.19 9.73 -60.18
N ASP D 165 -9.26 9.35 -61.07
CA ASP D 165 -9.67 8.82 -62.39
C ASP D 165 -10.10 7.40 -62.06
N ASN D 166 -11.40 7.14 -61.97
CA ASN D 166 -11.87 5.82 -61.48
C ASN D 166 -11.35 4.71 -62.39
N ALA D 167 -10.92 5.05 -63.61
CA ALA D 167 -10.36 4.05 -64.55
C ALA D 167 -9.09 3.44 -63.96
N TYR D 168 -8.42 4.14 -63.06
CA TYR D 168 -7.13 3.63 -62.49
C TYR D 168 -7.44 2.43 -61.61
N MET D 169 -8.71 2.15 -61.36
CA MET D 169 -9.09 0.92 -60.61
C MET D 169 -8.60 -0.32 -61.35
N GLU D 170 -8.66 -0.35 -62.70
CA GLU D 170 -8.09 -1.48 -63.49
C GLU D 170 -6.79 -1.00 -64.12
N LYS D 171 -6.35 0.20 -63.79
CA LYS D 171 -5.08 0.74 -64.31
C LYS D 171 -4.26 1.39 -63.20
N CYS D 172 -3.74 0.61 -62.23
CA CYS D 172 -2.84 1.16 -61.18
C CYS D 172 -1.55 1.62 -61.88
N ASP D 173 -0.97 2.76 -61.48
CA ASP D 173 0.19 3.31 -62.22
C ASP D 173 1.27 3.88 -61.29
N GLU D 174 2.55 3.78 -61.67
CA GLU D 174 3.65 4.42 -60.90
C GLU D 174 3.50 5.93 -60.98
N ASN D 175 3.01 6.40 -62.11
CA ASN D 175 2.90 7.86 -62.37
C ASN D 175 2.01 8.53 -61.32
N ILE D 176 0.87 7.92 -60.99
CA ILE D 176 -0.08 8.49 -59.99
C ILE D 176 -0.82 7.34 -59.30
N LEU D 177 -1.21 7.49 -58.04
CA LEU D 177 -2.02 6.46 -57.34
C LEU D 177 -3.48 6.92 -57.34
N TRP D 178 -4.42 6.01 -57.12
CA TRP D 178 -5.87 6.33 -57.14
C TRP D 178 -6.52 5.74 -55.89
N LEU D 179 -7.70 6.23 -55.50
CA LEU D 179 -8.31 5.76 -54.22
C LEU D 179 -9.81 5.50 -54.39
N ASP D 180 -10.39 4.65 -53.55
CA ASP D 180 -11.85 4.38 -53.56
C ASP D 180 -12.50 5.42 -52.64
N TYR D 181 -11.64 6.25 -52.03
CA TYR D 181 -12.13 7.30 -51.12
C TYR D 181 -12.29 8.58 -51.93
N LYS D 182 -13.51 9.09 -51.98
CA LYS D 182 -13.81 10.29 -52.80
C LYS D 182 -13.76 11.53 -51.92
N ASN D 183 -13.88 11.35 -50.61
CA ASN D 183 -13.91 12.50 -49.67
C ASN D 183 -12.55 12.71 -49.02
N ILE D 184 -11.47 12.31 -49.68
CA ILE D 184 -10.12 12.61 -49.16
C ILE D 184 -9.96 14.13 -49.11
N CYS D 185 -10.38 14.84 -50.14
CA CYS D 185 -10.14 16.30 -50.15
C CYS D 185 -10.87 16.94 -48.97
N LYS D 186 -12.08 16.49 -48.67
CA LYS D 186 -12.86 17.01 -47.54
C LYS D 186 -12.19 16.70 -46.20
N VAL D 187 -11.67 15.49 -46.01
CA VAL D 187 -11.11 15.10 -44.67
C VAL D 187 -9.61 15.35 -44.59
N VAL D 188 -8.91 15.59 -45.70
CA VAL D 188 -7.43 15.72 -45.64
C VAL D 188 -7.00 17.17 -45.36
N GLU D 189 -5.82 17.36 -44.77
CA GLU D 189 -5.30 18.71 -44.47
C GLU D 189 -3.90 18.81 -45.07
N VAL D 190 -3.46 20.00 -45.49
CA VAL D 190 -2.06 20.14 -45.97
C VAL D 190 -1.14 19.82 -44.79
N GLY D 191 -0.06 19.09 -45.05
CA GLY D 191 0.86 18.67 -43.98
C GLY D 191 0.45 17.33 -43.42
N SER D 192 -0.74 16.85 -43.81
CA SER D 192 -1.17 15.50 -43.39
C SER D 192 -0.22 14.50 -44.01
N LYS D 193 -0.11 13.33 -43.41
CA LYS D 193 0.74 12.26 -43.97
C LYS D 193 -0.16 11.14 -44.46
N ILE D 194 -0.02 10.76 -45.72
CA ILE D 194 -0.79 9.60 -46.26
C ILE D 194 0.13 8.37 -46.16
N TYR D 195 -0.41 7.22 -45.76
CA TYR D 195 0.42 6.01 -45.55
C TYR D 195 -0.05 4.89 -46.47
N VAL D 196 0.88 4.09 -46.98
CA VAL D 196 0.54 2.98 -47.93
C VAL D 196 1.27 1.69 -47.53
N ASP D 197 0.80 0.53 -47.99
CA ASP D 197 1.42 -0.79 -47.71
C ASP D 197 1.61 -1.02 -46.22
N ASP D 198 0.53 -0.92 -45.45
CA ASP D 198 0.62 -1.21 -44.00
C ASP D 198 1.60 -0.25 -43.36
N GLY D 199 1.67 1.00 -43.83
CA GLY D 199 2.49 2.02 -43.15
C GLY D 199 3.95 2.06 -43.52
N LEU D 200 4.39 1.16 -44.38
CA LEU D 200 5.79 1.22 -44.84
C LEU D 200 5.98 2.52 -45.61
N ILE D 201 4.97 2.93 -46.40
CA ILE D 201 5.10 4.12 -47.30
C ILE D 201 4.40 5.33 -46.68
N SER D 202 5.06 6.48 -46.64
CA SER D 202 4.47 7.72 -46.05
C SER D 202 4.51 8.84 -47.09
N LEU D 203 3.42 9.59 -47.23
CA LEU D 203 3.37 10.73 -48.17
C LEU D 203 2.89 11.97 -47.42
N GLN D 204 3.71 13.01 -47.28
CA GLN D 204 3.28 14.26 -46.61
C GLN D 204 2.58 15.16 -47.63
N VAL D 205 1.45 15.75 -47.26
CA VAL D 205 0.65 16.55 -48.23
C VAL D 205 1.34 17.88 -48.52
N LYS D 206 1.43 18.26 -49.79
CA LYS D 206 2.04 19.56 -50.15
C LYS D 206 0.99 20.41 -50.86
N GLN D 207 0.49 19.92 -52.00
CA GLN D 207 -0.54 20.65 -52.80
C GLN D 207 -1.82 19.82 -52.85
N LYS D 208 -2.93 20.45 -53.21
CA LYS D 208 -4.22 19.73 -53.37
C LYS D 208 -4.68 19.84 -54.81
N GLY D 209 -5.87 20.42 -55.03
CA GLY D 209 -6.45 20.47 -56.38
C GLY D 209 -7.95 20.25 -56.30
N ALA D 210 -8.57 19.73 -57.37
CA ALA D 210 -10.02 19.44 -57.36
C ALA D 210 -10.23 18.02 -56.82
N ASP D 211 -9.60 17.04 -57.48
CA ASP D 211 -9.74 15.63 -57.05
C ASP D 211 -8.36 15.07 -56.78
N PHE D 212 -7.36 15.94 -56.63
CA PHE D 212 -5.98 15.43 -56.48
C PHE D 212 -5.23 16.06 -55.32
N LEU D 213 -4.23 15.37 -54.80
CA LEU D 213 -3.36 15.95 -53.74
C LEU D 213 -1.92 15.68 -54.20
N VAL D 214 -1.05 16.69 -54.16
CA VAL D 214 0.39 16.46 -54.48
C VAL D 214 1.08 16.22 -53.15
N THR D 215 1.76 15.09 -53.03
CA THR D 215 2.35 14.72 -51.73
C THR D 215 3.84 14.41 -51.92
N GLU D 216 4.62 14.53 -50.85
CA GLU D 216 6.07 14.22 -50.93
C GLU D 216 6.31 12.86 -50.28
N VAL D 217 7.12 12.03 -50.90
CA VAL D 217 7.45 10.70 -50.31
C VAL D 217 8.59 10.88 -49.31
N GLU D 218 8.41 10.40 -48.09
CA GLU D 218 9.51 10.41 -47.09
C GLU D 218 10.08 8.99 -47.01
N ASN D 219 9.20 7.99 -47.12
CA ASN D 219 9.63 6.58 -47.03
C ASN D 219 9.17 5.88 -48.30
N GLY D 220 10.10 5.40 -49.13
CA GLY D 220 9.76 4.69 -50.36
C GLY D 220 9.74 3.18 -50.20
N GLY D 221 9.48 2.44 -51.28
CA GLY D 221 9.34 0.98 -51.15
C GLY D 221 8.81 0.29 -52.40
N SER D 222 8.09 -0.82 -52.22
CA SER D 222 7.51 -1.57 -53.38
C SER D 222 6.02 -1.24 -53.48
N LEU D 223 5.59 -0.67 -54.61
CA LEU D 223 4.18 -0.26 -54.76
C LEU D 223 3.40 -1.36 -55.45
N GLY D 224 2.29 -1.78 -54.85
CA GLY D 224 1.44 -2.80 -55.49
C GLY D 224 0.07 -2.25 -55.75
N SER D 225 -0.96 -3.07 -55.57
CA SER D 225 -2.33 -2.63 -55.91
C SER D 225 -3.28 -2.85 -54.74
N LYS D 226 -4.38 -2.10 -54.69
CA LYS D 226 -5.40 -2.29 -53.63
C LYS D 226 -4.71 -2.25 -52.28
N LYS D 227 -3.80 -1.29 -52.06
CA LYS D 227 -3.20 -1.19 -50.70
C LYS D 227 -4.06 -0.33 -49.80
N GLY D 228 -4.19 -0.73 -48.53
CA GLY D 228 -4.96 0.07 -47.55
C GLY D 228 -4.28 1.38 -47.26
N VAL D 229 -5.08 2.44 -47.11
CA VAL D 229 -4.48 3.79 -46.91
C VAL D 229 -4.96 4.27 -45.55
N ASN D 230 -4.02 4.54 -44.65
CA ASN D 230 -4.41 5.05 -43.32
C ASN D 230 -4.07 6.53 -43.31
N LEU D 231 -5.09 7.36 -43.04
CA LEU D 231 -4.87 8.83 -43.01
C LEU D 231 -4.87 9.31 -41.54
N PRO D 232 -3.69 9.40 -40.89
CA PRO D 232 -3.59 9.76 -39.46
C PRO D 232 -3.99 11.20 -39.13
N GLY D 233 -4.24 12.02 -40.14
CA GLY D 233 -4.73 13.38 -39.87
C GLY D 233 -6.14 13.52 -40.40
N ALA D 234 -6.98 12.50 -40.19
CA ALA D 234 -8.32 12.55 -40.79
C ALA D 234 -9.43 11.93 -39.96
N ALA D 235 -10.63 12.49 -40.04
CA ALA D 235 -11.83 11.86 -39.44
C ALA D 235 -12.54 11.33 -40.68
N VAL D 236 -12.49 10.02 -40.94
CA VAL D 236 -13.00 9.48 -42.24
C VAL D 236 -14.46 9.83 -42.44
N ASP D 237 -14.79 10.35 -43.62
CA ASP D 237 -16.18 10.78 -43.93
C ASP D 237 -17.10 9.56 -44.02
N LEU D 238 -16.57 8.39 -44.36
CA LEU D 238 -17.44 7.21 -44.58
C LEU D 238 -18.16 6.83 -43.29
N PRO D 239 -19.51 6.71 -43.31
CA PRO D 239 -20.28 6.30 -42.15
C PRO D 239 -20.76 4.86 -42.31
N GLU D 243 -24.09 1.57 -45.89
CA GLU D 243 -25.02 0.68 -46.63
C GLU D 243 -24.35 -0.67 -46.89
N LYS D 244 -23.15 -0.65 -47.49
CA LYS D 244 -22.40 -1.93 -47.70
C LYS D 244 -22.10 -2.48 -46.33
N ASP D 245 -21.72 -1.60 -45.41
CA ASP D 245 -21.43 -2.01 -44.01
C ASP D 245 -22.70 -2.52 -43.31
N ILE D 246 -23.85 -1.91 -43.57
CA ILE D 246 -25.12 -2.41 -42.98
C ILE D 246 -25.33 -3.86 -43.45
N GLN D 247 -25.05 -4.14 -44.71
CA GLN D 247 -25.31 -5.50 -45.26
C GLN D 247 -24.46 -6.50 -44.49
N ASP D 248 -23.22 -6.14 -44.21
CA ASP D 248 -22.29 -7.10 -43.59
C ASP D 248 -22.80 -7.54 -42.22
N LEU D 249 -23.23 -6.58 -41.41
CA LEU D 249 -23.74 -6.87 -40.05
C LEU D 249 -25.08 -7.64 -40.09
N LYS D 250 -25.99 -7.29 -40.98
CA LYS D 250 -27.31 -7.97 -41.10
C LYS D 250 -27.13 -9.44 -41.50
N PHE D 251 -26.11 -9.74 -42.31
CA PHE D 251 -25.83 -11.13 -42.74
C PHE D 251 -25.23 -11.89 -41.58
N GLY D 252 -24.61 -11.16 -40.65
CA GLY D 252 -23.92 -11.82 -39.53
C GLY D 252 -24.91 -12.61 -38.71
N VAL D 253 -26.12 -12.09 -38.54
CA VAL D 253 -27.14 -12.75 -37.69
C VAL D 253 -27.47 -14.15 -38.21
N GLU D 254 -27.62 -14.32 -39.52
CA GLU D 254 -28.06 -15.62 -40.06
C GLU D 254 -27.00 -16.70 -39.89
N GLN D 255 -25.75 -16.32 -39.60
CA GLN D 255 -24.68 -17.34 -39.52
C GLN D 255 -24.51 -17.86 -38.09
N ASP D 256 -25.38 -17.43 -37.17
CA ASP D 256 -25.34 -17.91 -35.77
C ASP D 256 -23.95 -17.64 -35.19
N VAL D 257 -23.48 -16.40 -35.33
CA VAL D 257 -22.14 -16.02 -34.81
C VAL D 257 -22.26 -15.48 -33.40
N ASP D 258 -21.35 -15.87 -32.52
CA ASP D 258 -21.35 -15.46 -31.10
C ASP D 258 -20.97 -14.00 -30.88
N MET D 259 -19.97 -13.52 -31.61
CA MET D 259 -19.46 -12.16 -31.36
C MET D 259 -19.25 -11.41 -32.67
N VAL D 260 -19.23 -10.09 -32.60
CA VAL D 260 -18.89 -9.28 -33.80
C VAL D 260 -17.77 -8.31 -33.43
N PHE D 261 -16.69 -8.32 -34.19
CA PHE D 261 -15.60 -7.34 -33.99
C PHE D 261 -15.84 -6.27 -35.03
N ALA D 262 -15.89 -5.02 -34.62
CA ALA D 262 -16.23 -3.96 -35.57
C ALA D 262 -14.97 -3.24 -36.00
N SER D 263 -14.69 -3.23 -37.30
CA SER D 263 -13.51 -2.49 -37.80
C SER D 263 -13.81 -1.00 -37.89
N PHE D 264 -12.88 -0.18 -37.43
CA PHE D 264 -12.96 1.31 -37.50
C PHE D 264 -14.16 1.86 -36.74
N ILE D 265 -14.09 1.82 -35.41
CA ILE D 265 -15.14 2.46 -34.56
C ILE D 265 -14.52 3.74 -34.04
N ARG D 266 -15.23 4.87 -34.07
CA ARG D 266 -14.61 6.17 -33.67
C ARG D 266 -15.46 6.86 -32.61
N LYS D 267 -16.68 6.37 -32.41
CA LYS D 267 -17.62 7.01 -31.44
C LYS D 267 -18.72 6.02 -31.06
N ALA D 268 -19.49 6.33 -30.03
CA ALA D 268 -20.59 5.44 -29.60
C ALA D 268 -21.61 5.32 -30.70
N SER D 269 -21.76 6.35 -31.53
CA SER D 269 -22.80 6.36 -32.56
C SER D 269 -22.59 5.18 -33.49
N ASP D 270 -21.34 4.87 -33.81
CA ASP D 270 -21.06 3.68 -34.63
C ASP D 270 -21.52 2.43 -33.87
N VAL D 271 -21.22 2.35 -32.57
CA VAL D 271 -21.61 1.17 -31.75
C VAL D 271 -23.13 1.15 -31.61
N HIS D 272 -23.73 2.31 -31.33
CA HIS D 272 -25.18 2.39 -31.12
C HIS D 272 -25.86 1.96 -32.41
N GLU D 273 -25.28 2.36 -33.54
CA GLU D 273 -25.81 1.88 -34.85
C GLU D 273 -25.58 0.38 -35.13
N VAL D 274 -24.41 -0.15 -34.83
CA VAL D 274 -24.08 -1.55 -35.22
C VAL D 274 -25.04 -2.54 -34.59
N ARG D 275 -25.38 -2.32 -33.33
CA ARG D 275 -26.32 -3.23 -32.63
C ARG D 275 -27.61 -3.27 -33.45
N LYS D 276 -28.09 -2.12 -33.90
CA LYS D 276 -29.40 -2.09 -34.58
C LYS D 276 -29.32 -2.92 -35.85
N VAL D 277 -28.20 -2.85 -36.54
CA VAL D 277 -28.00 -3.65 -37.78
C VAL D 277 -28.07 -5.15 -37.42
N LEU D 278 -27.54 -5.53 -36.27
CA LEU D 278 -27.63 -6.94 -35.82
C LEU D 278 -29.10 -7.27 -35.56
N GLY D 279 -29.83 -6.38 -34.91
CA GLY D 279 -31.28 -6.59 -34.76
C GLY D 279 -31.69 -7.41 -33.56
N GLU D 280 -33.00 -7.58 -33.37
CA GLU D 280 -33.54 -8.39 -32.26
C GLU D 280 -33.05 -9.82 -32.46
N LYS D 281 -32.95 -10.25 -33.72
CA LYS D 281 -32.42 -11.60 -34.02
C LYS D 281 -30.99 -11.69 -33.48
N GLY D 282 -30.24 -10.59 -33.57
CA GLY D 282 -28.86 -10.55 -33.06
C GLY D 282 -28.76 -9.79 -31.75
N LYS D 283 -29.78 -9.91 -30.90
CA LYS D 283 -29.81 -9.09 -29.65
C LYS D 283 -28.68 -9.53 -28.74
N ASN D 284 -28.31 -10.79 -28.79
CA ASN D 284 -27.30 -11.29 -27.82
C ASN D 284 -25.92 -11.30 -28.46
N ILE D 285 -25.86 -11.10 -29.78
CA ILE D 285 -24.53 -11.19 -30.45
C ILE D 285 -23.67 -10.10 -29.82
N LYS D 286 -22.48 -10.47 -29.36
CA LYS D 286 -21.64 -9.54 -28.58
C LYS D 286 -20.75 -8.70 -29.48
N ILE D 287 -20.62 -7.42 -29.16
CA ILE D 287 -19.82 -6.50 -30.00
C ILE D 287 -18.51 -6.16 -29.32
N ILE D 288 -17.41 -6.27 -30.06
CA ILE D 288 -16.11 -5.78 -29.54
C ILE D 288 -15.82 -4.58 -30.43
N SER D 289 -15.73 -3.39 -29.87
CA SER D 289 -15.51 -2.17 -30.68
C SER D 289 -14.00 -1.94 -30.85
N LYS D 290 -13.46 -2.32 -32.01
CA LYS D 290 -12.02 -2.18 -32.29
C LYS D 290 -11.63 -0.72 -32.31
N ILE D 291 -10.50 -0.38 -31.68
CA ILE D 291 -9.99 1.03 -31.74
C ILE D 291 -8.72 1.01 -32.57
N GLU D 292 -8.71 1.71 -33.69
CA GLU D 292 -7.55 1.68 -34.62
C GLU D 292 -7.35 3.10 -35.13
N ASN D 293 -7.86 4.08 -34.39
CA ASN D 293 -7.79 5.49 -34.83
C ASN D 293 -7.58 6.40 -33.63
N HIS D 294 -7.15 7.64 -33.86
CA HIS D 294 -6.97 8.62 -32.76
C HIS D 294 -8.30 8.97 -32.09
N GLU D 295 -9.37 9.16 -32.87
CA GLU D 295 -10.67 9.61 -32.31
C GLU D 295 -11.21 8.54 -31.36
N GLY D 296 -11.07 7.28 -31.74
CA GLY D 296 -11.60 6.20 -30.89
C GLY D 296 -10.91 6.25 -29.55
N VAL D 297 -9.61 6.50 -29.55
CA VAL D 297 -8.85 6.61 -28.27
C VAL D 297 -9.34 7.83 -27.52
N ARG D 298 -9.61 8.93 -28.21
CA ARG D 298 -10.00 10.21 -27.55
C ARG D 298 -11.34 10.08 -26.81
N ARG D 299 -12.33 9.41 -27.40
CA ARG D 299 -13.69 9.33 -26.80
C ARG D 299 -13.93 7.87 -26.43
N PHE D 300 -12.90 7.19 -25.95
CA PHE D 300 -12.96 5.73 -25.71
C PHE D 300 -14.05 5.31 -24.74
N ASP D 301 -14.27 6.09 -23.69
CA ASP D 301 -15.18 5.65 -22.62
C ASP D 301 -16.59 5.39 -23.14
N GLU D 302 -17.12 6.26 -23.97
CA GLU D 302 -18.51 6.11 -24.47
C GLU D 302 -18.54 4.96 -25.47
N ILE D 303 -17.46 4.77 -26.20
CA ILE D 303 -17.36 3.62 -27.14
C ILE D 303 -17.39 2.33 -26.32
N LEU D 304 -16.61 2.29 -25.23
CA LEU D 304 -16.62 1.12 -24.33
C LEU D 304 -17.98 1.00 -23.65
N GLU D 305 -18.53 2.10 -23.17
CA GLU D 305 -19.80 2.05 -22.40
C GLU D 305 -20.89 1.53 -23.32
N ALA D 306 -20.89 1.99 -24.56
CA ALA D 306 -21.87 1.49 -25.53
C ALA D 306 -21.57 0.04 -25.85
N SER D 307 -20.28 -0.33 -25.96
CA SER D 307 -19.93 -1.69 -26.44
C SER D 307 -19.82 -2.73 -25.33
N ASP D 308 -19.69 -3.99 -25.74
CA ASP D 308 -19.62 -5.11 -24.76
C ASP D 308 -18.15 -5.51 -24.60
N GLY D 309 -17.28 -4.91 -25.40
CA GLY D 309 -15.84 -5.17 -25.30
C GLY D 309 -15.04 -4.14 -26.06
N ILE D 310 -13.73 -4.13 -25.87
CA ILE D 310 -12.90 -3.22 -26.70
C ILE D 310 -11.78 -4.06 -27.31
N MET D 311 -11.43 -3.79 -28.56
CA MET D 311 -10.25 -4.47 -29.13
C MET D 311 -9.15 -3.44 -29.32
N VAL D 312 -7.94 -3.79 -28.88
CA VAL D 312 -6.79 -2.91 -29.18
C VAL D 312 -6.28 -3.39 -30.53
N ALA D 313 -6.69 -2.71 -31.60
CA ALA D 313 -6.28 -3.08 -32.97
C ALA D 313 -4.96 -2.37 -33.24
N ARG D 314 -3.87 -2.97 -32.78
CA ARG D 314 -2.55 -2.30 -32.80
C ARG D 314 -2.04 -1.96 -34.21
N GLY D 315 -2.23 -2.85 -35.18
CA GLY D 315 -1.62 -2.59 -36.50
C GLY D 315 -2.16 -1.35 -37.18
N ASP D 316 -3.47 -1.17 -37.19
CA ASP D 316 -4.03 0.06 -37.77
C ASP D 316 -3.78 1.22 -36.82
N LEU D 317 -3.87 0.97 -35.51
CA LEU D 317 -3.69 2.04 -34.50
C LEU D 317 -2.25 2.53 -34.62
N GLY D 318 -1.34 1.62 -34.94
CA GLY D 318 0.06 1.99 -35.12
C GLY D 318 0.24 3.01 -36.23
N ILE D 319 -0.43 2.86 -37.36
CA ILE D 319 -0.37 3.91 -38.42
C ILE D 319 -1.12 5.16 -38.00
N GLU D 320 -2.29 4.98 -37.38
CA GLU D 320 -3.17 6.13 -37.04
C GLU D 320 -2.56 7.02 -35.96
N ILE D 321 -1.70 6.44 -35.12
CA ILE D 321 -1.09 7.20 -34.01
C ILE D 321 0.44 7.07 -34.10
N PRO D 322 1.25 7.96 -33.47
CA PRO D 322 2.70 7.74 -33.44
C PRO D 322 2.93 6.38 -32.78
N ALA D 323 3.69 5.49 -33.41
CA ALA D 323 3.80 4.10 -32.93
C ALA D 323 4.47 3.94 -31.56
N GLU D 324 5.32 4.89 -31.19
CA GLU D 324 5.97 4.88 -29.87
C GLU D 324 4.90 5.03 -28.79
N LYS D 325 3.76 5.62 -29.11
CA LYS D 325 2.67 5.90 -28.13
C LYS D 325 1.58 4.83 -28.14
N VAL D 326 1.75 3.74 -28.88
CA VAL D 326 0.73 2.65 -28.98
C VAL D 326 0.53 1.94 -27.63
N PHE D 327 1.62 1.60 -26.93
CA PHE D 327 1.52 0.88 -25.64
C PHE D 327 0.81 1.75 -24.61
N LEU D 328 0.95 3.06 -24.72
CA LEU D 328 0.27 3.99 -23.80
C LEU D 328 -1.23 3.83 -24.02
N ALA D 329 -1.62 3.65 -25.27
CA ALA D 329 -3.04 3.41 -25.61
C ALA D 329 -3.51 2.03 -25.16
N GLN D 330 -2.70 0.99 -25.36
CA GLN D 330 -3.12 -0.38 -25.04
C GLN D 330 -3.30 -0.53 -23.53
N LYS D 331 -2.35 0.00 -22.77
CA LYS D 331 -2.36 -0.11 -21.29
C LYS D 331 -3.52 0.71 -20.74
N MET D 332 -3.78 1.86 -21.35
CA MET D 332 -4.95 2.66 -20.96
C MET D 332 -6.23 1.85 -21.22
N MET D 333 -6.33 1.23 -22.39
CA MET D 333 -7.57 0.51 -22.77
C MET D 333 -7.79 -0.73 -21.92
N ILE D 334 -6.73 -1.50 -21.71
CA ILE D 334 -6.86 -2.76 -20.92
C ILE D 334 -7.27 -2.38 -19.52
N GLY D 335 -6.66 -1.34 -18.95
CA GLY D 335 -6.97 -0.93 -17.58
C GLY D 335 -8.40 -0.47 -17.40
N ARG D 336 -8.88 0.36 -18.32
CA ARG D 336 -10.26 0.89 -18.25
C ARG D 336 -11.27 -0.22 -18.53
N CYS D 337 -10.98 -1.06 -19.51
CA CYS D 337 -11.88 -2.18 -19.83
C CYS D 337 -11.91 -3.11 -18.64
N ASN D 338 -10.75 -3.31 -18.01
CA ASN D 338 -10.65 -4.16 -16.80
C ASN D 338 -11.51 -3.54 -15.70
N ARG D 339 -11.44 -2.22 -15.53
CA ARG D 339 -12.16 -1.52 -14.45
C ARG D 339 -13.67 -1.51 -14.70
N ALA D 340 -14.08 -1.55 -15.96
CA ALA D 340 -15.52 -1.50 -16.30
C ALA D 340 -16.09 -2.91 -16.37
N GLY D 341 -15.26 -3.93 -16.15
CA GLY D 341 -15.69 -5.34 -16.27
C GLY D 341 -16.10 -5.71 -17.69
N LYS D 342 -15.42 -5.14 -18.67
CA LYS D 342 -15.79 -5.39 -20.08
C LYS D 342 -14.60 -6.01 -20.80
N PRO D 343 -14.81 -7.10 -21.57
CA PRO D 343 -13.72 -7.81 -22.22
C PRO D 343 -12.83 -6.98 -23.15
N VAL D 344 -11.53 -7.26 -23.14
CA VAL D 344 -10.56 -6.53 -24.00
C VAL D 344 -9.69 -7.54 -24.75
N ILE D 345 -9.32 -7.24 -25.99
CA ILE D 345 -8.42 -8.12 -26.78
C ILE D 345 -7.21 -7.34 -27.30
N CYS D 346 -5.99 -7.89 -27.20
CA CYS D 346 -4.78 -7.31 -27.85
C CYS D 346 -4.63 -8.14 -29.10
N ALA D 347 -4.33 -7.53 -30.23
CA ALA D 347 -4.45 -8.33 -31.46
C ALA D 347 -3.29 -8.41 -32.46
N THR D 348 -2.86 -7.30 -33.04
CA THR D 348 -1.92 -7.43 -34.19
C THR D 348 -0.43 -7.62 -33.93
N GLN D 349 0.20 -8.57 -34.61
CA GLN D 349 1.68 -8.76 -34.64
C GLN D 349 2.31 -9.44 -33.42
N MET D 350 1.53 -10.18 -32.65
CA MET D 350 2.08 -10.78 -31.41
C MET D 350 3.21 -11.78 -31.72
N LEU D 351 3.08 -12.60 -32.77
CA LEU D 351 4.09 -13.63 -33.14
C LEU D 351 4.25 -13.60 -34.65
N GLU D 352 4.50 -12.43 -35.21
CA GLU D 352 4.52 -12.27 -36.70
C GLU D 352 5.55 -13.18 -37.35
N SER D 353 6.73 -13.36 -36.74
CA SER D 353 7.81 -14.15 -37.39
C SER D 353 7.42 -15.62 -37.51
N MET D 354 6.42 -16.04 -36.77
CA MET D 354 5.99 -17.45 -36.83
C MET D 354 5.24 -17.72 -38.14
N ILE D 355 4.85 -16.67 -38.87
CA ILE D 355 4.25 -16.88 -40.21
C ILE D 355 5.27 -17.58 -41.11
N LYS D 356 6.52 -17.11 -41.20
CA LYS D 356 7.52 -17.68 -42.14
C LYS D 356 8.54 -18.55 -41.40
N LYS D 357 8.51 -18.55 -40.07
CA LYS D 357 9.50 -19.31 -39.28
C LYS D 357 8.77 -20.07 -38.15
N PRO D 358 9.30 -21.20 -37.65
CA PRO D 358 8.67 -21.96 -36.58
C PRO D 358 9.04 -21.39 -35.22
N ARG D 359 9.83 -20.32 -35.24
CA ARG D 359 10.40 -19.79 -33.98
C ARG D 359 9.93 -18.36 -33.72
N PRO D 360 9.33 -18.11 -32.55
CA PRO D 360 8.96 -16.75 -32.18
C PRO D 360 10.20 -15.95 -31.73
N THR D 361 10.21 -14.65 -32.04
CA THR D 361 11.31 -13.78 -31.56
C THR D 361 11.09 -13.58 -30.07
N ARG D 362 12.14 -13.19 -29.35
CA ARG D 362 12.05 -12.98 -27.89
C ARG D 362 11.12 -11.81 -27.59
N ALA D 363 11.18 -10.74 -28.36
CA ALA D 363 10.28 -9.58 -28.21
C ALA D 363 8.84 -10.03 -28.47
N GLU D 364 8.66 -10.90 -29.44
CA GLU D 364 7.32 -11.46 -29.73
C GLU D 364 6.87 -12.26 -28.51
N GLY D 365 7.77 -13.01 -27.90
CA GLY D 365 7.44 -13.74 -26.67
C GLY D 365 7.08 -12.80 -25.57
N SER D 366 7.79 -11.68 -25.48
CA SER D 366 7.53 -10.66 -24.45
C SER D 366 6.16 -10.02 -24.62
N ASP D 367 5.78 -9.63 -25.84
CA ASP D 367 4.53 -8.87 -26.06
C ASP D 367 3.33 -9.69 -25.63
N VAL D 368 3.38 -10.97 -25.93
CA VAL D 368 2.24 -11.84 -25.57
C VAL D 368 2.14 -11.87 -24.05
N ALA D 369 3.26 -12.08 -23.39
CA ALA D 369 3.23 -12.21 -21.92
C ALA D 369 2.82 -10.90 -21.27
N ASN D 370 3.35 -9.79 -21.77
CA ASN D 370 3.06 -8.47 -21.18
C ASN D 370 1.58 -8.15 -21.33
N ALA D 371 0.98 -8.43 -22.47
CA ALA D 371 -0.46 -8.21 -22.65
C ALA D 371 -1.26 -8.90 -21.55
N VAL D 372 -0.94 -10.16 -21.28
CA VAL D 372 -1.64 -10.92 -20.21
C VAL D 372 -1.37 -10.26 -18.87
N LEU D 373 -0.12 -9.85 -18.62
CA LEU D 373 0.23 -9.14 -17.37
C LEU D 373 -0.49 -7.80 -17.32
N ASP D 374 -0.62 -7.12 -18.46
CA ASP D 374 -1.36 -5.83 -18.53
C ASP D 374 -2.80 -6.08 -18.12
N GLY D 375 -3.33 -7.25 -18.47
CA GLY D 375 -4.70 -7.61 -18.08
C GLY D 375 -5.55 -8.02 -19.27
N ALA D 376 -4.97 -8.16 -20.45
CA ALA D 376 -5.80 -8.46 -21.63
C ALA D 376 -6.49 -9.81 -21.46
N ASP D 377 -7.80 -9.85 -21.70
CA ASP D 377 -8.60 -11.07 -21.53
C ASP D 377 -8.24 -12.12 -22.58
N CYS D 378 -8.09 -11.67 -23.83
CA CYS D 378 -7.85 -12.61 -24.95
C CYS D 378 -6.70 -12.09 -25.80
N ILE D 379 -6.08 -12.98 -26.59
CA ILE D 379 -4.94 -12.60 -27.48
C ILE D 379 -5.28 -13.08 -28.90
N MET D 380 -4.72 -12.45 -29.92
CA MET D 380 -5.11 -12.77 -31.32
C MET D 380 -3.89 -13.02 -32.21
N LEU D 381 -4.08 -13.74 -33.33
CA LEU D 381 -3.01 -14.02 -34.32
C LEU D 381 -3.61 -13.72 -35.69
N SER D 382 -3.76 -12.46 -36.06
CA SER D 382 -4.41 -12.23 -37.37
C SER D 382 -3.59 -12.80 -38.53
N GLY D 383 -2.33 -12.43 -38.65
CA GLY D 383 -1.49 -12.84 -39.79
C GLY D 383 -1.06 -14.28 -39.74
N GLU D 384 -0.75 -14.75 -38.55
CA GLU D 384 -0.17 -16.09 -38.44
C GLU D 384 -1.18 -17.14 -38.89
N THR D 385 -2.45 -16.78 -38.92
CA THR D 385 -3.47 -17.81 -39.23
C THR D 385 -4.20 -17.48 -40.54
N ALA D 386 -4.29 -16.19 -40.90
CA ALA D 386 -4.94 -15.79 -42.17
C ALA D 386 -4.15 -16.23 -43.40
N LYS D 387 -2.83 -16.04 -43.42
CA LYS D 387 -1.95 -16.45 -44.56
C LYS D 387 -0.65 -16.92 -43.94
N GLY D 388 -0.72 -17.84 -42.97
CA GLY D 388 0.49 -18.21 -42.22
C GLY D 388 0.99 -19.61 -42.41
N ASP D 389 2.30 -19.78 -42.37
CA ASP D 389 2.91 -21.09 -42.64
C ASP D 389 3.08 -21.94 -41.37
N TYR D 390 3.01 -21.36 -40.17
CA TYR D 390 3.25 -22.19 -38.97
C TYR D 390 2.20 -21.92 -37.89
N PRO D 391 0.89 -22.12 -38.13
CA PRO D 391 -0.18 -21.91 -37.14
C PRO D 391 -0.33 -22.83 -35.91
N LEU D 392 -0.09 -24.13 -36.04
CA LEU D 392 -0.32 -25.09 -34.91
C LEU D 392 0.58 -24.78 -33.72
N GLU D 393 1.86 -24.53 -33.97
CA GLU D 393 2.84 -24.19 -32.90
C GLU D 393 2.50 -22.83 -32.32
N ALA D 394 2.08 -21.88 -33.16
CA ALA D 394 1.84 -20.50 -32.69
C ALA D 394 0.77 -20.51 -31.60
N VAL D 395 -0.26 -21.32 -31.78
CA VAL D 395 -1.30 -21.45 -30.74
C VAL D 395 -0.62 -21.89 -29.45
N ARG D 396 0.18 -22.96 -29.50
CA ARG D 396 0.79 -23.54 -28.27
C ARG D 396 1.70 -22.50 -27.63
N MET D 397 2.50 -21.81 -28.45
CA MET D 397 3.40 -20.73 -27.95
C MET D 397 2.53 -19.74 -27.16
N GLN D 398 1.50 -19.16 -27.78
CA GLN D 398 0.51 -18.28 -27.09
C GLN D 398 -0.03 -19.05 -25.88
N HIS D 399 -0.51 -20.28 -26.08
CA HIS D 399 -1.05 -21.11 -24.98
C HIS D 399 -0.04 -21.23 -23.83
N LEU D 400 1.26 -21.23 -24.14
CA LEU D 400 2.36 -21.58 -23.19
C LEU D 400 2.89 -20.31 -22.51
N ILE D 401 3.11 -19.26 -23.31
CA ILE D 401 3.55 -17.94 -22.77
C ILE D 401 2.46 -17.44 -21.84
N ALA D 402 1.21 -17.46 -22.31
CA ALA D 402 0.08 -16.94 -21.52
C ALA D 402 -0.08 -17.73 -20.24
N ARG D 403 0.05 -19.05 -20.30
CA ARG D 403 -0.12 -19.89 -19.10
C ARG D 403 0.98 -19.55 -18.10
N GLU D 404 2.19 -19.28 -18.59
CA GLU D 404 3.32 -18.86 -17.71
C GLU D 404 3.09 -17.48 -17.07
N ALA D 405 2.60 -16.51 -17.83
CA ALA D 405 2.33 -15.13 -17.36
C ALA D 405 1.17 -15.04 -16.38
N GLU D 406 0.20 -15.93 -16.50
CA GLU D 406 -1.00 -15.86 -15.63
C GLU D 406 -0.58 -16.07 -14.17
N ALA D 407 0.37 -16.97 -13.92
CA ALA D 407 0.92 -17.18 -12.57
C ALA D 407 1.86 -16.03 -12.18
N ALA D 408 2.50 -15.40 -13.16
CA ALA D 408 3.41 -14.26 -12.92
C ALA D 408 2.64 -13.00 -12.53
N ILE D 409 1.32 -12.97 -12.75
CA ILE D 409 0.48 -11.79 -12.41
C ILE D 409 0.54 -11.54 -10.90
N TYR D 410 0.69 -10.28 -10.48
CA TYR D 410 0.72 -9.91 -9.05
C TYR D 410 -0.73 -9.78 -8.59
N HIS D 411 -1.35 -10.90 -8.28
CA HIS D 411 -2.78 -10.95 -7.95
C HIS D 411 -3.08 -10.13 -6.70
N LEU D 412 -2.16 -10.09 -5.74
CA LEU D 412 -2.50 -9.40 -4.47
C LEU D 412 -2.81 -7.94 -4.71
N GLN D 413 -1.93 -7.24 -5.43
CA GLN D 413 -2.14 -5.81 -5.73
C GLN D 413 -3.35 -5.67 -6.63
N LEU D 414 -3.46 -6.55 -7.62
CA LEU D 414 -4.57 -6.45 -8.59
C LEU D 414 -5.90 -6.60 -7.86
N PHE D 415 -6.04 -7.64 -7.04
CA PHE D 415 -7.37 -7.88 -6.44
C PHE D 415 -7.69 -6.75 -5.47
N GLU D 416 -6.73 -6.31 -4.68
CA GLU D 416 -7.07 -5.27 -3.68
C GLU D 416 -7.43 -3.98 -4.39
N GLU D 417 -6.64 -3.60 -5.38
CA GLU D 417 -6.92 -2.35 -6.13
C GLU D 417 -8.25 -2.51 -6.83
N LEU D 418 -8.48 -3.68 -7.44
CA LEU D 418 -9.73 -3.96 -8.18
C LEU D 418 -10.94 -3.88 -7.24
N ARG D 419 -10.84 -4.50 -6.06
CA ARG D 419 -11.92 -4.48 -5.06
C ARG D 419 -12.13 -3.06 -4.56
N ARG D 420 -11.06 -2.34 -4.23
CA ARG D 420 -11.23 -1.00 -3.64
C ARG D 420 -11.91 -0.12 -4.68
N LEU D 421 -11.45 -0.20 -5.93
CA LEU D 421 -12.05 0.58 -7.04
C LEU D 421 -13.46 0.07 -7.34
N ALA D 422 -13.70 -1.23 -7.18
CA ALA D 422 -15.05 -1.79 -7.41
C ALA D 422 -16.07 -1.06 -6.54
N PRO D 423 -17.18 -0.49 -7.05
CA PRO D 423 -18.11 0.22 -6.17
C PRO D 423 -18.90 -0.63 -5.16
N ILE D 424 -19.51 0.02 -4.16
CA ILE D 424 -20.36 -0.70 -3.16
C ILE D 424 -21.66 -1.11 -3.84
N THR D 425 -22.10 -2.36 -3.65
CA THR D 425 -23.29 -2.83 -4.40
C THR D 425 -24.33 -3.51 -3.51
N SER D 426 -25.58 -3.48 -3.94
CA SER D 426 -26.66 -4.21 -3.24
C SER D 426 -26.95 -5.48 -4.03
N ASP D 427 -26.17 -5.74 -5.07
CA ASP D 427 -26.40 -6.93 -5.93
C ASP D 427 -25.84 -8.14 -5.19
N PRO D 428 -26.70 -9.12 -4.87
CA PRO D 428 -26.26 -10.27 -4.11
C PRO D 428 -25.17 -11.06 -4.82
N THR D 429 -25.26 -11.21 -6.13
CA THR D 429 -24.27 -11.96 -6.94
C THR D 429 -22.89 -11.32 -6.84
N GLU D 430 -22.80 -9.99 -6.85
CA GLU D 430 -21.50 -9.26 -6.86
C GLU D 430 -20.69 -9.57 -5.62
N ALA D 431 -21.34 -9.66 -4.47
CA ALA D 431 -20.72 -10.06 -3.19
C ALA D 431 -20.31 -11.53 -3.20
N THR D 432 -21.16 -12.40 -3.75
CA THR D 432 -20.88 -13.86 -3.82
C THR D 432 -19.65 -14.07 -4.70
N ALA D 433 -19.53 -13.28 -5.76
CA ALA D 433 -18.39 -13.39 -6.70
C ALA D 433 -17.11 -12.95 -6.03
N VAL D 434 -17.06 -11.73 -5.51
CA VAL D 434 -15.84 -11.17 -4.87
C VAL D 434 -15.36 -12.14 -3.78
N GLY D 435 -16.28 -12.73 -3.05
CA GLY D 435 -15.93 -13.68 -1.98
C GLY D 435 -15.31 -14.94 -2.47
N ALA D 436 -15.82 -15.50 -3.57
CA ALA D 436 -15.31 -16.77 -4.14
C ALA D 436 -13.88 -16.53 -4.58
N VAL D 437 -13.61 -15.36 -5.13
CA VAL D 437 -12.23 -14.96 -5.52
C VAL D 437 -11.38 -14.82 -4.25
N GLU D 438 -11.93 -14.21 -3.20
CA GLU D 438 -11.23 -14.12 -1.88
C GLU D 438 -11.03 -15.51 -1.30
N ALA D 439 -12.05 -16.35 -1.37
CA ALA D 439 -11.96 -17.73 -0.87
C ALA D 439 -10.92 -18.50 -1.66
N SER D 440 -10.89 -18.33 -2.99
CA SER D 440 -9.95 -19.07 -3.86
C SER D 440 -8.51 -18.73 -3.53
N PHE D 441 -8.24 -17.48 -3.21
CA PHE D 441 -6.89 -17.05 -2.82
C PHE D 441 -6.51 -17.68 -1.47
N LYS D 442 -7.49 -17.76 -0.55
CA LYS D 442 -7.27 -18.34 0.80
C LYS D 442 -6.92 -19.83 0.72
N CYS D 443 -7.53 -20.55 -0.22
CA CYS D 443 -7.31 -22.00 -0.36
C CYS D 443 -6.47 -22.36 -1.59
N CYS D 444 -5.89 -21.38 -2.29
CA CYS D 444 -5.22 -21.68 -3.59
C CYS D 444 -6.08 -22.70 -4.33
N SER D 445 -7.27 -22.28 -4.75
CA SER D 445 -8.26 -23.20 -5.36
C SER D 445 -7.82 -23.82 -6.67
N GLY D 446 -8.24 -25.06 -6.91
CA GLY D 446 -8.00 -25.70 -8.21
C GLY D 446 -8.86 -25.02 -9.24
N ALA D 447 -10.09 -24.70 -8.88
CA ALA D 447 -11.00 -23.94 -9.79
C ALA D 447 -12.19 -23.37 -9.03
N ILE D 448 -12.95 -22.49 -9.67
CA ILE D 448 -14.22 -21.98 -9.09
C ILE D 448 -15.29 -22.50 -10.04
N ILE D 449 -16.23 -23.30 -9.54
CA ILE D 449 -17.30 -23.88 -10.40
C ILE D 449 -18.51 -22.95 -10.34
N VAL D 450 -18.92 -22.43 -11.50
CA VAL D 450 -20.01 -21.44 -11.54
C VAL D 450 -21.17 -21.94 -12.40
N LEU D 451 -22.38 -21.88 -11.87
CA LEU D 451 -23.56 -22.21 -12.68
C LEU D 451 -24.12 -20.88 -13.19
N THR D 452 -24.21 -20.74 -14.50
CA THR D 452 -24.73 -19.50 -15.13
C THR D 452 -25.59 -19.88 -16.34
N LYS D 453 -26.59 -19.06 -16.65
CA LYS D 453 -27.42 -19.28 -17.87
C LYS D 453 -27.03 -18.25 -18.93
N SER D 454 -26.83 -17.01 -18.50
CA SER D 454 -26.41 -15.93 -19.44
C SER D 454 -24.93 -15.62 -19.27
N GLY D 455 -24.26 -16.29 -18.32
CA GLY D 455 -22.81 -16.13 -18.12
C GLY D 455 -22.50 -15.00 -17.18
N ARG D 456 -23.50 -14.21 -16.81
CA ARG D 456 -23.24 -12.98 -16.03
C ARG D 456 -22.58 -13.34 -14.71
N SER D 457 -23.01 -14.42 -14.09
CA SER D 457 -22.45 -14.86 -12.80
C SER D 457 -20.95 -15.14 -12.95
N ALA D 458 -20.57 -15.89 -13.98
CA ALA D 458 -19.16 -16.23 -14.25
C ALA D 458 -18.36 -14.99 -14.61
N HIS D 459 -18.95 -14.11 -15.40
CA HIS D 459 -18.24 -12.90 -15.87
C HIS D 459 -17.85 -12.06 -14.65
N GLN D 460 -18.71 -12.02 -13.63
CA GLN D 460 -18.46 -11.21 -12.42
C GLN D 460 -17.25 -11.74 -11.67
N VAL D 461 -17.11 -13.05 -11.57
CA VAL D 461 -15.93 -13.64 -10.91
C VAL D 461 -14.71 -13.30 -11.75
N ALA D 462 -14.87 -13.33 -13.07
CA ALA D 462 -13.79 -13.02 -14.03
C ALA D 462 -13.32 -11.58 -13.88
N ARG D 463 -14.23 -10.70 -13.51
CA ARG D 463 -13.84 -9.30 -13.26
C ARG D 463 -12.82 -9.25 -12.14
N TYR D 464 -13.05 -10.03 -11.08
CA TYR D 464 -12.17 -10.00 -9.90
C TYR D 464 -10.85 -10.74 -10.18
N ARG D 465 -10.61 -11.11 -11.43
CA ARG D 465 -9.33 -11.74 -11.85
C ARG D 465 -8.82 -12.82 -10.91
N PRO D 466 -9.55 -13.95 -10.76
CA PRO D 466 -9.07 -15.06 -9.95
C PRO D 466 -7.98 -15.89 -10.65
N ARG D 467 -6.98 -16.34 -9.89
CA ARG D 467 -5.91 -17.20 -10.45
C ARG D 467 -6.55 -18.52 -10.86
N ALA D 468 -7.48 -19.00 -10.03
CA ALA D 468 -8.12 -20.30 -10.28
C ALA D 468 -8.92 -20.28 -11.58
N PRO D 469 -8.91 -21.36 -12.37
CA PRO D 469 -9.72 -21.43 -13.56
C PRO D 469 -11.19 -21.29 -13.16
N ILE D 470 -11.96 -20.53 -13.93
CA ILE D 470 -13.42 -20.43 -13.64
C ILE D 470 -14.19 -21.39 -14.55
N ILE D 471 -14.46 -22.59 -14.05
CA ILE D 471 -15.26 -23.58 -14.84
C ILE D 471 -16.72 -23.10 -14.81
N ALA D 472 -17.22 -22.68 -15.95
CA ALA D 472 -18.59 -22.13 -16.03
C ALA D 472 -19.53 -23.13 -16.70
N VAL D 473 -20.58 -23.56 -16.00
CA VAL D 473 -21.48 -24.64 -16.50
C VAL D 473 -22.82 -24.09 -16.97
N THR D 474 -23.17 -24.35 -18.24
CA THR D 474 -24.41 -23.82 -18.84
C THR D 474 -25.02 -24.86 -19.78
N ARG D 475 -26.29 -24.68 -20.13
CA ARG D 475 -26.95 -25.56 -21.12
C ARG D 475 -27.19 -24.71 -22.36
N ASN D 476 -26.80 -23.43 -22.33
CA ASN D 476 -26.90 -22.55 -23.53
C ASN D 476 -25.55 -22.55 -24.23
N PRO D 477 -25.44 -23.15 -25.44
CA PRO D 477 -24.19 -23.21 -26.18
C PRO D 477 -23.61 -21.86 -26.63
N GLN D 478 -24.46 -20.89 -26.97
CA GLN D 478 -23.98 -19.53 -27.30
C GLN D 478 -23.29 -18.94 -26.08
N THR D 479 -23.85 -19.19 -24.90
CA THR D 479 -23.29 -18.65 -23.65
C THR D 479 -21.87 -19.18 -23.49
N ALA D 480 -21.67 -20.48 -23.70
CA ALA D 480 -20.34 -21.10 -23.53
C ALA D 480 -19.35 -20.60 -24.57
N ARG D 481 -19.80 -20.40 -25.81
CA ARG D 481 -18.94 -19.84 -26.88
C ARG D 481 -18.56 -18.38 -26.58
N GLN D 482 -19.50 -17.58 -26.09
CA GLN D 482 -19.26 -16.15 -25.77
C GLN D 482 -18.39 -15.97 -24.52
N ALA D 483 -18.35 -16.97 -23.65
CA ALA D 483 -17.61 -16.90 -22.37
C ALA D 483 -16.09 -16.83 -22.57
N HIS D 484 -15.59 -17.23 -23.73
CA HIS D 484 -14.14 -17.19 -24.06
C HIS D 484 -13.63 -15.75 -24.04
N LEU D 485 -14.50 -14.77 -24.23
CA LEU D 485 -14.15 -13.33 -24.21
C LEU D 485 -13.62 -12.95 -22.84
N TYR D 486 -14.09 -13.62 -21.80
CA TYR D 486 -13.75 -13.23 -20.43
C TYR D 486 -12.59 -14.07 -19.91
N ARG D 487 -11.53 -13.42 -19.47
CA ARG D 487 -10.32 -14.12 -18.99
C ARG D 487 -10.52 -15.10 -17.84
N GLY D 488 -10.15 -16.36 -17.99
CA GLY D 488 -10.22 -17.30 -16.86
C GLY D 488 -11.38 -18.25 -16.94
N ILE D 489 -12.47 -17.80 -17.52
CA ILE D 489 -13.66 -18.69 -17.54
C ILE D 489 -13.33 -19.87 -18.44
N PHE D 490 -13.55 -21.09 -17.93
CA PHE D 490 -13.38 -22.29 -18.77
C PHE D 490 -14.80 -22.74 -19.07
N PRO D 491 -15.30 -22.43 -20.28
CA PRO D 491 -16.67 -22.76 -20.60
C PRO D 491 -16.89 -24.27 -20.76
N VAL D 492 -17.92 -24.78 -20.10
CA VAL D 492 -18.24 -26.22 -20.21
C VAL D 492 -19.73 -26.34 -20.58
N LEU D 493 -20.04 -27.18 -21.57
CA LEU D 493 -21.45 -27.38 -21.95
C LEU D 493 -21.93 -28.74 -21.47
N CYS D 494 -22.80 -28.76 -20.48
CA CYS D 494 -23.43 -30.02 -20.01
C CYS D 494 -24.60 -30.25 -20.94
N LYS D 495 -24.61 -31.40 -21.61
CA LYS D 495 -25.71 -31.75 -22.55
C LYS D 495 -26.61 -32.74 -21.83
N ASP D 496 -26.35 -32.97 -20.55
CA ASP D 496 -27.14 -33.95 -19.75
C ASP D 496 -28.59 -33.48 -19.67
N PRO D 497 -29.56 -34.42 -19.67
CA PRO D 497 -30.97 -34.06 -19.70
C PRO D 497 -31.45 -33.41 -18.40
N VAL D 498 -32.45 -32.54 -18.48
CA VAL D 498 -32.85 -31.81 -17.25
C VAL D 498 -33.48 -32.79 -16.27
N GLN D 499 -32.87 -32.92 -15.09
CA GLN D 499 -33.41 -33.79 -14.04
C GLN D 499 -34.69 -33.15 -13.52
N GLU D 500 -35.66 -33.96 -13.14
CA GLU D 500 -36.96 -33.43 -12.68
C GLU D 500 -36.72 -32.68 -11.39
N ALA D 501 -35.79 -33.17 -10.60
CA ALA D 501 -35.47 -32.52 -9.30
C ALA D 501 -34.41 -31.43 -9.50
N TRP D 502 -34.74 -30.18 -9.20
CA TRP D 502 -33.77 -29.08 -9.48
C TRP D 502 -32.51 -29.34 -8.68
N ALA D 503 -32.68 -29.75 -7.43
CA ALA D 503 -31.51 -29.97 -6.56
C ALA D 503 -30.62 -31.04 -7.16
N GLU D 504 -31.21 -32.13 -7.63
CA GLU D 504 -30.43 -33.22 -8.29
C GLU D 504 -29.83 -32.71 -9.61
N ASP D 505 -30.60 -31.92 -10.35
CA ASP D 505 -30.12 -31.36 -11.65
C ASP D 505 -28.92 -30.46 -11.38
N VAL D 506 -29.01 -29.65 -10.33
CA VAL D 506 -27.92 -28.70 -10.04
C VAL D 506 -26.68 -29.51 -9.67
N ASP D 507 -26.83 -30.51 -8.82
CA ASP D 507 -25.66 -31.29 -8.35
C ASP D 507 -25.02 -31.95 -9.57
N LEU D 508 -25.83 -32.37 -10.53
CA LEU D 508 -25.33 -33.05 -11.75
C LEU D 508 -24.40 -32.12 -12.53
N ARG D 509 -24.74 -30.84 -12.66
CA ARG D 509 -23.86 -29.87 -13.36
C ARG D 509 -22.58 -29.63 -12.55
N VAL D 510 -22.71 -29.49 -11.23
CA VAL D 510 -21.53 -29.31 -10.34
C VAL D 510 -20.65 -30.55 -10.44
N ASN D 511 -21.25 -31.75 -10.45
CA ASN D 511 -20.49 -33.01 -10.62
C ASN D 511 -19.90 -33.09 -12.03
N PHE D 512 -20.63 -32.65 -13.05
CA PHE D 512 -20.13 -32.72 -14.45
C PHE D 512 -18.88 -31.86 -14.54
N ALA D 513 -18.95 -30.66 -13.98
CA ALA D 513 -17.82 -29.72 -13.99
C ALA D 513 -16.68 -30.25 -13.14
N MET D 514 -17.00 -30.80 -11.97
CA MET D 514 -15.96 -31.44 -11.14
C MET D 514 -15.31 -32.49 -12.01
N ASN D 515 -16.13 -33.23 -12.73
CA ASN D 515 -15.61 -34.33 -13.59
C ASN D 515 -14.72 -33.74 -14.68
N VAL D 516 -15.13 -32.63 -15.27
CA VAL D 516 -14.35 -32.03 -16.39
C VAL D 516 -12.99 -31.59 -15.87
N GLY D 517 -12.95 -30.96 -14.70
CA GLY D 517 -11.68 -30.46 -14.20
C GLY D 517 -10.71 -31.58 -13.90
N LYS D 518 -11.22 -32.66 -13.31
CA LYS D 518 -10.34 -33.80 -12.94
C LYS D 518 -9.76 -34.38 -14.22
N ALA D 519 -10.59 -34.55 -15.24
CA ALA D 519 -10.11 -35.08 -16.53
C ALA D 519 -9.12 -34.13 -17.18
N ARG D 520 -9.45 -32.83 -17.16
CA ARG D 520 -8.61 -31.77 -17.76
C ARG D 520 -7.33 -31.58 -16.95
N GLY D 521 -7.36 -31.86 -15.65
CA GLY D 521 -6.14 -31.78 -14.83
C GLY D 521 -6.06 -30.51 -14.01
N PHE D 522 -7.18 -29.83 -13.85
CA PHE D 522 -7.18 -28.56 -13.09
C PHE D 522 -7.09 -28.90 -11.61
N PHE D 523 -7.87 -29.87 -11.17
CA PHE D 523 -7.89 -30.26 -9.75
C PHE D 523 -7.77 -31.78 -9.57
N LYS D 524 -7.54 -32.23 -8.34
CA LYS D 524 -7.35 -33.67 -8.01
C LYS D 524 -7.95 -33.92 -6.64
N LYS D 525 -7.95 -35.16 -6.16
CA LYS D 525 -8.45 -35.47 -4.79
C LYS D 525 -7.64 -34.68 -3.76
N GLY D 526 -8.33 -34.09 -2.77
CA GLY D 526 -7.65 -33.30 -1.72
C GLY D 526 -7.44 -31.85 -2.13
N ASP D 527 -7.80 -31.51 -3.34
CA ASP D 527 -7.71 -30.09 -3.77
C ASP D 527 -8.97 -29.41 -3.24
N VAL D 528 -9.02 -28.09 -3.34
CA VAL D 528 -10.18 -27.34 -2.79
C VAL D 528 -10.76 -26.49 -3.90
N VAL D 529 -12.06 -26.53 -4.06
CA VAL D 529 -12.71 -25.78 -5.17
C VAL D 529 -13.82 -24.92 -4.60
N ILE D 530 -14.26 -23.93 -5.35
CA ILE D 530 -15.41 -23.10 -4.93
C ILE D 530 -16.58 -23.45 -5.84
N VAL D 531 -17.80 -23.53 -5.29
CA VAL D 531 -19.00 -23.90 -6.08
C VAL D 531 -20.05 -22.81 -5.96
N LEU D 532 -20.42 -22.20 -7.09
CA LEU D 532 -21.43 -21.10 -7.08
C LEU D 532 -22.75 -21.56 -7.71
N THR D 533 -23.83 -21.51 -6.96
CA THR D 533 -25.15 -22.02 -7.42
C THR D 533 -26.21 -20.96 -7.19
N GLY D 534 -27.48 -21.35 -7.29
CA GLY D 534 -28.59 -20.42 -7.01
C GLY D 534 -29.48 -20.98 -5.92
N TRP D 535 -30.49 -20.22 -5.50
CA TRP D 535 -31.47 -20.72 -4.50
C TRP D 535 -32.77 -21.06 -5.21
N ARG D 536 -32.93 -20.51 -6.40
CA ARG D 536 -34.14 -20.79 -7.21
C ARG D 536 -33.72 -20.98 -8.67
N PRO D 537 -34.55 -21.63 -9.51
CA PRO D 537 -34.22 -21.74 -10.93
C PRO D 537 -34.36 -20.42 -11.68
N GLY D 538 -33.76 -20.30 -12.85
CA GLY D 538 -33.77 -19.03 -13.58
C GLY D 538 -32.48 -18.27 -13.38
N SER D 539 -32.39 -17.03 -13.88
CA SER D 539 -31.11 -16.26 -13.81
C SER D 539 -31.26 -15.14 -12.79
N GLY D 540 -30.17 -14.77 -12.12
CA GLY D 540 -30.21 -13.62 -11.18
C GLY D 540 -30.36 -14.03 -9.73
N PHE D 541 -30.03 -15.27 -9.39
CA PHE D 541 -30.21 -15.77 -8.00
C PHE D 541 -28.94 -16.49 -7.55
N THR D 542 -27.78 -16.09 -8.07
CA THR D 542 -26.51 -16.79 -7.75
C THR D 542 -26.00 -16.26 -6.41
N ASN D 543 -26.60 -16.73 -5.32
CA ASN D 543 -26.26 -16.24 -3.97
C ASN D 543 -25.58 -17.32 -3.16
N THR D 544 -25.05 -18.36 -3.80
CA THR D 544 -24.53 -19.49 -2.99
C THR D 544 -23.08 -19.83 -3.29
N MET D 545 -22.20 -19.67 -2.30
CA MET D 545 -20.80 -20.13 -2.46
C MET D 545 -20.60 -21.28 -1.48
N ARG D 546 -20.14 -22.42 -1.97
CA ARG D 546 -19.87 -23.57 -1.10
C ARG D 546 -18.41 -23.98 -1.33
N VAL D 547 -17.68 -24.21 -0.26
CA VAL D 547 -16.24 -24.60 -0.38
C VAL D 547 -16.17 -26.13 -0.26
N VAL D 548 -15.88 -26.83 -1.35
CA VAL D 548 -15.97 -28.31 -1.32
C VAL D 548 -14.60 -28.96 -1.39
N PRO D 549 -14.19 -29.77 -0.38
CA PRO D 549 -12.93 -30.50 -0.46
C PRO D 549 -13.08 -31.56 -1.57
N VAL D 550 -12.19 -31.57 -2.55
CA VAL D 550 -12.36 -32.48 -3.71
C VAL D 550 -12.10 -33.93 -3.29
N PRO D 551 -13.01 -34.88 -3.61
CA PRO D 551 -12.85 -36.28 -3.27
C PRO D 551 -12.89 -37.27 -4.44
#